data_5U3H
#
_entry.id   5U3H
#
_entity_poly.entity_id   1
_entity_poly.type   'polypeptide(L)'
_entity_poly.pdbx_seq_one_letter_code
;GTIDYQALKRRHTPEAENPAEADLPQGDIEKQVAALWQQLLSTGNVTRETDFFQQGGDSLLATRLTGQLHQAGYEAQLSD
LFNHPRLADFAATLRKTDVPVEQPFVHSPED
;
_entity_poly.pdbx_strand_id   A
#
# COMPACT_ATOMS: atom_id res chain seq x y z
N GLY A 1 -30.03 -27.18 14.92
CA GLY A 1 -31.22 -26.53 15.53
C GLY A 1 -30.88 -25.15 16.10
N THR A 2 -31.87 -24.56 16.82
CA THR A 2 -31.76 -23.23 17.48
C THR A 2 -31.40 -22.14 16.43
N ILE A 3 -32.09 -22.22 15.25
CA ILE A 3 -31.84 -21.35 14.07
C ILE A 3 -30.34 -21.40 13.68
N ASP A 4 -30.01 -22.35 12.79
CA ASP A 4 -28.65 -22.55 12.30
C ASP A 4 -28.25 -21.37 11.41
N TYR A 5 -27.32 -20.55 11.90
CA TYR A 5 -26.83 -19.35 11.20
C TYR A 5 -25.82 -19.70 10.08
N GLN A 6 -25.46 -21.00 9.99
CA GLN A 6 -24.49 -21.54 9.00
C GLN A 6 -24.82 -21.13 7.54
N ALA A 7 -26.12 -21.14 7.18
CA ALA A 7 -26.60 -20.74 5.84
C ALA A 7 -26.74 -19.21 5.73
N LEU A 8 -26.96 -18.55 6.88
CA LEU A 8 -27.36 -17.13 6.96
C LEU A 8 -26.18 -16.14 6.74
N LYS A 9 -25.04 -16.59 6.17
CA LYS A 9 -23.88 -15.72 5.86
C LYS A 9 -24.15 -14.86 4.60
N ARG A 10 -24.95 -13.79 4.78
CA ARG A 10 -25.29 -12.81 3.74
C ARG A 10 -25.17 -11.40 4.36
N ARG A 11 -23.98 -10.81 4.25
CA ARG A 11 -23.72 -9.44 4.72
C ARG A 11 -24.20 -8.44 3.66
N HIS A 12 -23.53 -8.46 2.47
CA HIS A 12 -23.91 -7.69 1.27
C HIS A 12 -24.02 -6.16 1.56
N THR A 13 -22.87 -5.47 1.51
CA THR A 13 -22.81 -4.01 1.60
C THR A 13 -22.82 -3.40 0.18
N PRO A 14 -23.92 -2.67 -0.22
CA PRO A 14 -24.09 -2.11 -1.60
C PRO A 14 -22.91 -1.24 -2.07
N GLU A 15 -22.38 -0.44 -1.15
CA GLU A 15 -21.27 0.49 -1.41
C GLU A 15 -20.47 0.71 -0.11
N ALA A 16 -19.23 1.23 -0.21
CA ALA A 16 -18.46 1.70 0.95
C ALA A 16 -19.16 2.94 1.53
N GLU A 17 -20.12 2.66 2.40
CA GLU A 17 -20.97 3.65 3.09
C GLU A 17 -20.45 3.92 4.52
N ASN A 18 -19.49 3.10 4.96
CA ASN A 18 -18.82 3.21 6.26
C ASN A 18 -17.51 2.38 6.18
N PRO A 19 -16.31 3.00 6.42
CA PRO A 19 -14.97 2.30 6.35
C PRO A 19 -14.89 1.04 7.25
N ALA A 20 -15.30 -0.12 6.69
CA ALA A 20 -15.30 -1.43 7.35
C ALA A 20 -15.50 -2.53 6.29
N GLU A 21 -16.71 -2.58 5.70
CA GLU A 21 -17.08 -3.53 4.63
C GLU A 21 -17.22 -2.77 3.29
N ALA A 22 -17.13 -3.51 2.15
CA ALA A 22 -16.99 -2.93 0.78
C ALA A 22 -15.69 -2.12 0.68
N ASP A 23 -14.76 -2.43 1.59
CA ASP A 23 -13.44 -1.81 1.69
C ASP A 23 -12.34 -2.83 1.38
N LEU A 24 -12.72 -4.04 0.96
CA LEU A 24 -11.77 -5.13 0.68
C LEU A 24 -10.85 -4.73 -0.53
N PRO A 25 -9.48 -4.68 -0.33
CA PRO A 25 -8.52 -4.31 -1.42
C PRO A 25 -8.65 -5.19 -2.70
N GLN A 26 -8.91 -4.55 -3.85
CA GLN A 26 -9.15 -5.25 -5.14
C GLN A 26 -7.99 -4.96 -6.11
N GLY A 27 -7.16 -5.98 -6.35
CA GLY A 27 -6.03 -5.88 -7.26
C GLY A 27 -4.76 -6.44 -6.65
N ASP A 28 -3.82 -6.88 -7.52
CA ASP A 28 -2.56 -7.52 -7.11
C ASP A 28 -1.68 -6.56 -6.27
N ILE A 29 -1.69 -5.27 -6.65
CA ILE A 29 -0.91 -4.23 -5.98
C ILE A 29 -1.54 -3.88 -4.63
N GLU A 30 -2.88 -3.80 -4.59
CA GLU A 30 -3.63 -3.53 -3.34
C GLU A 30 -3.41 -4.67 -2.33
N LYS A 31 -3.29 -5.91 -2.82
CA LYS A 31 -3.05 -7.11 -2.00
C LYS A 31 -1.58 -7.21 -1.57
N GLN A 32 -0.65 -6.72 -2.42
CA GLN A 32 0.78 -6.69 -2.12
C GLN A 32 1.04 -5.72 -0.96
N VAL A 33 0.49 -4.50 -1.10
CA VAL A 33 0.58 -3.43 -0.10
C VAL A 33 -0.16 -3.85 1.19
N ALA A 34 -1.35 -4.47 1.04
CA ALA A 34 -2.18 -4.91 2.18
C ALA A 34 -1.42 -5.93 3.04
N ALA A 35 -0.88 -6.97 2.38
CA ALA A 35 -0.19 -8.09 3.05
C ALA A 35 0.99 -7.59 3.89
N LEU A 36 1.80 -6.71 3.31
CA LEU A 36 3.02 -6.17 3.94
C LEU A 36 2.67 -5.21 5.10
N TRP A 37 1.60 -4.41 4.93
CA TRP A 37 1.08 -3.53 6.00
C TRP A 37 0.57 -4.39 7.19
N GLN A 38 -0.05 -5.53 6.89
CA GLN A 38 -0.62 -6.44 7.93
C GLN A 38 0.49 -7.11 8.78
N GLN A 39 1.74 -7.12 8.27
CA GLN A 39 2.91 -7.67 8.99
C GLN A 39 3.50 -6.61 9.94
N LEU A 40 3.93 -5.46 9.36
CA LEU A 40 4.63 -4.38 10.08
C LEU A 40 3.68 -3.65 11.06
N LEU A 41 2.43 -3.38 10.64
CA LEU A 41 1.40 -2.77 11.53
C LEU A 41 0.84 -3.83 12.49
N SER A 42 0.97 -5.13 12.12
CA SER A 42 0.52 -6.29 12.91
C SER A 42 -1.02 -6.27 13.12
N THR A 43 -1.74 -6.17 11.99
CA THR A 43 -3.22 -6.00 11.96
C THR A 43 -3.92 -7.30 11.52
N GLY A 44 -5.26 -7.35 11.69
CA GLY A 44 -6.08 -8.45 11.19
C GLY A 44 -6.17 -8.41 9.66
N ASN A 45 -6.67 -7.28 9.13
CA ASN A 45 -6.73 -7.03 7.68
C ASN A 45 -6.90 -5.52 7.44
N VAL A 46 -5.81 -4.87 6.97
CA VAL A 46 -5.89 -3.49 6.47
C VAL A 46 -6.67 -3.45 5.13
N THR A 47 -7.60 -2.52 5.02
CA THR A 47 -8.49 -2.37 3.86
C THR A 47 -8.03 -1.19 2.96
N ARG A 48 -8.66 -1.04 1.78
CA ARG A 48 -8.30 0.01 0.78
C ARG A 48 -8.30 1.43 1.38
N GLU A 49 -9.28 1.73 2.27
CA GLU A 49 -9.43 3.07 2.85
C GLU A 49 -8.87 3.13 4.27
N THR A 50 -7.97 2.20 4.59
CA THR A 50 -7.17 2.25 5.82
C THR A 50 -5.98 3.19 5.60
N ASP A 51 -5.81 4.14 6.54
CA ASP A 51 -4.67 5.06 6.55
C ASP A 51 -3.57 4.48 7.45
N PHE A 52 -2.35 4.41 6.88
CA PHE A 52 -1.17 3.75 7.45
C PHE A 52 -0.91 4.14 8.92
N PHE A 53 -0.79 5.46 9.16
CA PHE A 53 -0.33 6.01 10.44
C PHE A 53 -1.41 5.88 11.54
N GLN A 54 -2.69 5.96 11.13
CA GLN A 54 -3.84 5.79 12.05
C GLN A 54 -3.96 4.32 12.51
N GLN A 55 -3.47 3.41 11.66
CA GLN A 55 -3.58 1.94 11.86
C GLN A 55 -2.38 1.39 12.69
N GLY A 56 -1.77 2.27 13.50
CA GLY A 56 -0.61 1.93 14.31
C GLY A 56 0.70 2.11 13.55
N GLY A 57 0.64 2.91 12.48
CA GLY A 57 1.81 3.25 11.70
C GLY A 57 2.55 4.43 12.26
N ASP A 58 3.86 4.46 12.04
CA ASP A 58 4.74 5.56 12.44
C ASP A 58 5.68 5.86 11.28
N SER A 59 6.41 6.97 11.35
CA SER A 59 7.47 7.32 10.38
C SER A 59 8.63 6.30 10.45
N LEU A 60 8.93 5.83 11.67
CA LEU A 60 9.96 4.81 11.96
C LEU A 60 9.50 3.46 11.37
N LEU A 61 8.24 3.10 11.66
CA LEU A 61 7.61 1.87 11.15
C LEU A 61 7.54 1.91 9.61
N ALA A 62 7.32 3.12 9.07
CA ALA A 62 7.25 3.37 7.63
C ALA A 62 8.61 3.12 6.94
N THR A 63 9.70 3.50 7.64
CA THR A 63 11.09 3.29 7.17
C THR A 63 11.38 1.79 6.95
N ARG A 64 10.87 0.96 7.87
CA ARG A 64 10.99 -0.52 7.77
C ARG A 64 10.07 -1.08 6.65
N LEU A 65 8.81 -0.59 6.62
CA LEU A 65 7.73 -1.08 5.75
C LEU A 65 8.05 -0.85 4.25
N THR A 66 8.62 0.33 3.95
CA THR A 66 9.07 0.68 2.59
C THR A 66 10.08 -0.35 2.04
N GLY A 67 10.87 -0.90 2.96
CA GLY A 67 11.86 -1.96 2.67
C GLY A 67 11.26 -3.18 1.96
N GLN A 68 10.16 -3.74 2.52
CA GLN A 68 9.46 -4.92 1.92
C GLN A 68 8.96 -4.61 0.50
N LEU A 69 8.51 -3.36 0.31
CA LEU A 69 8.00 -2.88 -0.98
C LEU A 69 9.16 -2.75 -2.00
N HIS A 70 10.36 -2.36 -1.53
CA HIS A 70 11.59 -2.29 -2.37
C HIS A 70 11.91 -3.68 -2.95
N GLN A 71 11.82 -4.66 -2.06
CA GLN A 71 12.09 -6.06 -2.36
C GLN A 71 11.00 -6.63 -3.30
N ALA A 72 9.77 -6.08 -3.19
CA ALA A 72 8.63 -6.40 -4.08
C ALA A 72 8.83 -5.81 -5.50
N GLY A 73 9.78 -4.87 -5.63
CA GLY A 73 10.08 -4.21 -6.90
C GLY A 73 9.26 -2.95 -7.11
N TYR A 74 8.85 -2.32 -5.99
CA TYR A 74 8.13 -1.04 -5.97
C TYR A 74 8.89 -0.02 -5.13
N GLU A 75 9.12 1.17 -5.69
CA GLU A 75 9.78 2.27 -4.98
C GLU A 75 8.81 2.89 -3.98
N ALA A 76 9.13 2.72 -2.70
CA ALA A 76 8.36 3.22 -1.57
C ALA A 76 9.22 4.15 -0.74
N GLN A 77 8.72 5.37 -0.51
CA GLN A 77 9.42 6.41 0.28
C GLN A 77 8.52 6.87 1.43
N LEU A 78 9.15 7.50 2.43
CA LEU A 78 8.44 8.12 3.56
C LEU A 78 7.47 9.19 3.01
N SER A 79 7.98 10.00 2.06
CA SER A 79 7.23 11.07 1.38
C SER A 79 5.94 10.55 0.71
N ASP A 80 6.02 9.34 0.12
CA ASP A 80 4.85 8.71 -0.55
C ASP A 80 3.80 8.24 0.47
N LEU A 81 4.22 7.84 1.67
CA LEU A 81 3.30 7.40 2.76
C LEU A 81 2.63 8.61 3.45
N PHE A 82 3.36 9.73 3.59
CA PHE A 82 2.80 10.99 4.13
C PHE A 82 1.89 11.68 3.09
N ASN A 83 2.21 11.52 1.80
CA ASN A 83 1.43 12.09 0.67
C ASN A 83 0.21 11.20 0.36
N HIS A 84 0.37 9.89 0.54
CA HIS A 84 -0.68 8.88 0.28
C HIS A 84 -0.83 7.99 1.52
N PRO A 85 -1.68 8.40 2.52
CA PRO A 85 -1.91 7.60 3.74
C PRO A 85 -2.79 6.36 3.46
N ARG A 86 -3.81 6.55 2.60
CA ARG A 86 -4.74 5.48 2.18
C ARG A 86 -3.98 4.32 1.46
N LEU A 87 -4.45 3.07 1.66
CA LEU A 87 -3.82 1.87 1.09
C LEU A 87 -3.87 1.91 -0.44
N ALA A 88 -5.10 1.99 -1.00
CA ALA A 88 -5.34 1.97 -2.45
C ALA A 88 -4.69 3.17 -3.16
N ASP A 89 -4.64 4.31 -2.45
CA ASP A 89 -4.08 5.58 -2.96
C ASP A 89 -2.54 5.50 -3.05
N PHE A 90 -1.94 4.78 -2.08
CA PHE A 90 -0.49 4.51 -2.05
C PHE A 90 -0.12 3.43 -3.09
N ALA A 91 -1.01 2.44 -3.26
CA ALA A 91 -0.86 1.37 -4.26
C ALA A 91 -0.95 1.95 -5.68
N ALA A 92 -1.69 3.06 -5.81
CA ALA A 92 -1.83 3.81 -7.07
C ALA A 92 -0.52 4.55 -7.45
N THR A 93 0.24 5.03 -6.46
CA THR A 93 1.45 5.86 -6.70
C THR A 93 2.72 5.00 -6.88
N LEU A 94 2.65 3.68 -6.61
CA LEU A 94 3.81 2.78 -6.73
C LEU A 94 4.23 2.60 -8.19
N ARG A 95 5.53 2.79 -8.46
CA ARG A 95 6.17 2.54 -9.76
C ARG A 95 7.00 1.24 -9.66
N LYS A 96 7.03 0.46 -10.77
CA LYS A 96 7.91 -0.71 -10.88
C LYS A 96 9.38 -0.27 -10.91
N THR A 97 10.08 -0.51 -9.80
CA THR A 97 11.52 -0.30 -9.68
C THR A 97 12.29 -1.43 -10.39
N ASP A 98 13.36 -1.06 -11.09
CA ASP A 98 14.35 -2.00 -11.59
C ASP A 98 15.13 -2.57 -10.38
N VAL A 99 14.88 -3.85 -10.07
CA VAL A 99 15.59 -4.57 -8.98
C VAL A 99 17.10 -4.67 -9.30
N PRO A 100 18.00 -4.93 -8.29
CA PRO A 100 19.48 -5.08 -8.53
C PRO A 100 19.85 -6.08 -9.66
N VAL A 101 18.96 -7.06 -9.90
CA VAL A 101 19.11 -8.12 -10.93
C VAL A 101 20.40 -8.94 -10.66
N GLU A 102 20.31 -9.86 -9.69
CA GLU A 102 21.42 -10.74 -9.28
C GLU A 102 21.74 -11.77 -10.39
N GLN A 103 20.68 -12.24 -11.05
CA GLN A 103 20.77 -13.09 -12.24
C GLN A 103 20.41 -12.25 -13.48
N PRO A 104 21.42 -11.77 -14.27
CA PRO A 104 21.18 -11.07 -15.56
C PRO A 104 20.45 -12.00 -16.56
N PHE A 105 19.12 -11.92 -16.58
CA PHE A 105 18.25 -12.71 -17.47
C PHE A 105 18.57 -12.39 -18.95
N VAL A 106 18.78 -11.08 -19.22
CA VAL A 106 19.24 -10.57 -20.51
C VAL A 106 19.96 -9.21 -20.29
N HIS A 107 21.26 -9.29 -19.96
CA HIS A 107 22.14 -8.11 -19.78
C HIS A 107 23.61 -8.54 -19.94
N SER A 108 24.16 -8.32 -21.15
CA SER A 108 25.58 -8.59 -21.45
C SER A 108 26.42 -7.31 -21.17
N PRO A 109 27.38 -7.34 -20.19
CA PRO A 109 28.32 -6.24 -19.94
C PRO A 109 29.59 -6.32 -20.82
N GLU A 110 30.44 -5.27 -20.78
CA GLU A 110 31.66 -5.17 -21.63
C GLU A 110 32.85 -5.89 -20.98
N ASP A 111 33.52 -6.78 -21.73
CA ASP A 111 34.69 -7.53 -21.25
C ASP A 111 36.00 -6.71 -21.48
N GLY A 1 -18.85 -21.98 12.21
CA GLY A 1 -18.18 -20.89 11.45
C GLY A 1 -18.47 -20.99 9.95
N THR A 2 -19.75 -20.75 9.59
CA THR A 2 -20.22 -20.82 8.19
C THR A 2 -19.85 -19.53 7.44
N ILE A 3 -19.03 -19.66 6.36
CA ILE A 3 -18.70 -18.53 5.50
C ILE A 3 -19.91 -18.21 4.58
N ASP A 4 -20.63 -17.14 4.93
CA ASP A 4 -21.75 -16.63 4.14
C ASP A 4 -21.20 -15.92 2.90
N TYR A 5 -21.80 -16.20 1.74
CA TYR A 5 -21.52 -15.45 0.51
C TYR A 5 -22.35 -14.14 0.50
N GLN A 6 -23.30 -14.02 1.45
CA GLN A 6 -24.35 -12.97 1.47
C GLN A 6 -23.79 -11.55 1.39
N ALA A 7 -22.88 -11.23 2.32
CA ALA A 7 -22.32 -9.86 2.43
C ALA A 7 -21.40 -9.52 1.25
N LEU A 8 -20.71 -10.54 0.69
CA LEU A 8 -19.78 -10.32 -0.44
C LEU A 8 -20.43 -10.58 -1.81
N LYS A 9 -21.72 -11.00 -1.80
CA LYS A 9 -22.45 -11.45 -3.02
C LYS A 9 -22.71 -10.27 -3.97
N ARG A 10 -21.71 -10.03 -4.84
CA ARG A 10 -21.72 -8.94 -5.84
C ARG A 10 -22.03 -7.59 -5.13
N ARG A 11 -21.32 -7.38 -4.01
CA ARG A 11 -21.60 -6.30 -3.04
C ARG A 11 -21.51 -4.91 -3.67
N HIS A 12 -22.67 -4.34 -4.03
CA HIS A 12 -22.77 -3.03 -4.67
C HIS A 12 -22.81 -1.91 -3.63
N THR A 13 -21.61 -1.53 -3.14
CA THR A 13 -21.40 -0.34 -2.31
C THR A 13 -19.93 0.11 -2.42
N PRO A 14 -19.60 0.95 -3.47
CA PRO A 14 -18.28 1.58 -3.60
C PRO A 14 -18.19 2.87 -2.75
N GLU A 15 -17.12 3.67 -2.96
CA GLU A 15 -16.89 4.92 -2.22
C GLU A 15 -18.00 5.95 -2.48
N ALA A 16 -18.59 6.44 -1.39
CA ALA A 16 -19.48 7.61 -1.37
C ALA A 16 -19.60 8.07 0.08
N GLU A 17 -20.15 7.17 0.91
CA GLU A 17 -20.31 7.38 2.35
C GLU A 17 -19.72 6.16 3.09
N ASN A 18 -19.28 6.40 4.34
CA ASN A 18 -18.69 5.37 5.23
C ASN A 18 -17.50 4.62 4.57
N PRO A 19 -16.41 5.33 4.16
CA PRO A 19 -15.25 4.70 3.51
C PRO A 19 -14.29 4.09 4.57
N ALA A 20 -14.39 2.76 4.72
CA ALA A 20 -13.64 1.99 5.72
C ALA A 20 -13.82 0.48 5.43
N GLU A 21 -15.08 0.09 5.24
CA GLU A 21 -15.50 -1.30 5.00
C GLU A 21 -16.16 -1.36 3.61
N ALA A 22 -16.04 -2.53 2.94
CA ALA A 22 -16.40 -2.76 1.50
C ALA A 22 -15.32 -2.21 0.57
N ASP A 23 -14.19 -1.79 1.16
CA ASP A 23 -13.08 -1.13 0.46
C ASP A 23 -11.90 -2.09 0.29
N LEU A 24 -12.17 -3.41 0.40
CA LEU A 24 -11.15 -4.47 0.38
C LEU A 24 -10.21 -4.34 -0.85
N PRO A 25 -8.86 -4.56 -0.66
CA PRO A 25 -7.82 -4.35 -1.71
C PRO A 25 -8.19 -4.93 -3.10
N GLN A 26 -8.22 -4.06 -4.12
CA GLN A 26 -8.74 -4.40 -5.46
C GLN A 26 -7.60 -4.63 -6.44
N GLY A 27 -6.95 -5.81 -6.38
CA GLY A 27 -5.98 -6.21 -7.41
C GLY A 27 -4.65 -6.72 -6.88
N ASP A 28 -3.63 -6.59 -7.75
CA ASP A 28 -2.32 -7.24 -7.61
C ASP A 28 -1.42 -6.49 -6.61
N ILE A 29 -1.23 -5.17 -6.83
CA ILE A 29 -0.33 -4.34 -6.02
C ILE A 29 -0.91 -4.16 -4.61
N GLU A 30 -2.25 -4.09 -4.59
CA GLU A 30 -3.05 -3.80 -3.39
C GLU A 30 -2.90 -4.91 -2.35
N LYS A 31 -2.91 -6.19 -2.79
CA LYS A 31 -2.81 -7.34 -1.88
C LYS A 31 -1.40 -7.47 -1.26
N GLN A 32 -0.37 -7.03 -2.04
CA GLN A 32 1.04 -7.02 -1.58
C GLN A 32 1.20 -6.03 -0.42
N VAL A 33 0.80 -4.77 -0.69
CA VAL A 33 0.83 -3.68 0.30
C VAL A 33 -0.02 -4.05 1.54
N ALA A 34 -1.15 -4.75 1.29
CA ALA A 34 -2.07 -5.23 2.34
C ALA A 34 -1.41 -6.23 3.29
N ALA A 35 -0.72 -7.24 2.70
CA ALA A 35 -0.02 -8.29 3.47
C ALA A 35 1.12 -7.67 4.32
N LEU A 36 1.73 -6.60 3.77
CA LEU A 36 2.81 -5.87 4.45
C LEU A 36 2.29 -5.06 5.64
N TRP A 37 1.11 -4.43 5.49
CA TRP A 37 0.49 -3.61 6.56
C TRP A 37 -0.02 -4.49 7.71
N GLN A 38 -0.65 -5.63 7.35
CA GLN A 38 -1.11 -6.64 8.32
C GLN A 38 0.06 -7.32 9.06
N GLN A 39 1.27 -7.24 8.47
CA GLN A 39 2.50 -7.78 9.08
C GLN A 39 3.14 -6.75 10.02
N LEU A 40 3.55 -5.60 9.44
CA LEU A 40 4.31 -4.54 10.11
C LEU A 40 3.52 -3.91 11.28
N LEU A 41 2.22 -3.63 11.06
CA LEU A 41 1.35 -3.08 12.11
C LEU A 41 0.78 -4.20 12.99
N SER A 42 0.73 -5.42 12.43
CA SER A 42 0.15 -6.61 13.07
C SER A 42 -1.36 -6.40 13.35
N THR A 43 -2.09 -5.98 12.29
CA THR A 43 -3.52 -5.64 12.37
C THR A 43 -4.37 -6.82 11.89
N GLY A 44 -5.66 -6.81 12.29
CA GLY A 44 -6.60 -7.85 11.88
C GLY A 44 -6.83 -7.87 10.37
N ASN A 45 -7.11 -6.69 9.82
CA ASN A 45 -7.28 -6.49 8.37
C ASN A 45 -6.87 -5.06 8.00
N VAL A 46 -6.54 -4.86 6.71
CA VAL A 46 -6.33 -3.52 6.13
C VAL A 46 -7.03 -3.45 4.75
N THR A 47 -7.83 -2.40 4.56
CA THR A 47 -8.56 -2.13 3.31
C THR A 47 -8.01 -0.85 2.65
N ARG A 48 -8.63 -0.46 1.51
CA ARG A 48 -8.28 0.78 0.77
C ARG A 48 -8.20 1.99 1.71
N GLU A 49 -9.22 2.12 2.58
CA GLU A 49 -9.41 3.30 3.45
C GLU A 49 -8.85 3.11 4.85
N THR A 50 -7.96 2.13 5.00
CA THR A 50 -7.12 2.03 6.17
C THR A 50 -5.99 3.06 6.07
N ASP A 51 -5.86 3.90 7.11
CA ASP A 51 -4.75 4.85 7.25
C ASP A 51 -3.66 4.22 8.11
N PHE A 52 -2.47 4.01 7.51
CA PHE A 52 -1.30 3.35 8.16
C PHE A 52 -1.01 3.91 9.56
N PHE A 53 -0.94 5.24 9.63
CA PHE A 53 -0.53 5.97 10.85
C PHE A 53 -1.66 6.00 11.90
N GLN A 54 -2.91 6.13 11.42
CA GLN A 54 -4.13 6.15 12.27
C GLN A 54 -4.30 4.82 13.03
N GLN A 55 -3.92 3.70 12.37
CA GLN A 55 -4.05 2.35 12.95
C GLN A 55 -2.95 2.04 13.99
N GLY A 56 -2.00 2.97 14.15
CA GLY A 56 -0.91 2.81 15.13
C GLY A 56 0.47 2.82 14.48
N GLY A 57 0.51 3.06 13.15
CA GLY A 57 1.78 3.18 12.43
C GLY A 57 2.48 4.50 12.69
N ASP A 58 3.80 4.52 12.48
CA ASP A 58 4.63 5.72 12.65
C ASP A 58 5.42 5.94 11.34
N SER A 59 6.02 7.14 11.21
CA SER A 59 6.86 7.50 10.06
C SER A 59 8.04 6.53 9.89
N LEU A 60 8.69 6.16 11.01
CA LEU A 60 9.84 5.23 11.02
C LEU A 60 9.37 3.80 10.62
N LEU A 61 8.19 3.42 11.14
CA LEU A 61 7.53 2.13 10.82
C LEU A 61 7.19 2.09 9.30
N ALA A 62 6.80 3.26 8.76
CA ALA A 62 6.46 3.43 7.34
C ALA A 62 7.70 3.35 6.45
N THR A 63 8.86 3.83 6.99
CA THR A 63 10.15 3.75 6.30
C THR A 63 10.59 2.27 6.13
N ARG A 64 10.24 1.43 7.13
CA ARG A 64 10.47 -0.04 7.09
C ARG A 64 9.60 -0.70 5.99
N LEU A 65 8.31 -0.29 5.98
CA LEU A 65 7.26 -0.83 5.09
C LEU A 65 7.69 -0.76 3.61
N THR A 66 8.20 0.41 3.23
CA THR A 66 8.57 0.75 1.85
C THR A 66 9.72 -0.13 1.31
N GLY A 67 10.57 -0.60 2.24
CA GLY A 67 11.71 -1.48 1.92
C GLY A 67 11.30 -2.82 1.32
N GLN A 68 10.20 -3.40 1.85
CA GLN A 68 9.65 -4.69 1.35
C GLN A 68 9.20 -4.53 -0.12
N LEU A 69 8.62 -3.36 -0.43
CA LEU A 69 8.15 -3.01 -1.77
C LEU A 69 9.32 -2.86 -2.75
N HIS A 70 10.44 -2.28 -2.25
CA HIS A 70 11.70 -2.15 -3.04
C HIS A 70 12.18 -3.53 -3.55
N GLN A 71 12.04 -4.54 -2.67
CA GLN A 71 12.42 -5.93 -2.96
C GLN A 71 11.41 -6.61 -3.91
N ALA A 72 10.15 -6.11 -3.90
CA ALA A 72 9.09 -6.56 -4.82
C ALA A 72 9.14 -5.80 -6.17
N GLY A 73 10.12 -4.88 -6.29
CA GLY A 73 10.34 -4.12 -7.54
C GLY A 73 9.43 -2.91 -7.69
N TYR A 74 9.06 -2.30 -6.54
CA TYR A 74 8.25 -1.08 -6.48
C TYR A 74 9.03 -0.01 -5.69
N GLU A 75 9.18 1.19 -6.27
CA GLU A 75 9.80 2.32 -5.56
C GLU A 75 8.78 2.94 -4.59
N ALA A 76 9.19 3.05 -3.34
CA ALA A 76 8.36 3.56 -2.24
C ALA A 76 9.28 4.20 -1.21
N GLN A 77 8.99 5.45 -0.84
CA GLN A 77 9.74 6.20 0.18
C GLN A 77 8.76 6.67 1.24
N LEU A 78 9.31 7.07 2.40
CA LEU A 78 8.54 7.64 3.52
C LEU A 78 7.67 8.82 3.05
N SER A 79 8.18 9.62 2.09
CA SER A 79 7.43 10.75 1.50
C SER A 79 6.16 10.27 0.77
N ASP A 80 6.23 9.07 0.16
CA ASP A 80 5.07 8.42 -0.50
C ASP A 80 4.00 8.06 0.56
N LEU A 81 4.39 7.25 1.57
CA LEU A 81 3.46 6.77 2.62
C LEU A 81 2.87 7.91 3.46
N PHE A 82 3.67 8.95 3.69
CA PHE A 82 3.28 10.11 4.53
C PHE A 82 2.42 11.12 3.72
N ASN A 83 2.39 10.93 2.37
CA ASN A 83 1.50 11.67 1.46
C ASN A 83 0.27 10.81 1.08
N HIS A 84 0.42 9.48 1.25
CA HIS A 84 -0.60 8.49 0.85
C HIS A 84 -0.84 7.51 2.01
N PRO A 85 -1.69 7.90 3.02
CA PRO A 85 -1.93 7.07 4.22
C PRO A 85 -2.89 5.90 3.93
N ARG A 86 -3.70 6.01 2.86
CA ARG A 86 -4.61 4.93 2.40
C ARG A 86 -3.84 3.87 1.63
N LEU A 87 -4.30 2.62 1.75
CA LEU A 87 -3.64 1.42 1.19
C LEU A 87 -3.56 1.50 -0.34
N ALA A 88 -4.74 1.46 -0.98
CA ALA A 88 -4.83 1.33 -2.46
C ALA A 88 -4.44 2.64 -3.16
N ASP A 89 -4.51 3.73 -2.38
CA ASP A 89 -4.06 5.07 -2.80
C ASP A 89 -2.52 5.12 -2.89
N PHE A 90 -1.88 4.47 -1.90
CA PHE A 90 -0.42 4.29 -1.84
C PHE A 90 0.03 3.24 -2.88
N ALA A 91 -0.80 2.19 -3.09
CA ALA A 91 -0.50 1.13 -4.05
C ALA A 91 -0.54 1.66 -5.49
N ALA A 92 -1.45 2.64 -5.72
CA ALA A 92 -1.67 3.24 -7.04
C ALA A 92 -0.56 4.24 -7.43
N THR A 93 0.24 4.71 -6.44
CA THR A 93 1.37 5.65 -6.71
C THR A 93 2.71 4.89 -6.82
N LEU A 94 2.69 3.55 -6.60
CA LEU A 94 3.90 2.72 -6.71
C LEU A 94 4.27 2.49 -8.18
N ARG A 95 5.48 2.93 -8.56
CA ARG A 95 6.03 2.69 -9.91
C ARG A 95 7.06 1.56 -9.83
N LYS A 96 7.32 0.88 -10.97
CA LYS A 96 8.23 -0.26 -11.03
C LYS A 96 9.71 0.21 -11.03
N THR A 97 10.48 -0.32 -10.08
CA THR A 97 11.92 -0.07 -9.94
C THR A 97 12.70 -1.06 -10.83
N ASP A 98 13.79 -0.57 -11.45
CA ASP A 98 14.76 -1.45 -12.14
C ASP A 98 15.58 -2.21 -11.09
N VAL A 99 15.37 -3.54 -11.04
CA VAL A 99 16.08 -4.43 -10.09
C VAL A 99 17.61 -4.44 -10.41
N PRO A 100 18.49 -4.45 -9.35
CA PRO A 100 19.97 -4.38 -9.51
C PRO A 100 20.54 -5.49 -10.42
N VAL A 101 19.91 -6.67 -10.39
CA VAL A 101 20.27 -7.79 -11.26
C VAL A 101 19.82 -7.52 -12.71
N GLU A 102 20.73 -7.76 -13.68
CA GLU A 102 20.45 -7.53 -15.12
C GLU A 102 21.41 -8.35 -15.98
N GLN A 103 21.08 -8.43 -17.28
CA GLN A 103 22.00 -8.91 -18.32
C GLN A 103 22.77 -7.69 -18.88
N PRO A 104 24.06 -7.84 -19.34
CA PRO A 104 24.81 -6.74 -20.02
C PRO A 104 24.14 -6.29 -21.34
N PHE A 105 23.11 -5.45 -21.22
CA PHE A 105 22.33 -4.92 -22.35
C PHE A 105 22.52 -3.40 -22.41
N VAL A 106 22.38 -2.83 -23.62
CA VAL A 106 22.54 -1.40 -23.87
C VAL A 106 21.34 -0.60 -23.31
N HIS A 107 21.60 0.12 -22.20
CA HIS A 107 20.62 1.01 -21.56
C HIS A 107 21.30 2.36 -21.31
N SER A 108 20.70 3.45 -21.82
CA SER A 108 21.25 4.81 -21.71
C SER A 108 20.90 5.42 -20.34
N PRO A 109 21.90 5.67 -19.44
CA PRO A 109 21.68 6.35 -18.14
C PRO A 109 21.70 7.89 -18.32
N GLU A 110 20.88 8.36 -19.27
CA GLU A 110 20.88 9.75 -19.73
C GLU A 110 20.00 10.63 -18.80
N ASP A 111 20.50 10.84 -17.58
CA ASP A 111 19.82 11.63 -16.54
C ASP A 111 20.83 11.99 -15.43
N GLY A 1 -19.26 9.66 8.93
CA GLY A 1 -19.88 9.83 10.27
C GLY A 1 -19.37 8.82 11.27
N THR A 2 -19.12 9.26 12.51
CA THR A 2 -18.54 8.41 13.56
C THR A 2 -19.65 7.78 14.43
N ILE A 3 -20.50 6.95 13.80
CA ILE A 3 -21.54 6.18 14.48
C ILE A 3 -20.97 4.80 14.87
N ASP A 4 -21.25 4.36 16.12
CA ASP A 4 -20.89 3.00 16.58
C ASP A 4 -21.87 1.99 15.97
N TYR A 5 -21.58 1.59 14.72
CA TYR A 5 -22.38 0.64 13.95
C TYR A 5 -22.32 -0.75 14.62
N GLN A 6 -21.25 -0.98 15.40
CA GLN A 6 -21.02 -2.21 16.20
C GLN A 6 -22.18 -2.52 17.18
N ALA A 7 -23.03 -1.51 17.46
CA ALA A 7 -24.25 -1.67 18.28
C ALA A 7 -25.26 -2.62 17.60
N LEU A 8 -25.31 -2.58 16.26
CA LEU A 8 -26.16 -3.45 15.43
C LEU A 8 -25.27 -4.43 14.65
N LYS A 9 -24.96 -5.58 15.29
CA LYS A 9 -24.02 -6.60 14.76
C LYS A 9 -24.65 -7.39 13.60
N ARG A 10 -25.92 -7.81 13.81
CA ARG A 10 -26.69 -8.71 12.92
C ARG A 10 -26.16 -10.17 12.98
N ARG A 11 -27.09 -11.14 12.84
CA ARG A 11 -26.75 -12.58 12.76
C ARG A 11 -26.38 -12.97 11.31
N HIS A 12 -26.82 -12.14 10.35
CA HIS A 12 -26.40 -12.22 8.93
C HIS A 12 -25.96 -10.82 8.47
N THR A 13 -24.72 -10.72 7.96
CA THR A 13 -24.09 -9.44 7.58
C THR A 13 -24.77 -8.82 6.33
N PRO A 14 -25.28 -7.55 6.44
CA PRO A 14 -25.91 -6.83 5.30
C PRO A 14 -24.87 -6.29 4.30
N GLU A 15 -24.28 -7.22 3.51
CA GLU A 15 -23.35 -6.94 2.39
C GLU A 15 -22.11 -6.10 2.81
N ALA A 16 -22.31 -4.78 2.96
CA ALA A 16 -21.24 -3.83 3.38
C ALA A 16 -21.07 -3.86 4.90
N GLU A 17 -22.23 -3.71 5.59
CA GLU A 17 -22.33 -3.64 7.06
C GLU A 17 -21.53 -2.43 7.64
N ASN A 18 -20.25 -2.64 7.99
CA ASN A 18 -19.39 -1.61 8.64
C ASN A 18 -18.42 -0.99 7.61
N PRO A 19 -17.96 0.27 7.83
CA PRO A 19 -16.79 0.83 7.11
C PRO A 19 -15.52 0.02 7.43
N ALA A 20 -14.71 -0.29 6.39
CA ALA A 20 -13.50 -1.13 6.47
C ALA A 20 -13.83 -2.62 6.75
N GLU A 21 -15.08 -3.03 6.42
CA GLU A 21 -15.52 -4.43 6.59
C GLU A 21 -15.53 -5.13 5.22
N ALA A 22 -16.28 -4.55 4.26
CA ALA A 22 -16.43 -5.09 2.89
C ALA A 22 -15.61 -4.24 1.89
N ASP A 23 -14.55 -3.60 2.39
CA ASP A 23 -13.75 -2.63 1.62
C ASP A 23 -12.37 -3.21 1.32
N LEU A 24 -12.25 -4.55 1.30
CA LEU A 24 -10.96 -5.24 1.10
C LEU A 24 -10.29 -4.83 -0.23
N PRO A 25 -8.92 -4.67 -0.24
CA PRO A 25 -8.15 -4.29 -1.44
C PRO A 25 -8.33 -5.35 -2.56
N GLN A 26 -8.83 -4.91 -3.71
CA GLN A 26 -9.30 -5.81 -4.79
C GLN A 26 -8.51 -5.54 -6.07
N GLY A 27 -7.20 -5.63 -5.91
CA GLY A 27 -6.25 -5.39 -6.99
C GLY A 27 -4.92 -6.02 -6.68
N ASP A 28 -4.11 -6.24 -7.72
CA ASP A 28 -2.83 -6.93 -7.64
C ASP A 28 -1.87 -6.21 -6.67
N ILE A 29 -1.70 -4.91 -6.90
CA ILE A 29 -0.80 -4.06 -6.10
C ILE A 29 -1.38 -3.82 -4.70
N GLU A 30 -2.70 -3.57 -4.63
CA GLU A 30 -3.37 -3.18 -3.37
C GLU A 30 -3.34 -4.33 -2.33
N LYS A 31 -3.46 -5.59 -2.79
CA LYS A 31 -3.43 -6.77 -1.90
C LYS A 31 -2.00 -7.02 -1.35
N GLN A 32 -0.99 -6.63 -2.16
CA GLN A 32 0.45 -6.76 -1.81
C GLN A 32 0.80 -5.75 -0.71
N VAL A 33 0.40 -4.49 -0.93
CA VAL A 33 0.57 -3.40 0.05
C VAL A 33 -0.19 -3.76 1.35
N ALA A 34 -1.40 -4.35 1.19
CA ALA A 34 -2.21 -4.82 2.32
C ALA A 34 -1.47 -5.89 3.14
N ALA A 35 -0.89 -6.87 2.43
CA ALA A 35 -0.19 -8.02 3.05
C ALA A 35 1.00 -7.54 3.91
N LEU A 36 1.74 -6.56 3.39
CA LEU A 36 2.93 -6.00 4.06
C LEU A 36 2.52 -5.10 5.25
N TRP A 37 1.40 -4.38 5.12
CA TRP A 37 0.85 -3.57 6.24
C TRP A 37 0.36 -4.49 7.39
N GLN A 38 -0.21 -5.64 7.03
CA GLN A 38 -0.71 -6.66 7.97
C GLN A 38 0.44 -7.41 8.66
N GLN A 39 1.63 -7.40 8.03
CA GLN A 39 2.85 -8.01 8.60
C GLN A 39 3.53 -7.05 9.58
N LEU A 40 3.89 -5.85 9.07
CA LEU A 40 4.69 -4.85 9.81
C LEU A 40 3.92 -4.25 11.00
N LEU A 41 2.65 -3.88 10.77
CA LEU A 41 1.77 -3.35 11.84
C LEU A 41 1.24 -4.50 12.72
N SER A 42 1.22 -5.73 12.13
CA SER A 42 0.69 -6.95 12.76
C SER A 42 -0.82 -6.77 13.04
N THR A 43 -1.58 -6.59 11.95
CA THR A 43 -3.03 -6.32 12.00
C THR A 43 -3.81 -7.53 11.51
N GLY A 44 -5.09 -7.61 11.92
CA GLY A 44 -6.01 -8.65 11.47
C GLY A 44 -6.42 -8.44 10.03
N ASN A 45 -6.73 -7.18 9.67
CA ASN A 45 -7.16 -6.78 8.32
C ASN A 45 -6.99 -5.27 8.13
N VAL A 46 -6.41 -4.88 6.98
CA VAL A 46 -6.35 -3.49 6.50
C VAL A 46 -7.00 -3.44 5.11
N THR A 47 -7.84 -2.44 4.87
CA THR A 47 -8.66 -2.32 3.66
C THR A 47 -8.16 -1.19 2.74
N ARG A 48 -8.82 -1.02 1.57
CA ARG A 48 -8.42 -0.10 0.48
C ARG A 48 -8.08 1.33 0.94
N GLU A 49 -8.86 1.88 1.88
CA GLU A 49 -8.70 3.28 2.32
C GLU A 49 -8.47 3.33 3.84
N THR A 50 -7.85 2.26 4.37
CA THR A 50 -7.28 2.25 5.72
C THR A 50 -5.95 3.01 5.69
N ASP A 51 -5.70 3.81 6.72
CA ASP A 51 -4.49 4.61 6.86
C ASP A 51 -3.46 3.86 7.69
N PHE A 52 -2.20 3.88 7.23
CA PHE A 52 -1.05 3.27 7.94
C PHE A 52 -0.91 3.88 9.33
N PHE A 53 -0.97 5.21 9.36
CA PHE A 53 -0.74 6.02 10.56
C PHE A 53 -1.88 5.88 11.57
N GLN A 54 -3.13 5.96 11.07
CA GLN A 54 -4.35 5.82 11.89
C GLN A 54 -4.45 4.40 12.48
N GLN A 55 -3.99 3.39 11.71
CA GLN A 55 -4.01 1.97 12.13
C GLN A 55 -3.01 1.71 13.29
N GLY A 56 -2.11 2.68 13.55
CA GLY A 56 -1.17 2.62 14.68
C GLY A 56 0.30 2.70 14.26
N GLY A 57 0.56 2.75 12.95
CA GLY A 57 1.90 2.93 12.41
C GLY A 57 2.35 4.39 12.42
N ASP A 58 3.62 4.64 12.12
CA ASP A 58 4.19 6.00 12.05
C ASP A 58 5.18 6.06 10.87
N SER A 59 5.88 7.20 10.70
CA SER A 59 6.81 7.40 9.59
C SER A 59 8.06 6.51 9.70
N LEU A 60 8.50 6.22 10.94
CA LEU A 60 9.68 5.36 11.18
C LEU A 60 9.37 3.90 10.77
N LEU A 61 8.18 3.42 11.16
CA LEU A 61 7.68 2.08 10.80
C LEU A 61 7.41 2.03 9.28
N ALA A 62 6.98 3.18 8.73
CA ALA A 62 6.69 3.34 7.30
C ALA A 62 7.99 3.34 6.46
N THR A 63 9.10 3.81 7.06
CA THR A 63 10.45 3.78 6.43
C THR A 63 10.90 2.32 6.23
N ARG A 64 10.52 1.46 7.17
CA ARG A 64 10.80 0.01 7.12
C ARG A 64 9.88 -0.66 6.08
N LEU A 65 8.57 -0.31 6.15
CA LEU A 65 7.49 -0.88 5.31
C LEU A 65 7.80 -0.70 3.81
N THR A 66 8.20 0.53 3.44
CA THR A 66 8.55 0.91 2.06
C THR A 66 9.69 0.02 1.51
N GLY A 67 10.58 -0.40 2.43
CA GLY A 67 11.67 -1.32 2.11
C GLY A 67 11.20 -2.68 1.62
N GLN A 68 10.13 -3.22 2.24
CA GLN A 68 9.54 -4.52 1.86
C GLN A 68 8.93 -4.44 0.46
N LEU A 69 8.33 -3.29 0.13
CA LEU A 69 7.79 -3.01 -1.20
C LEU A 69 8.92 -2.99 -2.25
N HIS A 70 10.10 -2.42 -1.88
CA HIS A 70 11.31 -2.41 -2.75
C HIS A 70 11.79 -3.83 -3.07
N GLN A 71 11.70 -4.70 -2.07
CA GLN A 71 12.06 -6.12 -2.17
C GLN A 71 10.98 -6.93 -2.92
N ALA A 72 9.79 -6.32 -3.13
CA ALA A 72 8.72 -6.86 -4.00
C ALA A 72 8.81 -6.25 -5.42
N GLY A 73 9.74 -5.29 -5.62
CA GLY A 73 9.97 -4.63 -6.92
C GLY A 73 9.11 -3.39 -7.12
N TYR A 74 8.73 -2.74 -6.01
CA TYR A 74 7.91 -1.50 -6.00
C TYR A 74 8.66 -0.39 -5.27
N GLU A 75 8.80 0.77 -5.93
CA GLU A 75 9.55 1.89 -5.39
C GLU A 75 8.59 2.70 -4.52
N ALA A 76 8.94 2.82 -3.25
CA ALA A 76 8.06 3.31 -2.21
C ALA A 76 8.82 4.36 -1.41
N GLN A 77 8.38 5.62 -1.53
CA GLN A 77 8.97 6.74 -0.79
C GLN A 77 8.23 6.93 0.55
N LEU A 78 9.00 7.26 1.61
CA LEU A 78 8.44 7.61 2.92
C LEU A 78 7.56 8.87 2.80
N SER A 79 8.05 9.83 1.98
CA SER A 79 7.35 11.07 1.70
C SER A 79 5.96 10.80 1.05
N ASP A 80 5.89 9.76 0.18
CA ASP A 80 4.62 9.34 -0.47
C ASP A 80 3.70 8.61 0.51
N LEU A 81 4.24 7.89 1.51
CA LEU A 81 3.40 7.25 2.54
C LEU A 81 2.76 8.31 3.47
N PHE A 82 3.51 9.39 3.75
CA PHE A 82 3.03 10.51 4.57
C PHE A 82 2.03 11.36 3.76
N ASN A 83 2.26 11.46 2.44
CA ASN A 83 1.40 12.21 1.49
C ASN A 83 0.14 11.40 1.12
N HIS A 84 0.29 10.06 1.13
CA HIS A 84 -0.78 9.11 0.78
C HIS A 84 -0.89 8.09 1.93
N PRO A 85 -1.58 8.47 3.05
CA PRO A 85 -1.70 7.58 4.23
C PRO A 85 -2.64 6.40 3.95
N ARG A 86 -3.60 6.60 3.01
CA ARG A 86 -4.49 5.52 2.53
C ARG A 86 -3.68 4.47 1.73
N LEU A 87 -4.18 3.23 1.79
CA LEU A 87 -3.53 2.05 1.20
C LEU A 87 -3.47 2.15 -0.33
N ALA A 88 -4.65 2.36 -0.96
CA ALA A 88 -4.81 2.33 -2.43
C ALA A 88 -4.17 3.57 -3.09
N ASP A 89 -4.12 4.68 -2.34
CA ASP A 89 -3.53 5.96 -2.80
C ASP A 89 -2.00 5.83 -2.93
N PHE A 90 -1.38 5.16 -1.93
CA PHE A 90 0.06 4.88 -1.91
C PHE A 90 0.41 3.76 -2.89
N ALA A 91 -0.51 2.78 -3.04
CA ALA A 91 -0.37 1.66 -3.98
C ALA A 91 -0.24 2.17 -5.42
N ALA A 92 -0.94 3.28 -5.72
CA ALA A 92 -0.92 3.93 -7.04
C ALA A 92 0.44 4.64 -7.31
N THR A 93 1.04 5.21 -6.24
CA THR A 93 2.30 5.99 -6.34
C THR A 93 3.56 5.10 -6.27
N LEU A 94 3.37 3.76 -6.28
CA LEU A 94 4.48 2.80 -6.42
C LEU A 94 5.00 2.78 -7.87
N ARG A 95 6.29 2.46 -8.04
CA ARG A 95 6.96 2.42 -9.37
C ARG A 95 7.68 1.07 -9.53
N LYS A 96 7.49 0.36 -10.65
CA LYS A 96 8.20 -0.90 -10.91
C LYS A 96 9.73 -0.67 -10.93
N THR A 97 10.36 -1.14 -9.85
CA THR A 97 11.79 -0.94 -9.58
C THR A 97 12.64 -1.89 -10.43
N ASP A 98 13.70 -1.34 -11.06
CA ASP A 98 14.62 -2.11 -11.91
C ASP A 98 15.60 -2.89 -11.05
N VAL A 99 15.74 -4.18 -11.37
CA VAL A 99 16.69 -5.08 -10.68
C VAL A 99 18.15 -4.74 -11.07
N PRO A 100 19.17 -5.05 -10.22
CA PRO A 100 20.61 -4.85 -10.57
C PRO A 100 21.08 -5.79 -11.71
N VAL A 101 20.28 -6.84 -12.01
CA VAL A 101 20.54 -7.83 -13.09
C VAL A 101 21.80 -8.68 -12.79
N GLU A 102 21.57 -9.91 -12.29
CA GLU A 102 22.66 -10.84 -11.92
C GLU A 102 23.29 -11.42 -13.20
N GLN A 103 24.45 -10.87 -13.58
CA GLN A 103 25.20 -11.31 -14.75
C GLN A 103 25.91 -12.65 -14.44
N PRO A 104 26.00 -13.59 -15.44
CA PRO A 104 26.63 -14.93 -15.23
C PRO A 104 28.10 -14.78 -14.78
N PHE A 105 28.37 -15.12 -13.50
CA PHE A 105 29.69 -14.90 -12.87
C PHE A 105 30.80 -15.68 -13.62
N VAL A 106 31.83 -14.92 -14.06
CA VAL A 106 32.93 -15.43 -14.89
C VAL A 106 33.91 -16.30 -14.07
N HIS A 107 33.75 -16.30 -12.73
CA HIS A 107 34.54 -17.13 -11.82
C HIS A 107 33.96 -18.56 -11.75
N SER A 108 34.68 -19.49 -11.12
CA SER A 108 34.28 -20.89 -11.02
C SER A 108 34.63 -21.45 -9.62
N PRO A 109 33.61 -21.82 -8.78
CA PRO A 109 33.85 -22.57 -7.54
C PRO A 109 34.02 -24.09 -7.81
N GLU A 110 35.08 -24.66 -7.23
CA GLU A 110 35.38 -26.11 -7.31
C GLU A 110 34.68 -26.86 -6.15
N ASP A 111 35.11 -28.11 -5.89
CA ASP A 111 34.48 -29.03 -4.90
C ASP A 111 33.15 -29.56 -5.46
N GLY A 1 13.98 38.21 -4.95
CA GLY A 1 13.51 37.07 -4.13
C GLY A 1 12.96 37.54 -2.79
N THR A 2 11.66 37.30 -2.55
CA THR A 2 10.98 37.61 -1.28
C THR A 2 10.32 36.31 -0.74
N ILE A 3 10.15 36.21 0.59
CA ILE A 3 9.43 35.10 1.22
C ILE A 3 7.98 35.01 0.69
N ASP A 4 7.64 33.85 0.12
CA ASP A 4 6.31 33.61 -0.47
C ASP A 4 5.31 33.29 0.65
N TYR A 5 4.20 34.04 0.65
CA TYR A 5 3.21 34.02 1.71
C TYR A 5 2.15 32.92 1.50
N GLN A 6 1.76 32.71 0.22
CA GLN A 6 0.68 31.76 -0.15
C GLN A 6 1.13 30.29 -0.03
N ALA A 7 2.46 30.06 0.05
CA ALA A 7 3.05 28.71 0.24
C ALA A 7 2.67 28.12 1.60
N LEU A 8 2.43 28.99 2.59
CA LEU A 8 1.98 28.59 3.92
C LEU A 8 0.49 28.19 3.81
N LYS A 9 0.27 26.90 3.50
CA LYS A 9 -1.04 26.38 3.12
C LYS A 9 -1.10 24.87 3.43
N ARG A 10 -2.25 24.41 3.97
CA ARG A 10 -2.46 22.98 4.24
C ARG A 10 -2.94 22.25 2.97
N ARG A 11 -2.84 20.92 2.99
CA ARG A 11 -3.30 20.05 1.90
C ARG A 11 -3.75 18.71 2.54
N HIS A 12 -3.92 17.63 1.73
CA HIS A 12 -4.39 16.30 2.18
C HIS A 12 -5.89 16.33 2.54
N THR A 13 -6.46 15.15 2.82
CA THR A 13 -7.83 15.01 3.34
C THR A 13 -7.80 14.05 4.56
N PRO A 14 -8.16 14.55 5.78
CA PRO A 14 -8.16 13.74 7.02
C PRO A 14 -9.49 12.97 7.21
N GLU A 15 -10.36 12.98 6.16
CA GLU A 15 -11.67 12.32 6.19
C GLU A 15 -11.48 10.79 6.14
N ALA A 16 -11.14 10.21 7.30
CA ALA A 16 -10.82 8.78 7.43
C ALA A 16 -12.09 8.01 7.86
N GLU A 17 -12.95 7.69 6.87
CA GLU A 17 -14.12 6.82 7.09
C GLU A 17 -13.69 5.39 7.41
N ASN A 18 -14.43 4.75 8.32
CA ASN A 18 -14.19 3.37 8.74
C ASN A 18 -14.60 2.42 7.61
N PRO A 19 -13.62 1.73 6.94
CA PRO A 19 -13.88 0.90 5.76
C PRO A 19 -14.28 -0.55 6.16
N ALA A 20 -15.44 -0.62 6.84
CA ALA A 20 -15.97 -1.86 7.44
C ALA A 20 -16.73 -2.73 6.42
N GLU A 21 -17.16 -2.13 5.30
CA GLU A 21 -17.91 -2.82 4.22
C GLU A 21 -16.96 -3.67 3.33
N ALA A 22 -17.39 -3.95 2.07
CA ALA A 22 -16.56 -4.66 1.08
C ALA A 22 -15.47 -3.74 0.49
N ASP A 23 -14.65 -3.17 1.38
CA ASP A 23 -13.58 -2.23 1.02
C ASP A 23 -12.22 -2.96 0.94
N LEU A 24 -12.28 -4.30 0.96
CA LEU A 24 -11.08 -5.16 0.92
C LEU A 24 -10.26 -4.88 -0.36
N PRO A 25 -8.90 -4.93 -0.25
CA PRO A 25 -8.00 -4.49 -1.35
C PRO A 25 -8.22 -5.29 -2.65
N GLN A 26 -8.54 -4.58 -3.74
CA GLN A 26 -8.87 -5.17 -5.04
C GLN A 26 -7.78 -4.79 -6.05
N GLY A 27 -6.99 -5.79 -6.47
CA GLY A 27 -5.83 -5.57 -7.34
C GLY A 27 -4.59 -6.22 -6.75
N ASP A 28 -3.62 -6.56 -7.61
CA ASP A 28 -2.39 -7.29 -7.19
C ASP A 28 -1.57 -6.45 -6.20
N ILE A 29 -1.40 -5.16 -6.55
CA ILE A 29 -0.60 -4.23 -5.75
C ILE A 29 -1.30 -3.93 -4.41
N GLU A 30 -2.63 -3.73 -4.47
CA GLU A 30 -3.46 -3.40 -3.31
C GLU A 30 -3.39 -4.51 -2.25
N LYS A 31 -3.55 -5.77 -2.70
CA LYS A 31 -3.53 -6.97 -1.83
C LYS A 31 -2.14 -7.18 -1.20
N GLN A 32 -1.10 -6.90 -1.99
CA GLN A 32 0.30 -7.07 -1.56
C GLN A 32 0.69 -6.02 -0.50
N VAL A 33 0.32 -4.75 -0.74
CA VAL A 33 0.53 -3.65 0.21
C VAL A 33 -0.24 -3.91 1.51
N ALA A 34 -1.48 -4.43 1.36
CA ALA A 34 -2.35 -4.78 2.49
C ALA A 34 -1.75 -5.92 3.32
N ALA A 35 -1.13 -6.89 2.63
CA ALA A 35 -0.45 -8.02 3.27
C ALA A 35 0.71 -7.50 4.11
N LEU A 36 1.55 -6.63 3.51
CA LEU A 36 2.74 -6.04 4.16
C LEU A 36 2.35 -5.18 5.38
N TRP A 37 1.21 -4.49 5.30
CA TRP A 37 0.68 -3.70 6.44
C TRP A 37 0.22 -4.63 7.57
N GLN A 38 -0.42 -5.75 7.21
CA GLN A 38 -0.90 -6.76 8.17
C GLN A 38 0.26 -7.59 8.78
N GLN A 39 1.42 -7.60 8.09
CA GLN A 39 2.64 -8.31 8.56
C GLN A 39 3.45 -7.41 9.52
N LEU A 40 3.70 -6.16 9.06
CA LEU A 40 4.49 -5.17 9.81
C LEU A 40 3.74 -4.69 11.06
N LEU A 41 2.53 -4.13 10.85
CA LEU A 41 1.67 -3.63 11.95
C LEU A 41 1.11 -4.81 12.79
N SER A 42 1.05 -6.02 12.17
CA SER A 42 0.59 -7.25 12.82
C SER A 42 -0.90 -7.13 13.23
N THR A 43 -1.73 -6.79 12.24
CA THR A 43 -3.16 -6.45 12.44
C THR A 43 -4.08 -7.58 11.97
N GLY A 44 -5.41 -7.37 12.14
CA GLY A 44 -6.43 -8.31 11.68
C GLY A 44 -6.62 -8.24 10.17
N ASN A 45 -7.21 -7.12 9.70
CA ASN A 45 -7.43 -6.84 8.26
C ASN A 45 -7.34 -5.33 8.01
N VAL A 46 -6.50 -4.92 7.04
CA VAL A 46 -6.43 -3.53 6.55
C VAL A 46 -7.02 -3.47 5.13
N THR A 47 -7.70 -2.36 4.82
CA THR A 47 -8.50 -2.20 3.58
C THR A 47 -8.11 -0.92 2.81
N ARG A 48 -8.80 -0.65 1.68
CA ARG A 48 -8.40 0.41 0.72
C ARG A 48 -8.38 1.83 1.34
N GLU A 49 -9.30 2.10 2.30
CA GLU A 49 -9.36 3.42 2.97
C GLU A 49 -8.79 3.38 4.39
N THR A 50 -8.12 2.29 4.74
CA THR A 50 -7.28 2.25 5.95
C THR A 50 -5.97 2.98 5.64
N ASP A 51 -5.57 3.90 6.52
CA ASP A 51 -4.27 4.60 6.43
C ASP A 51 -3.26 3.84 7.29
N PHE A 52 -1.98 3.88 6.87
CA PHE A 52 -0.89 3.27 7.63
C PHE A 52 -0.80 3.92 9.03
N PHE A 53 -0.96 5.24 9.04
CA PHE A 53 -0.86 6.07 10.25
C PHE A 53 -2.19 6.05 11.06
N GLN A 54 -3.31 5.68 10.39
CA GLN A 54 -4.64 5.49 11.03
C GLN A 54 -4.58 4.34 12.05
N GLN A 55 -3.86 3.28 11.65
CA GLN A 55 -3.72 2.04 12.43
C GLN A 55 -2.56 2.17 13.47
N GLY A 56 -1.96 3.37 13.56
CA GLY A 56 -0.93 3.66 14.57
C GLY A 56 0.49 3.44 14.05
N GLY A 57 0.62 3.13 12.76
CA GLY A 57 1.93 2.96 12.12
C GLY A 57 2.69 4.27 12.04
N ASP A 58 3.97 4.26 12.46
CA ASP A 58 4.80 5.48 12.55
C ASP A 58 5.77 5.56 11.35
N SER A 59 6.34 6.76 11.13
CA SER A 59 7.34 7.05 10.07
C SER A 59 8.56 6.10 10.10
N LEU A 60 8.94 5.65 11.33
CA LEU A 60 10.06 4.71 11.55
C LEU A 60 9.72 3.34 10.91
N LEU A 61 8.53 2.85 11.29
CA LEU A 61 7.95 1.59 10.78
C LEU A 61 7.69 1.72 9.25
N ALA A 62 7.38 2.96 8.81
CA ALA A 62 7.06 3.29 7.43
C ALA A 62 8.31 3.27 6.52
N THR A 63 9.47 3.56 7.12
CA THR A 63 10.78 3.44 6.45
C THR A 63 11.07 1.95 6.11
N ARG A 64 10.66 1.06 7.03
CA ARG A 64 10.81 -0.40 6.86
C ARG A 64 9.73 -0.95 5.91
N LEU A 65 8.54 -0.32 5.93
CA LEU A 65 7.38 -0.72 5.10
C LEU A 65 7.68 -0.45 3.62
N THR A 66 8.24 0.74 3.35
CA THR A 66 8.71 1.11 2.01
C THR A 66 9.81 0.13 1.55
N GLY A 67 10.70 -0.23 2.50
CA GLY A 67 11.74 -1.23 2.27
C GLY A 67 11.21 -2.61 1.89
N GLN A 68 10.03 -2.98 2.44
CA GLN A 68 9.32 -4.23 2.07
C GLN A 68 8.90 -4.20 0.60
N LEU A 69 8.54 -3.00 0.13
CA LEU A 69 8.13 -2.76 -1.26
C LEU A 69 9.35 -2.72 -2.19
N HIS A 70 10.49 -2.17 -1.70
CA HIS A 70 11.77 -2.13 -2.48
C HIS A 70 12.24 -3.54 -2.87
N GLN A 71 12.25 -4.44 -1.87
CA GLN A 71 12.64 -5.85 -2.05
C GLN A 71 11.55 -6.63 -2.81
N ALA A 72 10.31 -6.09 -2.84
CA ALA A 72 9.21 -6.62 -3.66
C ALA A 72 9.36 -6.20 -5.14
N GLY A 73 10.08 -5.09 -5.38
CA GLY A 73 10.33 -4.57 -6.74
C GLY A 73 9.53 -3.33 -7.09
N TYR A 74 9.16 -2.57 -6.03
CA TYR A 74 8.45 -1.26 -6.15
C TYR A 74 9.27 -0.19 -5.44
N GLU A 75 9.59 0.90 -6.14
CA GLU A 75 10.27 2.04 -5.54
C GLU A 75 9.24 2.79 -4.68
N ALA A 76 9.51 2.85 -3.37
CA ALA A 76 8.60 3.39 -2.37
C ALA A 76 9.39 4.30 -1.42
N GLN A 77 8.91 5.54 -1.25
CA GLN A 77 9.53 6.52 -0.34
C GLN A 77 8.51 6.98 0.70
N LEU A 78 9.01 7.27 1.92
CA LEU A 78 8.21 7.78 3.05
C LEU A 78 7.52 9.10 2.66
N SER A 79 8.17 9.87 1.77
CA SER A 79 7.64 11.12 1.21
C SER A 79 6.20 10.93 0.70
N ASP A 80 5.95 9.80 0.01
CA ASP A 80 4.62 9.44 -0.52
C ASP A 80 3.77 8.62 0.45
N LEU A 81 4.36 8.05 1.52
CA LEU A 81 3.57 7.31 2.54
C LEU A 81 2.71 8.27 3.39
N PHE A 82 3.24 9.44 3.76
CA PHE A 82 2.44 10.46 4.48
C PHE A 82 1.64 11.32 3.49
N ASN A 83 2.14 11.46 2.26
CA ASN A 83 1.45 12.18 1.15
C ASN A 83 0.23 11.37 0.67
N HIS A 84 0.35 10.03 0.75
CA HIS A 84 -0.71 9.08 0.37
C HIS A 84 -0.78 8.02 1.48
N PRO A 85 -1.50 8.31 2.61
CA PRO A 85 -1.62 7.38 3.74
C PRO A 85 -2.62 6.24 3.44
N ARG A 86 -3.70 6.57 2.69
CA ARG A 86 -4.71 5.62 2.20
C ARG A 86 -4.04 4.46 1.42
N LEU A 87 -4.46 3.22 1.69
CA LEU A 87 -3.85 2.00 1.14
C LEU A 87 -3.85 1.99 -0.40
N ALA A 88 -5.06 2.12 -0.98
CA ALA A 88 -5.23 2.08 -2.45
C ALA A 88 -4.53 3.27 -3.12
N ASP A 89 -4.58 4.43 -2.47
CA ASP A 89 -4.04 5.70 -2.98
C ASP A 89 -2.49 5.68 -3.00
N PHE A 90 -1.89 4.99 -2.01
CA PHE A 90 -0.43 4.78 -1.93
C PHE A 90 0.02 3.72 -2.95
N ALA A 91 -0.77 2.64 -3.03
CA ALA A 91 -0.51 1.51 -3.94
C ALA A 91 -0.58 1.96 -5.42
N ALA A 92 -1.38 3.03 -5.67
CA ALA A 92 -1.49 3.67 -6.99
C ALA A 92 -0.20 4.45 -7.33
N THR A 93 0.39 5.10 -6.31
CA THR A 93 1.59 5.95 -6.47
C THR A 93 2.90 5.15 -6.32
N LEU A 94 2.80 3.81 -6.20
CA LEU A 94 3.97 2.91 -6.27
C LEU A 94 4.43 2.76 -7.72
N ARG A 95 5.70 3.09 -7.96
CA ARG A 95 6.33 2.95 -9.27
C ARG A 95 7.10 1.63 -9.29
N LYS A 96 6.95 0.86 -10.38
CA LYS A 96 7.66 -0.40 -10.56
C LYS A 96 9.17 -0.12 -10.68
N THR A 97 9.98 -0.65 -9.74
CA THR A 97 11.44 -0.49 -9.78
C THR A 97 12.02 -1.11 -11.05
N ASP A 98 13.02 -0.44 -11.64
CA ASP A 98 13.77 -0.96 -12.78
C ASP A 98 14.49 -2.26 -12.37
N VAL A 99 14.43 -3.28 -13.24
CA VAL A 99 15.04 -4.59 -12.95
C VAL A 99 16.58 -4.45 -12.80
N PRO A 100 17.16 -4.79 -11.59
CA PRO A 100 18.61 -4.61 -11.31
C PRO A 100 19.50 -5.58 -12.10
N VAL A 101 18.86 -6.58 -12.72
CA VAL A 101 19.51 -7.58 -13.58
C VAL A 101 19.93 -6.97 -14.93
N GLU A 102 20.77 -7.70 -15.67
CA GLU A 102 21.20 -7.30 -17.02
C GLU A 102 20.02 -7.44 -18.00
N GLN A 103 19.58 -6.31 -18.57
CA GLN A 103 18.46 -6.25 -19.53
C GLN A 103 18.89 -6.87 -20.90
N PRO A 104 17.92 -7.30 -21.77
CA PRO A 104 18.22 -7.76 -23.16
C PRO A 104 18.96 -6.67 -23.97
N PHE A 105 20.04 -7.05 -24.67
CA PHE A 105 20.91 -6.10 -25.41
C PHE A 105 20.15 -5.39 -26.54
N VAL A 106 19.33 -6.17 -27.25
CA VAL A 106 18.50 -5.71 -28.37
C VAL A 106 17.09 -6.31 -28.29
N HIS A 107 16.20 -5.67 -27.51
CA HIS A 107 14.79 -6.09 -27.40
C HIS A 107 13.96 -5.28 -28.41
N SER A 108 13.18 -5.98 -29.23
CA SER A 108 12.34 -5.39 -30.28
C SER A 108 10.87 -5.84 -30.04
N PRO A 109 10.01 -4.96 -29.42
CA PRO A 109 8.58 -5.28 -29.17
C PRO A 109 7.82 -5.54 -30.49
N GLU A 110 7.81 -6.82 -30.90
CA GLU A 110 7.14 -7.28 -32.12
C GLU A 110 5.62 -7.19 -31.91
N ASP A 111 5.05 -6.03 -32.27
CA ASP A 111 3.64 -5.70 -32.01
C ASP A 111 2.76 -6.17 -33.20
N GLY A 1 -22.36 -25.11 14.88
CA GLY A 1 -23.52 -25.33 15.77
C GLY A 1 -23.75 -24.15 16.70
N THR A 2 -24.39 -23.09 16.16
CA THR A 2 -24.71 -21.85 16.88
C THR A 2 -26.04 -21.28 16.36
N ILE A 3 -27.06 -21.19 17.25
CA ILE A 3 -28.42 -20.69 16.90
C ILE A 3 -28.58 -19.24 17.46
N ASP A 4 -27.45 -18.53 17.61
CA ASP A 4 -27.42 -17.14 18.11
C ASP A 4 -28.02 -16.21 17.04
N TYR A 5 -29.21 -15.67 17.31
CA TYR A 5 -29.95 -14.80 16.36
C TYR A 5 -29.24 -13.46 16.14
N GLN A 6 -28.44 -13.05 17.13
CA GLN A 6 -27.67 -11.79 17.12
C GLN A 6 -26.44 -11.89 16.19
N ALA A 7 -25.66 -12.97 16.36
CA ALA A 7 -24.43 -13.20 15.61
C ALA A 7 -24.76 -13.80 14.23
N LEU A 8 -25.46 -14.93 14.25
CA LEU A 8 -25.85 -15.67 13.05
C LEU A 8 -27.16 -15.06 12.51
N LYS A 9 -27.06 -14.34 11.38
CA LYS A 9 -28.22 -13.73 10.71
C LYS A 9 -27.97 -13.68 9.17
N ARG A 10 -26.96 -14.49 8.72
CA ARG A 10 -26.51 -14.58 7.32
C ARG A 10 -26.03 -13.22 6.78
N ARG A 11 -25.29 -12.48 7.64
CA ARG A 11 -24.80 -11.14 7.30
C ARG A 11 -23.60 -11.20 6.32
N HIS A 12 -23.67 -10.35 5.29
CA HIS A 12 -22.56 -10.05 4.38
C HIS A 12 -22.53 -8.54 4.14
N THR A 13 -21.34 -8.00 3.84
CA THR A 13 -21.13 -6.57 3.60
C THR A 13 -20.76 -6.31 2.13
N PRO A 14 -21.75 -5.94 1.25
CA PRO A 14 -21.45 -5.35 -0.08
C PRO A 14 -21.15 -3.83 0.02
N GLU A 15 -20.74 -3.23 -1.12
CA GLU A 15 -20.37 -1.80 -1.17
C GLU A 15 -21.64 -0.93 -1.05
N ALA A 16 -22.08 -0.74 0.20
CA ALA A 16 -23.35 -0.08 0.55
C ALA A 16 -23.41 0.08 2.07
N GLU A 17 -22.92 -0.96 2.78
CA GLU A 17 -22.85 -0.99 4.26
C GLU A 17 -21.48 -0.50 4.76
N ASN A 18 -21.23 -0.69 6.07
CA ASN A 18 -20.00 -0.28 6.77
C ASN A 18 -18.74 -0.94 6.11
N PRO A 19 -17.75 -0.12 5.59
CA PRO A 19 -16.58 -0.63 4.82
C PRO A 19 -15.69 -1.66 5.58
N ALA A 20 -16.10 -2.94 5.56
CA ALA A 20 -15.38 -4.05 6.25
C ALA A 20 -14.91 -5.09 5.21
N GLU A 21 -15.85 -5.91 4.71
CA GLU A 21 -15.58 -6.89 3.63
C GLU A 21 -15.54 -6.17 2.28
N ALA A 22 -16.45 -5.21 2.13
CA ALA A 22 -16.70 -4.48 0.87
C ALA A 22 -15.50 -3.65 0.41
N ASP A 23 -14.70 -3.18 1.38
CA ASP A 23 -13.59 -2.24 1.11
C ASP A 23 -12.26 -3.00 0.97
N LEU A 24 -12.35 -4.33 0.68
CA LEU A 24 -11.19 -5.20 0.46
C LEU A 24 -10.30 -4.64 -0.70
N PRO A 25 -8.96 -4.45 -0.47
CA PRO A 25 -8.03 -3.94 -1.51
C PRO A 25 -7.97 -4.88 -2.74
N GLN A 26 -8.26 -4.32 -3.92
CA GLN A 26 -8.43 -5.07 -5.17
C GLN A 26 -7.31 -4.70 -6.16
N GLY A 27 -6.47 -5.68 -6.51
CA GLY A 27 -5.35 -5.48 -7.43
C GLY A 27 -4.08 -6.14 -6.91
N ASP A 28 -3.11 -6.36 -7.81
CA ASP A 28 -1.83 -7.03 -7.49
C ASP A 28 -1.03 -6.23 -6.45
N ILE A 29 -0.97 -4.91 -6.68
CA ILE A 29 -0.20 -3.99 -5.81
C ILE A 29 -0.94 -3.81 -4.47
N GLU A 30 -2.28 -3.65 -4.56
CA GLU A 30 -3.14 -3.44 -3.37
C GLU A 30 -3.07 -4.65 -2.41
N LYS A 31 -2.98 -5.87 -2.98
CA LYS A 31 -2.84 -7.11 -2.19
C LYS A 31 -1.47 -7.16 -1.48
N GLN A 32 -0.40 -6.79 -2.22
CA GLN A 32 0.97 -6.78 -1.70
C GLN A 32 1.10 -5.80 -0.52
N VAL A 33 0.55 -4.58 -0.71
CA VAL A 33 0.58 -3.52 0.31
C VAL A 33 -0.28 -3.92 1.52
N ALA A 34 -1.42 -4.59 1.25
CA ALA A 34 -2.35 -5.07 2.30
C ALA A 34 -1.66 -6.08 3.24
N ALA A 35 -0.99 -7.07 2.62
CA ALA A 35 -0.29 -8.13 3.34
C ALA A 35 0.84 -7.57 4.20
N LEU A 36 1.61 -6.63 3.61
CA LEU A 36 2.73 -5.96 4.30
C LEU A 36 2.23 -5.11 5.47
N TRP A 37 1.09 -4.43 5.31
CA TRP A 37 0.47 -3.65 6.40
C TRP A 37 -0.04 -4.57 7.52
N GLN A 38 -0.55 -5.76 7.16
CA GLN A 38 -1.09 -6.72 8.14
C GLN A 38 0.03 -7.39 8.97
N GLN A 39 1.25 -7.46 8.39
CA GLN A 39 2.43 -7.98 9.11
C GLN A 39 3.09 -6.86 9.92
N LEU A 40 3.53 -5.80 9.21
CA LEU A 40 4.31 -4.70 9.78
C LEU A 40 3.53 -3.89 10.86
N LEU A 41 2.21 -3.65 10.64
CA LEU A 41 1.37 -2.93 11.63
C LEU A 41 0.85 -3.89 12.71
N SER A 42 0.93 -5.21 12.42
CA SER A 42 0.39 -6.28 13.29
C SER A 42 -1.15 -6.17 13.36
N THR A 43 -1.78 -6.09 12.17
CA THR A 43 -3.24 -5.91 12.04
C THR A 43 -3.90 -7.17 11.46
N GLY A 44 -5.21 -7.34 11.78
CA GLY A 44 -5.99 -8.49 11.31
C GLY A 44 -6.44 -8.34 9.86
N ASN A 45 -6.92 -7.14 9.53
CA ASN A 45 -7.46 -6.83 8.19
C ASN A 45 -7.40 -5.31 7.94
N VAL A 46 -6.39 -4.86 7.20
CA VAL A 46 -6.39 -3.50 6.63
C VAL A 46 -7.09 -3.53 5.26
N THR A 47 -7.99 -2.57 5.05
CA THR A 47 -8.71 -2.42 3.78
C THR A 47 -8.10 -1.26 2.94
N ARG A 48 -8.60 -1.05 1.72
CA ARG A 48 -7.99 -0.13 0.73
C ARG A 48 -8.01 1.35 1.17
N GLU A 49 -9.01 1.73 1.98
CA GLU A 49 -9.13 3.09 2.52
C GLU A 49 -8.81 3.11 4.01
N THR A 50 -7.97 2.16 4.47
CA THR A 50 -7.35 2.20 5.79
C THR A 50 -6.13 3.13 5.73
N ASP A 51 -5.96 3.95 6.78
CA ASP A 51 -4.86 4.93 6.87
C ASP A 51 -3.69 4.33 7.66
N PHE A 52 -2.47 4.42 7.10
CA PHE A 52 -1.26 3.79 7.66
C PHE A 52 -0.94 4.27 9.09
N PHE A 53 -0.66 5.58 9.22
CA PHE A 53 -0.21 6.19 10.48
C PHE A 53 -1.34 6.26 11.51
N GLN A 54 -2.58 6.43 11.02
CA GLN A 54 -3.79 6.48 11.87
C GLN A 54 -4.07 5.10 12.49
N GLN A 55 -3.80 4.03 11.70
CA GLN A 55 -3.91 2.62 12.17
C GLN A 55 -2.82 2.31 13.23
N GLY A 56 -1.75 3.15 13.26
CA GLY A 56 -0.68 3.04 14.25
C GLY A 56 0.71 2.85 13.63
N GLY A 57 0.82 3.13 12.32
CA GLY A 57 2.11 3.04 11.63
C GLY A 57 3.07 4.15 12.02
N ASP A 58 4.31 3.79 12.36
CA ASP A 58 5.33 4.74 12.81
C ASP A 58 6.20 5.18 11.60
N SER A 59 6.98 6.26 11.79
CA SER A 59 7.95 6.74 10.80
C SER A 59 9.02 5.68 10.42
N LEU A 60 9.59 5.02 11.46
CA LEU A 60 10.56 3.92 11.28
C LEU A 60 9.90 2.71 10.60
N LEU A 61 8.66 2.42 11.02
CA LEU A 61 7.84 1.33 10.46
C LEU A 61 7.53 1.64 8.96
N ALA A 62 7.38 2.94 8.66
CA ALA A 62 7.11 3.42 7.30
C ALA A 62 8.34 3.26 6.39
N THR A 63 9.54 3.39 6.99
CA THR A 63 10.82 3.16 6.29
C THR A 63 10.99 1.67 5.95
N ARG A 64 10.51 0.81 6.87
CA ARG A 64 10.49 -0.65 6.68
C ARG A 64 9.48 -1.04 5.60
N LEU A 65 8.30 -0.38 5.62
CA LEU A 65 7.18 -0.69 4.72
C LEU A 65 7.59 -0.43 3.26
N THR A 66 8.16 0.76 3.02
CA THR A 66 8.68 1.16 1.71
C THR A 66 9.83 0.23 1.28
N GLY A 67 10.67 -0.14 2.26
CA GLY A 67 11.79 -1.07 2.06
C GLY A 67 11.36 -2.47 1.61
N GLN A 68 10.27 -2.99 2.23
CA GLN A 68 9.70 -4.31 1.91
C GLN A 68 9.19 -4.35 0.46
N LEU A 69 8.60 -3.21 0.04
CA LEU A 69 8.13 -2.99 -1.32
C LEU A 69 9.29 -3.02 -2.31
N HIS A 70 10.44 -2.39 -1.94
CA HIS A 70 11.66 -2.37 -2.78
C HIS A 70 12.21 -3.78 -3.04
N GLN A 71 12.07 -4.64 -2.02
CA GLN A 71 12.49 -6.05 -2.10
C GLN A 71 11.50 -6.85 -2.97
N ALA A 72 10.24 -6.39 -3.02
CA ALA A 72 9.20 -6.93 -3.91
C ALA A 72 9.24 -6.29 -5.32
N GLY A 73 10.27 -5.43 -5.55
CA GLY A 73 10.50 -4.81 -6.86
C GLY A 73 9.60 -3.61 -7.13
N TYR A 74 9.22 -2.90 -6.06
CA TYR A 74 8.36 -1.70 -6.12
C TYR A 74 9.09 -0.50 -5.50
N GLU A 75 9.19 0.60 -6.25
CA GLU A 75 9.83 1.83 -5.77
C GLU A 75 8.80 2.60 -4.90
N ALA A 76 9.23 2.95 -3.69
CA ALA A 76 8.35 3.49 -2.65
C ALA A 76 9.08 4.56 -1.85
N GLN A 77 8.39 5.66 -1.54
CA GLN A 77 8.92 6.75 -0.70
C GLN A 77 8.03 6.96 0.52
N LEU A 78 8.67 7.29 1.65
CA LEU A 78 8.00 7.60 2.93
C LEU A 78 7.19 8.90 2.77
N SER A 79 7.71 9.80 1.89
CA SER A 79 7.05 11.06 1.54
C SER A 79 5.61 10.82 1.04
N ASP A 80 5.45 9.73 0.28
CA ASP A 80 4.16 9.32 -0.31
C ASP A 80 3.28 8.60 0.70
N LEU A 81 3.86 8.09 1.80
CA LEU A 81 3.09 7.37 2.85
C LEU A 81 2.25 8.35 3.70
N PHE A 82 2.87 9.46 4.16
CA PHE A 82 2.13 10.48 4.95
C PHE A 82 1.29 11.38 4.02
N ASN A 83 1.70 11.50 2.74
CA ASN A 83 0.95 12.28 1.73
C ASN A 83 -0.25 11.47 1.19
N HIS A 84 -0.09 10.14 1.13
CA HIS A 84 -1.14 9.20 0.68
C HIS A 84 -1.36 8.18 1.81
N PRO A 85 -2.25 8.50 2.82
CA PRO A 85 -2.44 7.65 4.01
C PRO A 85 -3.13 6.32 3.69
N ARG A 86 -4.01 6.33 2.68
CA ARG A 86 -4.82 5.16 2.31
C ARG A 86 -3.96 4.09 1.62
N LEU A 87 -4.38 2.83 1.76
CA LEU A 87 -3.66 1.66 1.22
C LEU A 87 -3.56 1.72 -0.30
N ALA A 88 -4.73 1.84 -0.97
CA ALA A 88 -4.81 1.82 -2.46
C ALA A 88 -4.33 3.15 -3.06
N ASP A 89 -4.42 4.23 -2.26
CA ASP A 89 -3.98 5.58 -2.64
C ASP A 89 -2.44 5.68 -2.63
N PHE A 90 -1.82 4.94 -1.72
CA PHE A 90 -0.35 4.78 -1.67
C PHE A 90 0.11 3.78 -2.75
N ALA A 91 -0.70 2.72 -2.94
CA ALA A 91 -0.42 1.63 -3.89
C ALA A 91 -0.47 2.13 -5.35
N ALA A 92 -1.34 3.11 -5.60
CA ALA A 92 -1.48 3.75 -6.93
C ALA A 92 -0.25 4.63 -7.26
N THR A 93 0.39 5.19 -6.21
CA THR A 93 1.59 6.03 -6.34
C THR A 93 2.89 5.22 -6.20
N LEU A 94 2.77 3.88 -6.16
CA LEU A 94 3.94 2.98 -6.19
C LEU A 94 4.39 2.73 -7.63
N ARG A 95 5.71 2.68 -7.80
CA ARG A 95 6.35 2.37 -9.09
C ARG A 95 6.85 0.93 -9.03
N LYS A 96 7.11 0.31 -10.18
CA LYS A 96 7.84 -0.97 -10.26
C LYS A 96 9.33 -0.69 -10.50
N THR A 97 10.17 -0.95 -9.48
CA THR A 97 11.63 -0.80 -9.57
C THR A 97 12.21 -1.78 -10.61
N ASP A 98 13.20 -1.33 -11.38
CA ASP A 98 13.97 -2.22 -12.26
C ASP A 98 14.80 -3.17 -11.38
N VAL A 99 14.38 -4.44 -11.34
CA VAL A 99 15.10 -5.50 -10.63
C VAL A 99 16.50 -5.73 -11.27
N PRO A 100 17.55 -6.15 -10.48
CA PRO A 100 18.96 -6.20 -10.95
C PRO A 100 19.28 -7.20 -12.11
N VAL A 101 18.24 -7.72 -12.80
CA VAL A 101 18.41 -8.57 -14.00
C VAL A 101 18.83 -7.73 -15.23
N GLU A 102 18.57 -6.40 -15.17
CA GLU A 102 18.91 -5.46 -16.25
C GLU A 102 20.43 -5.14 -16.27
N GLN A 103 20.82 -4.15 -17.10
CA GLN A 103 22.23 -3.80 -17.34
C GLN A 103 22.46 -2.29 -17.11
N PRO A 104 23.74 -1.82 -16.86
CA PRO A 104 24.06 -0.38 -16.78
C PRO A 104 23.80 0.34 -18.11
N PHE A 105 22.58 0.86 -18.29
CA PHE A 105 22.19 1.66 -19.46
C PHE A 105 21.85 3.07 -18.99
N VAL A 106 22.48 4.08 -19.60
CA VAL A 106 22.37 5.49 -19.17
C VAL A 106 21.12 6.20 -19.76
N HIS A 107 19.94 5.56 -19.57
CA HIS A 107 18.64 6.11 -20.01
C HIS A 107 18.22 7.28 -19.07
N SER A 108 18.74 7.23 -17.84
CA SER A 108 18.59 8.32 -16.86
C SER A 108 19.48 9.52 -17.27
N PRO A 109 19.04 10.81 -16.98
CA PRO A 109 19.74 12.03 -17.44
C PRO A 109 21.23 12.11 -17.03
N GLU A 110 21.55 11.52 -15.85
CA GLU A 110 22.89 11.55 -15.24
C GLU A 110 23.30 13.01 -15.02
N ASP A 111 22.69 13.62 -14.01
CA ASP A 111 22.92 15.03 -13.64
C ASP A 111 24.26 15.20 -12.88
N GLY A 1 -0.17 34.99 -13.00
CA GLY A 1 -0.36 34.64 -11.56
C GLY A 1 -0.83 33.21 -11.35
N THR A 2 -0.92 32.78 -10.08
CA THR A 2 -1.36 31.43 -9.70
C THR A 2 -2.89 31.35 -9.70
N ILE A 3 -3.45 30.42 -10.49
CA ILE A 3 -4.91 30.14 -10.49
C ILE A 3 -5.27 29.26 -9.29
N ASP A 4 -6.57 29.26 -8.91
CA ASP A 4 -7.08 28.42 -7.83
C ASP A 4 -7.33 27.00 -8.38
N TYR A 5 -6.23 26.24 -8.51
CA TYR A 5 -6.24 24.85 -9.01
C TYR A 5 -6.55 23.88 -7.85
N GLN A 6 -6.22 24.31 -6.61
CA GLN A 6 -6.54 23.57 -5.38
C GLN A 6 -8.06 23.67 -5.07
N ALA A 7 -8.74 24.64 -5.70
CA ALA A 7 -10.21 24.69 -5.71
C ALA A 7 -10.78 23.46 -6.44
N LEU A 8 -10.09 23.07 -7.54
CA LEU A 8 -10.42 21.86 -8.31
C LEU A 8 -9.92 20.61 -7.55
N LYS A 9 -8.74 20.72 -6.92
CA LYS A 9 -8.12 19.63 -6.15
C LYS A 9 -8.48 19.75 -4.66
N ARG A 10 -9.65 19.23 -4.29
CA ARG A 10 -10.09 19.18 -2.89
C ARG A 10 -9.95 17.73 -2.38
N ARG A 11 -8.87 17.49 -1.61
CA ARG A 11 -8.54 16.18 -1.04
C ARG A 11 -9.52 15.84 0.10
N HIS A 12 -9.73 14.53 0.34
CA HIS A 12 -10.59 14.06 1.44
C HIS A 12 -10.17 12.65 1.88
N THR A 13 -10.32 12.38 3.18
CA THR A 13 -10.21 11.04 3.77
C THR A 13 -11.62 10.65 4.30
N PRO A 14 -12.06 9.35 4.18
CA PRO A 14 -13.38 8.90 4.72
C PRO A 14 -13.58 9.25 6.20
N GLU A 15 -14.84 9.53 6.58
CA GLU A 15 -15.22 9.97 7.94
C GLU A 15 -14.85 8.90 8.99
N ALA A 16 -15.33 7.67 8.76
CA ALA A 16 -15.13 6.54 9.68
C ALA A 16 -13.81 5.80 9.38
N GLU A 17 -13.50 5.63 8.06
CA GLU A 17 -12.33 4.83 7.57
C GLU A 17 -12.40 3.34 8.03
N ASN A 18 -11.22 2.65 8.05
CA ASN A 18 -11.07 1.28 8.63
C ASN A 18 -11.81 0.23 7.76
N PRO A 19 -11.79 -1.10 8.10
CA PRO A 19 -12.71 -2.10 7.46
C PRO A 19 -14.15 -2.03 8.03
N ALA A 20 -14.70 -0.80 8.15
CA ALA A 20 -16.03 -0.59 8.70
C ALA A 20 -17.11 -1.13 7.76
N GLU A 21 -17.16 -0.57 6.53
CA GLU A 21 -18.18 -0.91 5.53
C GLU A 21 -17.77 -2.20 4.76
N ALA A 22 -16.96 -2.04 3.69
CA ALA A 22 -16.55 -3.17 2.81
C ALA A 22 -15.56 -2.65 1.77
N ASP A 23 -14.38 -2.27 2.25
CA ASP A 23 -13.35 -1.57 1.46
C ASP A 23 -12.14 -2.48 1.22
N LEU A 24 -12.32 -3.82 1.37
CA LEU A 24 -11.20 -4.79 1.40
C LEU A 24 -10.34 -4.72 0.10
N PRO A 25 -8.98 -4.78 0.25
CA PRO A 25 -8.05 -4.50 -0.87
C PRO A 25 -8.10 -5.59 -1.96
N GLN A 26 -8.46 -5.18 -3.17
CA GLN A 26 -8.72 -6.07 -4.31
C GLN A 26 -7.87 -5.64 -5.51
N GLY A 27 -6.81 -6.41 -5.77
CA GLY A 27 -5.83 -6.12 -6.82
C GLY A 27 -4.46 -6.69 -6.45
N ASP A 28 -3.52 -6.70 -7.41
CA ASP A 28 -2.17 -7.26 -7.19
C ASP A 28 -1.41 -6.43 -6.16
N ILE A 29 -1.32 -5.12 -6.43
CA ILE A 29 -0.57 -4.17 -5.59
C ILE A 29 -1.33 -3.91 -4.27
N GLU A 30 -2.68 -3.88 -4.33
CA GLU A 30 -3.52 -3.61 -3.16
C GLU A 30 -3.39 -4.72 -2.10
N LYS A 31 -3.49 -5.98 -2.55
CA LYS A 31 -3.36 -7.17 -1.68
C LYS A 31 -1.92 -7.33 -1.15
N GLN A 32 -0.94 -6.90 -1.96
CA GLN A 32 0.49 -7.00 -1.63
C GLN A 32 0.88 -6.01 -0.52
N VAL A 33 0.54 -4.73 -0.73
CA VAL A 33 0.77 -3.66 0.27
C VAL A 33 -0.04 -3.97 1.56
N ALA A 34 -1.26 -4.52 1.38
CA ALA A 34 -2.12 -4.94 2.50
C ALA A 34 -1.46 -6.03 3.34
N ALA A 35 -0.83 -7.02 2.66
CA ALA A 35 -0.12 -8.11 3.33
C ALA A 35 0.98 -7.56 4.23
N LEU A 36 1.75 -6.59 3.68
CA LEU A 36 2.89 -5.94 4.39
C LEU A 36 2.39 -5.14 5.62
N TRP A 37 1.29 -4.37 5.44
CA TRP A 37 0.69 -3.60 6.56
C TRP A 37 0.18 -4.57 7.66
N GLN A 38 -0.34 -5.74 7.25
CA GLN A 38 -0.83 -6.77 8.20
C GLN A 38 0.32 -7.51 8.89
N GLN A 39 1.56 -7.44 8.35
CA GLN A 39 2.76 -7.99 9.02
C GLN A 39 3.30 -6.96 10.02
N LEU A 40 3.75 -5.80 9.48
CA LEU A 40 4.46 -4.75 10.24
C LEU A 40 3.57 -4.15 11.36
N LEU A 41 2.28 -3.90 11.05
CA LEU A 41 1.33 -3.34 12.04
C LEU A 41 0.62 -4.47 12.82
N SER A 42 0.67 -5.71 12.26
CA SER A 42 0.11 -6.92 12.88
C SER A 42 -1.44 -6.84 12.98
N THR A 43 -2.05 -6.38 11.87
CA THR A 43 -3.47 -6.01 11.81
C THR A 43 -4.33 -7.11 11.16
N GLY A 44 -5.65 -7.07 11.45
CA GLY A 44 -6.63 -8.01 10.88
C GLY A 44 -6.94 -7.67 9.43
N ASN A 45 -7.51 -6.48 9.22
CA ASN A 45 -7.87 -5.98 7.88
C ASN A 45 -7.50 -4.51 7.73
N VAL A 46 -6.35 -4.26 7.09
CA VAL A 46 -6.08 -2.96 6.46
C VAL A 46 -6.75 -2.96 5.08
N THR A 47 -7.58 -1.95 4.82
CA THR A 47 -8.38 -1.89 3.60
C THR A 47 -7.96 -0.69 2.73
N ARG A 48 -8.65 -0.55 1.58
CA ARG A 48 -8.43 0.52 0.58
C ARG A 48 -8.24 1.92 1.21
N GLU A 49 -9.14 2.26 2.14
CA GLU A 49 -9.21 3.60 2.73
C GLU A 49 -8.82 3.59 4.22
N THR A 50 -8.01 2.60 4.61
CA THR A 50 -7.29 2.60 5.89
C THR A 50 -5.96 3.35 5.71
N ASP A 51 -5.61 4.19 6.70
CA ASP A 51 -4.32 4.90 6.75
C ASP A 51 -3.33 4.09 7.58
N PHE A 52 -2.06 4.07 7.12
CA PHE A 52 -0.94 3.37 7.76
C PHE A 52 -0.74 3.86 9.20
N PHE A 53 -0.64 5.19 9.34
CA PHE A 53 -0.28 5.85 10.61
C PHE A 53 -1.37 5.65 11.68
N GLN A 54 -2.63 5.87 11.26
CA GLN A 54 -3.82 5.71 12.13
C GLN A 54 -3.96 4.25 12.62
N GLN A 55 -3.54 3.31 11.76
CA GLN A 55 -3.69 1.85 12.01
C GLN A 55 -2.46 1.29 12.81
N GLY A 56 -1.77 2.19 13.55
CA GLY A 56 -0.65 1.80 14.42
C GLY A 56 0.70 1.87 13.73
N GLY A 57 0.74 2.65 12.64
CA GLY A 57 1.97 2.90 11.88
C GLY A 57 2.65 4.19 12.27
N ASP A 58 3.94 4.27 11.96
CA ASP A 58 4.77 5.46 12.19
C ASP A 58 5.84 5.53 11.07
N SER A 59 6.52 6.69 10.95
CA SER A 59 7.60 6.91 9.98
C SER A 59 8.73 5.84 10.11
N LEU A 60 8.94 5.34 11.35
CA LEU A 60 9.90 4.26 11.66
C LEU A 60 9.47 2.95 10.94
N LEU A 61 8.21 2.55 11.18
CA LEU A 61 7.60 1.34 10.58
C LEU A 61 7.43 1.52 9.06
N ALA A 62 7.30 2.78 8.63
CA ALA A 62 7.06 3.17 7.23
C ALA A 62 8.32 3.03 6.39
N THR A 63 9.47 3.32 7.00
CA THR A 63 10.80 3.12 6.38
C THR A 63 11.04 1.63 6.07
N ARG A 64 10.50 0.76 6.94
CA ARG A 64 10.61 -0.70 6.80
C ARG A 64 9.54 -1.24 5.83
N LEU A 65 8.36 -0.58 5.80
CA LEU A 65 7.24 -0.95 4.94
C LEU A 65 7.63 -0.72 3.46
N THR A 66 8.10 0.50 3.20
CA THR A 66 8.57 0.91 1.89
C THR A 66 9.86 0.15 1.51
N GLY A 67 10.66 -0.18 2.54
CA GLY A 67 11.82 -1.06 2.42
C GLY A 67 11.46 -2.47 1.92
N GLN A 68 10.32 -3.02 2.41
CA GLN A 68 9.78 -4.32 1.95
C GLN A 68 9.40 -4.22 0.46
N LEU A 69 8.81 -3.07 0.07
CA LEU A 69 8.42 -2.80 -1.32
C LEU A 69 9.65 -2.69 -2.25
N HIS A 70 10.79 -2.19 -1.70
CA HIS A 70 12.08 -2.14 -2.47
C HIS A 70 12.52 -3.54 -2.89
N GLN A 71 12.32 -4.49 -1.97
CA GLN A 71 12.67 -5.92 -2.16
C GLN A 71 11.65 -6.59 -3.13
N ALA A 72 10.45 -6.00 -3.22
CA ALA A 72 9.38 -6.44 -4.14
C ALA A 72 9.50 -5.75 -5.52
N GLY A 73 10.51 -4.88 -5.69
CA GLY A 73 10.75 -4.19 -6.96
C GLY A 73 9.84 -2.98 -7.17
N TYR A 74 9.50 -2.31 -6.08
CA TYR A 74 8.73 -1.04 -6.08
C TYR A 74 9.56 0.05 -5.38
N GLU A 75 9.60 1.23 -5.97
CA GLU A 75 10.23 2.40 -5.37
C GLU A 75 9.16 3.11 -4.53
N ALA A 76 9.39 3.16 -3.21
CA ALA A 76 8.45 3.71 -2.23
C ALA A 76 9.26 4.37 -1.11
N GLN A 77 8.79 5.53 -0.64
CA GLN A 77 9.44 6.33 0.43
C GLN A 77 8.33 6.81 1.40
N LEU A 78 8.72 7.26 2.60
CA LEU A 78 7.82 7.89 3.59
C LEU A 78 7.00 9.05 2.94
N SER A 79 7.61 9.71 1.94
CA SER A 79 6.99 10.78 1.16
C SER A 79 5.68 10.30 0.48
N ASP A 80 5.70 9.07 -0.05
CA ASP A 80 4.52 8.43 -0.66
C ASP A 80 3.43 8.12 0.39
N LEU A 81 3.85 7.50 1.52
CA LEU A 81 2.93 7.05 2.59
C LEU A 81 2.20 8.21 3.28
N PHE A 82 2.86 9.38 3.34
CA PHE A 82 2.27 10.57 3.97
C PHE A 82 1.42 11.36 2.95
N ASN A 83 1.96 11.53 1.72
CA ASN A 83 1.24 12.24 0.62
C ASN A 83 0.01 11.43 0.15
N HIS A 84 0.04 10.11 0.41
CA HIS A 84 -1.05 9.17 0.09
C HIS A 84 -1.27 8.24 1.31
N PRO A 85 -1.99 8.73 2.38
CA PRO A 85 -2.24 7.95 3.64
C PRO A 85 -3.01 6.64 3.39
N ARG A 86 -4.06 6.69 2.53
CA ARG A 86 -4.90 5.51 2.23
C ARG A 86 -4.11 4.46 1.42
N LEU A 87 -4.43 3.17 1.66
CA LEU A 87 -3.70 2.02 1.11
C LEU A 87 -3.71 2.03 -0.43
N ALA A 88 -4.89 2.24 -1.01
CA ALA A 88 -5.08 2.13 -2.48
C ALA A 88 -4.48 3.34 -3.19
N ASP A 89 -4.51 4.50 -2.51
CA ASP A 89 -3.94 5.75 -3.06
C ASP A 89 -2.39 5.67 -3.05
N PHE A 90 -1.86 4.98 -2.04
CA PHE A 90 -0.43 4.66 -1.92
C PHE A 90 -0.03 3.57 -2.94
N ALA A 91 -0.91 2.59 -3.13
CA ALA A 91 -0.71 1.48 -4.08
C ALA A 91 -0.77 2.00 -5.53
N ALA A 92 -1.53 3.09 -5.72
CA ALA A 92 -1.69 3.76 -7.02
C ALA A 92 -0.42 4.52 -7.43
N THR A 93 0.28 5.10 -6.43
CA THR A 93 1.47 5.95 -6.67
C THR A 93 2.77 5.13 -6.73
N LEU A 94 2.70 3.81 -6.43
CA LEU A 94 3.89 2.93 -6.45
C LEU A 94 4.40 2.75 -7.89
N ARG A 95 5.67 3.13 -8.08
CA ARG A 95 6.39 2.99 -9.36
C ARG A 95 7.21 1.70 -9.33
N LYS A 96 7.09 0.84 -10.36
CA LYS A 96 7.85 -0.41 -10.44
C LYS A 96 9.31 -0.12 -10.78
N THR A 97 10.21 -0.49 -9.84
CA THR A 97 11.65 -0.34 -10.00
C THR A 97 12.20 -1.37 -10.99
N ASP A 98 13.00 -0.88 -11.95
CA ASP A 98 13.75 -1.71 -12.90
C ASP A 98 14.82 -2.49 -12.10
N VAL A 99 14.54 -3.78 -11.87
CA VAL A 99 15.34 -4.62 -10.95
C VAL A 99 16.71 -5.03 -11.56
N PRO A 100 17.77 -5.32 -10.69
CA PRO A 100 19.15 -5.66 -11.13
C PRO A 100 19.24 -6.65 -12.31
N VAL A 101 18.37 -7.68 -12.31
CA VAL A 101 18.27 -8.61 -13.45
C VAL A 101 17.66 -7.87 -14.67
N GLU A 102 18.56 -7.46 -15.58
CA GLU A 102 18.28 -6.56 -16.72
C GLU A 102 17.22 -7.15 -17.68
N GLN A 103 16.47 -6.24 -18.33
CA GLN A 103 15.34 -6.55 -19.21
C GLN A 103 14.18 -7.23 -18.42
N PRO A 104 13.70 -6.60 -17.28
CA PRO A 104 12.68 -7.21 -16.37
C PRO A 104 11.31 -7.35 -17.05
N PHE A 105 10.93 -6.27 -17.76
CA PHE A 105 9.68 -6.18 -18.54
C PHE A 105 10.03 -6.07 -20.04
N VAL A 106 11.19 -6.67 -20.42
CA VAL A 106 11.84 -6.51 -21.73
C VAL A 106 12.32 -5.05 -21.90
N HIS A 107 13.64 -4.81 -21.73
CA HIS A 107 14.25 -3.51 -22.05
C HIS A 107 14.32 -3.40 -23.57
N SER A 108 13.36 -2.67 -24.14
CA SER A 108 13.30 -2.37 -25.56
C SER A 108 14.49 -1.46 -25.97
N PRO A 109 15.02 -1.56 -27.23
CA PRO A 109 15.96 -0.55 -27.76
C PRO A 109 15.30 0.85 -27.69
N GLU A 110 15.95 1.77 -26.95
CA GLU A 110 15.41 3.12 -26.69
C GLU A 110 15.06 3.87 -27.99
N ASP A 111 16.04 3.89 -28.92
CA ASP A 111 15.88 4.46 -30.28
C ASP A 111 17.11 4.08 -31.13
N GLY A 1 -18.54 16.34 1.53
CA GLY A 1 -18.57 14.90 1.18
C GLY A 1 -17.19 14.27 1.06
N THR A 2 -16.12 15.07 1.28
CA THR A 2 -14.72 14.59 1.22
C THR A 2 -14.26 14.05 2.60
N ILE A 3 -13.14 13.29 2.61
CA ILE A 3 -12.56 12.71 3.84
C ILE A 3 -11.96 13.81 4.75
N ASP A 4 -12.78 14.29 5.71
CA ASP A 4 -12.37 15.29 6.70
C ASP A 4 -11.30 14.69 7.64
N TYR A 5 -10.22 15.46 7.85
CA TYR A 5 -9.02 15.02 8.57
C TYR A 5 -9.32 14.64 10.05
N GLN A 6 -10.29 15.34 10.67
CA GLN A 6 -10.67 15.11 12.08
C GLN A 6 -11.74 14.01 12.20
N ALA A 7 -12.63 13.91 11.20
CA ALA A 7 -13.68 12.86 11.17
C ALA A 7 -13.06 11.47 10.89
N LEU A 8 -11.93 11.48 10.16
CA LEU A 8 -11.10 10.30 9.91
C LEU A 8 -10.29 9.95 11.16
N LYS A 9 -9.79 11.01 11.84
CA LYS A 9 -8.95 10.88 13.03
C LYS A 9 -9.79 10.52 14.27
N ARG A 10 -9.80 9.23 14.61
CA ARG A 10 -10.51 8.75 15.80
C ARG A 10 -9.90 7.42 16.25
N ARG A 11 -9.54 6.57 15.26
CA ARG A 11 -9.11 5.18 15.48
C ARG A 11 -10.24 4.37 16.14
N HIS A 12 -11.49 4.75 15.78
CA HIS A 12 -12.71 4.07 16.21
C HIS A 12 -12.68 2.63 15.67
N THR A 13 -12.34 1.68 16.57
CA THR A 13 -12.12 0.27 16.24
C THR A 13 -13.32 -0.30 15.43
N PRO A 14 -13.10 -0.63 14.12
CA PRO A 14 -14.19 -1.08 13.22
C PRO A 14 -14.45 -2.59 13.34
N GLU A 15 -14.54 -3.06 14.61
CA GLU A 15 -14.85 -4.45 14.96
C GLU A 15 -16.36 -4.68 14.69
N ALA A 16 -16.69 -4.78 13.40
CA ALA A 16 -18.05 -4.76 12.86
C ALA A 16 -18.02 -4.99 11.34
N GLU A 17 -19.19 -4.88 10.69
CA GLU A 17 -19.34 -4.98 9.22
C GLU A 17 -19.68 -3.59 8.65
N ASN A 18 -18.82 -2.61 8.99
CA ASN A 18 -18.90 -1.20 8.51
C ASN A 18 -18.27 -1.08 7.10
N PRO A 19 -18.42 0.11 6.39
CA PRO A 19 -17.63 0.43 5.17
C PRO A 19 -16.11 0.39 5.44
N ALA A 20 -15.56 -0.83 5.37
CA ALA A 20 -14.16 -1.15 5.65
C ALA A 20 -13.88 -2.57 5.17
N GLU A 21 -14.52 -3.57 5.82
CA GLU A 21 -14.26 -5.00 5.54
C GLU A 21 -14.88 -5.49 4.21
N ALA A 22 -15.92 -4.80 3.74
CA ALA A 22 -16.47 -5.01 2.37
C ALA A 22 -15.67 -4.19 1.34
N ASP A 23 -14.82 -3.30 1.84
CA ASP A 23 -13.90 -2.46 1.04
C ASP A 23 -12.48 -3.08 1.09
N LEU A 24 -12.41 -4.40 1.28
CA LEU A 24 -11.14 -5.16 1.34
C LEU A 24 -10.29 -4.95 0.07
N PRO A 25 -8.92 -5.03 0.16
CA PRO A 25 -8.00 -4.69 -0.96
C PRO A 25 -8.23 -5.57 -2.21
N GLN A 26 -8.50 -4.90 -3.34
CA GLN A 26 -8.84 -5.54 -4.62
C GLN A 26 -7.81 -5.10 -5.66
N GLY A 27 -7.01 -6.04 -6.15
CA GLY A 27 -5.96 -5.77 -7.15
C GLY A 27 -4.62 -6.30 -6.69
N ASP A 28 -3.73 -6.59 -7.64
CA ASP A 28 -2.47 -7.30 -7.39
C ASP A 28 -1.48 -6.46 -6.54
N ILE A 29 -1.41 -5.14 -6.80
CA ILE A 29 -0.57 -4.20 -6.03
C ILE A 29 -1.25 -3.88 -4.68
N GLU A 30 -2.59 -3.68 -4.70
CA GLU A 30 -3.35 -3.21 -3.53
C GLU A 30 -3.35 -4.27 -2.41
N LYS A 31 -3.49 -5.55 -2.80
CA LYS A 31 -3.44 -6.69 -1.87
C LYS A 31 -2.01 -6.90 -1.33
N GLN A 32 -1.00 -6.58 -2.17
CA GLN A 32 0.43 -6.73 -1.84
C GLN A 32 0.82 -5.80 -0.69
N VAL A 33 0.52 -4.50 -0.89
CA VAL A 33 0.74 -3.44 0.10
C VAL A 33 0.03 -3.79 1.42
N ALA A 34 -1.24 -4.19 1.29
CA ALA A 34 -2.10 -4.56 2.42
C ALA A 34 -1.51 -5.69 3.26
N ALA A 35 -1.05 -6.74 2.56
CA ALA A 35 -0.49 -7.94 3.19
C ALA A 35 0.74 -7.58 4.05
N LEU A 36 1.57 -6.66 3.52
CA LEU A 36 2.79 -6.17 4.20
C LEU A 36 2.43 -5.34 5.45
N TRP A 37 1.39 -4.48 5.34
CA TRP A 37 0.88 -3.67 6.47
C TRP A 37 0.34 -4.58 7.59
N GLN A 38 -0.25 -5.72 7.20
CA GLN A 38 -0.82 -6.69 8.16
C GLN A 38 0.29 -7.43 8.93
N GLN A 39 1.47 -7.59 8.31
CA GLN A 39 2.64 -8.18 8.98
C GLN A 39 3.24 -7.18 10.00
N LEU A 40 3.58 -5.99 9.48
CA LEU A 40 4.33 -4.94 10.20
C LEU A 40 3.50 -4.25 11.30
N LEU A 41 2.27 -3.81 10.96
CA LEU A 41 1.35 -3.18 11.94
C LEU A 41 0.70 -4.22 12.88
N SER A 42 0.84 -5.52 12.52
CA SER A 42 0.29 -6.66 13.28
C SER A 42 -1.26 -6.57 13.34
N THR A 43 -1.85 -6.24 12.17
CA THR A 43 -3.30 -6.03 12.01
C THR A 43 -3.95 -7.28 11.39
N GLY A 44 -5.24 -7.51 11.70
CA GLY A 44 -6.01 -8.63 11.15
C GLY A 44 -6.28 -8.47 9.67
N ASN A 45 -6.76 -7.29 9.29
CA ASN A 45 -7.01 -6.93 7.88
C ASN A 45 -7.04 -5.41 7.75
N VAL A 46 -6.03 -4.86 7.06
CA VAL A 46 -6.07 -3.48 6.57
C VAL A 46 -6.72 -3.47 5.17
N THR A 47 -7.65 -2.55 4.95
CA THR A 47 -8.44 -2.46 3.73
C THR A 47 -8.06 -1.19 2.94
N ARG A 48 -8.76 -0.93 1.81
CA ARG A 48 -8.42 0.18 0.89
C ARG A 48 -8.47 1.57 1.61
N GLU A 49 -9.37 1.71 2.61
CA GLU A 49 -9.60 2.98 3.33
C GLU A 49 -8.85 3.04 4.66
N THR A 50 -7.93 2.07 4.89
CA THR A 50 -7.01 2.12 6.01
C THR A 50 -5.85 3.06 5.68
N ASP A 51 -5.68 4.08 6.51
CA ASP A 51 -4.57 5.03 6.42
C ASP A 51 -3.45 4.57 7.37
N PHE A 52 -2.23 4.38 6.83
CA PHE A 52 -1.08 3.78 7.55
C PHE A 52 -0.81 4.44 8.92
N PHE A 53 -0.59 5.76 8.89
CA PHE A 53 -0.22 6.56 10.08
C PHE A 53 -1.40 6.70 11.05
N GLN A 54 -2.62 6.68 10.47
CA GLN A 54 -3.89 6.82 11.20
C GLN A 54 -4.28 5.47 11.87
N GLN A 55 -3.71 4.36 11.37
CA GLN A 55 -3.93 3.00 11.91
C GLN A 55 -3.05 2.75 13.16
N GLY A 56 -1.97 3.53 13.30
CA GLY A 56 -1.01 3.37 14.40
C GLY A 56 0.41 3.06 13.91
N GLY A 57 0.65 3.27 12.61
CA GLY A 57 2.00 3.17 12.03
C GLY A 57 2.72 4.50 12.08
N ASP A 58 4.05 4.47 12.23
CA ASP A 58 4.90 5.69 12.25
C ASP A 58 5.86 5.69 11.06
N SER A 59 6.61 6.79 10.90
CA SER A 59 7.56 6.99 9.77
C SER A 59 8.74 6.00 9.84
N LEU A 60 9.14 5.62 11.07
CA LEU A 60 10.18 4.61 11.34
C LEU A 60 9.70 3.22 10.86
N LEU A 61 8.47 2.88 11.28
CA LEU A 61 7.77 1.64 10.89
C LEU A 61 7.56 1.63 9.36
N ALA A 62 7.30 2.82 8.81
CA ALA A 62 7.02 3.04 7.39
C ALA A 62 8.27 2.80 6.52
N THR A 63 9.45 3.18 7.04
CA THR A 63 10.73 2.96 6.35
C THR A 63 11.03 1.44 6.24
N ARG A 64 10.68 0.71 7.31
CA ARG A 64 10.85 -0.75 7.37
C ARG A 64 9.80 -1.46 6.49
N LEU A 65 8.63 -0.81 6.31
CA LEU A 65 7.52 -1.31 5.47
C LEU A 65 7.90 -1.22 3.98
N THR A 66 8.39 -0.03 3.58
CA THR A 66 8.76 0.28 2.18
C THR A 66 9.88 -0.66 1.67
N GLY A 67 10.73 -1.10 2.62
CA GLY A 67 11.79 -2.08 2.37
C GLY A 67 11.34 -3.36 1.68
N GLN A 68 10.17 -3.90 2.08
CA GLN A 68 9.57 -5.11 1.46
C GLN A 68 9.24 -4.82 -0.03
N LEU A 69 8.56 -3.68 -0.27
CA LEU A 69 8.16 -3.24 -1.63
C LEU A 69 9.40 -3.10 -2.54
N HIS A 70 10.51 -2.58 -1.97
CA HIS A 70 11.80 -2.38 -2.69
C HIS A 70 12.37 -3.71 -3.20
N GLN A 71 12.31 -4.73 -2.33
CA GLN A 71 12.81 -6.09 -2.62
C GLN A 71 11.86 -6.84 -3.58
N ALA A 72 10.61 -6.35 -3.70
CA ALA A 72 9.62 -6.83 -4.69
C ALA A 72 9.78 -6.10 -6.05
N GLY A 73 10.63 -5.06 -6.07
CA GLY A 73 10.90 -4.27 -7.27
C GLY A 73 9.93 -3.10 -7.45
N TYR A 74 9.45 -2.55 -6.32
CA TYR A 74 8.58 -1.36 -6.28
C TYR A 74 9.24 -0.25 -5.46
N GLU A 75 9.41 0.94 -6.04
CA GLU A 75 9.92 2.12 -5.33
C GLU A 75 8.83 2.64 -4.36
N ALA A 76 9.23 2.81 -3.10
CA ALA A 76 8.35 3.16 -1.99
C ALA A 76 9.13 4.06 -1.01
N GLN A 77 8.65 5.29 -0.84
CA GLN A 77 9.29 6.29 0.04
C GLN A 77 8.30 6.81 1.09
N LEU A 78 8.84 7.45 2.14
CA LEU A 78 8.05 8.13 3.18
C LEU A 78 7.24 9.28 2.57
N SER A 79 7.78 9.86 1.49
CA SER A 79 7.12 10.91 0.70
C SER A 79 5.76 10.40 0.15
N ASP A 80 5.75 9.12 -0.29
CA ASP A 80 4.54 8.45 -0.80
C ASP A 80 3.54 8.16 0.35
N LEU A 81 4.03 7.49 1.42
CA LEU A 81 3.20 7.04 2.56
C LEU A 81 2.57 8.21 3.36
N PHE A 82 3.35 9.29 3.54
CA PHE A 82 2.96 10.42 4.40
C PHE A 82 1.92 11.31 3.68
N ASN A 83 2.07 11.43 2.35
CA ASN A 83 1.13 12.20 1.50
C ASN A 83 -0.09 11.36 1.12
N HIS A 84 0.11 10.03 1.00
CA HIS A 84 -0.94 9.08 0.58
C HIS A 84 -1.00 7.94 1.63
N PRO A 85 -1.66 8.16 2.81
CA PRO A 85 -1.81 7.11 3.84
C PRO A 85 -2.88 6.06 3.44
N ARG A 86 -4.01 6.54 2.88
CA ARG A 86 -5.05 5.77 2.17
C ARG A 86 -4.42 4.64 1.31
N LEU A 87 -4.66 3.38 1.71
CA LEU A 87 -3.99 2.18 1.15
C LEU A 87 -4.12 2.09 -0.38
N ALA A 88 -5.36 2.16 -0.89
CA ALA A 88 -5.65 2.03 -2.33
C ALA A 88 -4.96 3.13 -3.14
N ASP A 89 -4.92 4.33 -2.55
CA ASP A 89 -4.32 5.53 -3.15
C ASP A 89 -2.78 5.44 -3.12
N PHE A 90 -2.24 4.76 -2.08
CA PHE A 90 -0.80 4.50 -1.95
C PHE A 90 -0.34 3.45 -2.99
N ALA A 91 -1.21 2.47 -3.26
CA ALA A 91 -0.96 1.44 -4.30
C ALA A 91 -0.89 2.08 -5.71
N ALA A 92 -1.55 3.24 -5.87
CA ALA A 92 -1.57 4.01 -7.11
C ALA A 92 -0.29 4.87 -7.26
N THR A 93 0.19 5.47 -6.14
CA THR A 93 1.38 6.35 -6.16
C THR A 93 2.70 5.54 -6.28
N LEU A 94 2.60 4.23 -6.00
CA LEU A 94 3.72 3.29 -6.14
C LEU A 94 4.18 3.17 -7.59
N ARG A 95 5.48 3.02 -7.76
CA ARG A 95 6.15 2.84 -9.05
C ARG A 95 7.10 1.65 -8.91
N LYS A 96 7.66 1.15 -10.02
CA LYS A 96 8.66 0.05 -9.96
C LYS A 96 10.08 0.63 -9.79
N THR A 97 10.92 -0.10 -9.03
CA THR A 97 12.33 0.25 -8.83
C THR A 97 13.14 -0.15 -10.08
N ASP A 98 14.05 0.74 -10.52
CA ASP A 98 15.05 0.39 -11.53
C ASP A 98 16.15 -0.42 -10.84
N VAL A 99 16.39 -1.64 -11.34
CA VAL A 99 17.42 -2.55 -10.80
C VAL A 99 18.85 -1.96 -11.03
N PRO A 100 19.86 -2.31 -10.19
CA PRO A 100 21.26 -1.82 -10.36
C PRO A 100 22.06 -2.58 -11.46
N VAL A 101 21.31 -3.17 -12.44
CA VAL A 101 21.83 -4.05 -13.50
C VAL A 101 22.36 -5.38 -12.90
N GLU A 102 21.60 -6.46 -13.11
CA GLU A 102 21.96 -7.81 -12.67
C GLU A 102 23.12 -8.34 -13.52
N GLN A 103 23.05 -8.05 -14.85
CA GLN A 103 24.06 -8.44 -15.86
C GLN A 103 25.43 -7.78 -15.55
N PRO A 104 26.59 -8.39 -16.00
CA PRO A 104 27.96 -7.83 -15.79
C PRO A 104 28.07 -6.29 -16.07
N PHE A 105 27.93 -5.51 -14.98
CA PHE A 105 27.99 -4.04 -15.01
C PHE A 105 29.47 -3.61 -14.77
N VAL A 106 29.72 -2.28 -14.69
CA VAL A 106 31.05 -1.73 -14.35
C VAL A 106 31.43 -2.06 -12.89
N HIS A 107 31.95 -3.28 -12.71
CA HIS A 107 32.43 -3.84 -11.41
C HIS A 107 33.63 -4.73 -11.67
N SER A 108 34.48 -4.93 -10.65
CA SER A 108 35.65 -5.81 -10.73
C SER A 108 35.72 -6.71 -9.49
N PRO A 109 35.21 -7.99 -9.59
CA PRO A 109 35.33 -8.99 -8.50
C PRO A 109 36.81 -9.36 -8.23
N GLU A 110 37.43 -8.62 -7.31
CA GLU A 110 38.86 -8.75 -6.95
C GLU A 110 38.99 -9.17 -5.46
N ASP A 111 40.23 -9.41 -5.01
CA ASP A 111 40.51 -9.76 -3.59
C ASP A 111 40.63 -8.46 -2.75
N GLY A 1 -11.71 -23.23 -5.50
CA GLY A 1 -12.56 -22.48 -6.45
C GLY A 1 -11.74 -21.71 -7.48
N THR A 2 -12.25 -20.55 -7.91
CA THR A 2 -11.61 -19.68 -8.89
C THR A 2 -11.90 -18.21 -8.54
N ILE A 3 -10.92 -17.53 -7.90
CA ILE A 3 -10.98 -16.08 -7.71
C ILE A 3 -10.74 -15.39 -9.07
N ASP A 4 -11.50 -14.30 -9.36
CA ASP A 4 -11.50 -13.64 -10.68
C ASP A 4 -10.13 -12.96 -10.98
N TYR A 5 -9.21 -13.75 -11.57
CA TYR A 5 -7.95 -13.24 -12.13
C TYR A 5 -8.24 -12.47 -13.43
N GLN A 6 -9.28 -12.94 -14.15
CA GLN A 6 -9.77 -12.34 -15.40
C GLN A 6 -10.23 -10.89 -15.17
N ALA A 7 -10.90 -10.64 -14.03
CA ALA A 7 -11.30 -9.29 -13.60
C ALA A 7 -10.06 -8.40 -13.36
N LEU A 8 -8.97 -9.03 -12.85
CA LEU A 8 -7.61 -8.43 -12.70
C LEU A 8 -7.59 -7.32 -11.64
N LYS A 9 -8.20 -6.16 -11.98
CA LYS A 9 -8.37 -5.04 -11.08
C LYS A 9 -9.88 -4.81 -10.94
N ARG A 10 -10.49 -5.34 -9.87
CA ARG A 10 -11.90 -5.06 -9.54
C ARG A 10 -12.04 -3.57 -9.17
N ARG A 11 -12.98 -2.86 -9.80
CA ARG A 11 -13.16 -1.41 -9.58
C ARG A 11 -14.65 -1.01 -9.61
N HIS A 12 -14.97 -0.01 -8.77
CA HIS A 12 -16.29 0.60 -8.65
C HIS A 12 -16.21 1.77 -7.63
N THR A 13 -17.37 2.38 -7.34
CA THR A 13 -17.49 3.48 -6.35
C THR A 13 -17.24 2.97 -4.89
N PRO A 14 -17.11 3.89 -3.86
CA PRO A 14 -17.04 3.50 -2.42
C PRO A 14 -18.30 2.75 -1.92
N GLU A 15 -19.39 2.81 -2.71
CA GLU A 15 -20.66 2.14 -2.39
C GLU A 15 -20.47 0.61 -2.26
N ALA A 16 -20.41 0.14 -1.00
CA ALA A 16 -20.17 -1.27 -0.65
C ALA A 16 -20.65 -1.52 0.81
N GLU A 17 -20.14 -2.59 1.43
CA GLU A 17 -20.35 -2.87 2.88
C GLU A 17 -19.49 -1.92 3.74
N ASN A 18 -19.54 -2.13 5.08
CA ASN A 18 -18.75 -1.36 6.05
C ASN A 18 -17.23 -1.56 5.81
N PRO A 19 -16.37 -0.50 6.05
CA PRO A 19 -14.89 -0.61 6.03
C PRO A 19 -14.35 -1.75 6.94
N ALA A 20 -13.15 -2.25 6.59
CA ALA A 20 -12.43 -3.34 7.30
C ALA A 20 -12.96 -4.76 6.92
N GLU A 21 -14.17 -4.84 6.32
CA GLU A 21 -14.75 -6.13 5.85
C GLU A 21 -14.63 -6.25 4.31
N ALA A 22 -15.65 -5.74 3.57
CA ALA A 22 -15.70 -5.85 2.09
C ALA A 22 -14.97 -4.69 1.39
N ASP A 23 -14.31 -3.86 2.20
CA ASP A 23 -13.47 -2.75 1.73
C ASP A 23 -12.04 -3.26 1.36
N LEU A 24 -11.86 -4.60 1.48
CA LEU A 24 -10.58 -5.32 1.24
C LEU A 24 -9.95 -4.91 -0.12
N PRO A 25 -8.64 -4.49 -0.16
CA PRO A 25 -8.01 -3.84 -1.33
C PRO A 25 -8.13 -4.64 -2.64
N GLN A 26 -8.51 -3.94 -3.72
CA GLN A 26 -8.93 -4.57 -4.99
C GLN A 26 -7.81 -4.47 -6.04
N GLY A 27 -7.17 -5.60 -6.37
CA GLY A 27 -6.09 -5.64 -7.39
C GLY A 27 -4.82 -6.27 -6.84
N ASP A 28 -3.85 -6.52 -7.74
CA ASP A 28 -2.60 -7.23 -7.42
C ASP A 28 -1.68 -6.42 -6.49
N ILE A 29 -1.50 -5.13 -6.79
CA ILE A 29 -0.63 -4.23 -6.02
C ILE A 29 -1.25 -3.93 -4.66
N GLU A 30 -2.57 -3.73 -4.65
CA GLU A 30 -3.33 -3.36 -3.47
C GLU A 30 -3.34 -4.51 -2.45
N LYS A 31 -3.42 -5.77 -2.95
CA LYS A 31 -3.40 -6.98 -2.07
C LYS A 31 -1.99 -7.21 -1.51
N GLN A 32 -0.96 -6.81 -2.29
CA GLN A 32 0.46 -6.94 -1.91
C GLN A 32 0.78 -6.02 -0.72
N VAL A 33 0.45 -4.74 -0.90
CA VAL A 33 0.62 -3.70 0.12
C VAL A 33 -0.22 -4.04 1.37
N ALA A 34 -1.42 -4.62 1.14
CA ALA A 34 -2.31 -5.08 2.22
C ALA A 34 -1.64 -6.13 3.11
N ALA A 35 -1.02 -7.12 2.45
CA ALA A 35 -0.31 -8.21 3.15
C ALA A 35 0.81 -7.66 4.04
N LEU A 36 1.58 -6.71 3.49
CA LEU A 36 2.73 -6.09 4.17
C LEU A 36 2.28 -5.30 5.42
N TRP A 37 1.19 -4.52 5.30
CA TRP A 37 0.62 -3.76 6.44
C TRP A 37 0.11 -4.71 7.54
N GLN A 38 -0.55 -5.82 7.13
CA GLN A 38 -1.10 -6.84 8.07
C GLN A 38 0.01 -7.54 8.88
N GLN A 39 1.21 -7.62 8.30
CA GLN A 39 2.39 -8.23 8.96
C GLN A 39 3.08 -7.21 9.88
N LEU A 40 3.54 -6.10 9.28
CA LEU A 40 4.33 -5.06 9.95
C LEU A 40 3.56 -4.40 11.12
N LEU A 41 2.29 -4.02 10.86
CA LEU A 41 1.40 -3.42 11.88
C LEU A 41 0.79 -4.52 12.79
N SER A 42 0.79 -5.77 12.28
CA SER A 42 0.26 -6.96 12.99
C SER A 42 -1.26 -6.81 13.25
N THR A 43 -2.00 -6.46 12.18
CA THR A 43 -3.44 -6.12 12.24
C THR A 43 -4.30 -7.31 11.78
N GLY A 44 -5.58 -7.31 12.23
CA GLY A 44 -6.55 -8.31 11.79
C GLY A 44 -6.79 -8.23 10.29
N ASN A 45 -6.95 -6.99 9.79
CA ASN A 45 -7.06 -6.69 8.36
C ASN A 45 -6.85 -5.18 8.13
N VAL A 46 -6.26 -4.85 6.98
CA VAL A 46 -6.17 -3.47 6.46
C VAL A 46 -6.82 -3.43 5.07
N THR A 47 -7.49 -2.31 4.75
CA THR A 47 -8.30 -2.19 3.54
C THR A 47 -7.88 -1.00 2.68
N ARG A 48 -8.54 -0.84 1.51
CA ARG A 48 -8.15 0.15 0.46
C ARG A 48 -8.03 1.59 1.02
N GLU A 49 -8.86 1.92 2.04
CA GLU A 49 -8.89 3.27 2.62
C GLU A 49 -8.51 3.26 4.12
N THR A 50 -7.73 2.25 4.53
CA THR A 50 -7.02 2.27 5.81
C THR A 50 -5.74 3.11 5.65
N ASP A 51 -5.46 3.99 6.62
CA ASP A 51 -4.20 4.74 6.72
C ASP A 51 -3.24 4.02 7.66
N PHE A 52 -1.96 3.99 7.26
CA PHE A 52 -0.86 3.36 8.00
C PHE A 52 -0.67 4.04 9.36
N PHE A 53 -0.66 5.38 9.33
CA PHE A 53 -0.36 6.22 10.51
C PHE A 53 -1.56 6.29 11.48
N GLN A 54 -2.79 6.23 10.92
CA GLN A 54 -4.03 6.21 11.73
C GLN A 54 -4.18 4.85 12.43
N GLN A 55 -3.69 3.79 11.77
CA GLN A 55 -3.68 2.42 12.32
C GLN A 55 -2.66 2.30 13.48
N GLY A 56 -1.71 3.26 13.54
CA GLY A 56 -0.76 3.36 14.66
C GLY A 56 0.70 3.30 14.22
N GLY A 57 0.95 3.05 12.92
CA GLY A 57 2.31 2.95 12.37
C GLY A 57 3.00 4.31 12.30
N ASP A 58 4.29 4.37 12.70
CA ASP A 58 5.08 5.62 12.75
C ASP A 58 5.96 5.72 11.50
N SER A 59 6.76 6.79 11.43
CA SER A 59 7.62 7.11 10.27
C SER A 59 8.77 6.09 10.10
N LEU A 60 9.29 5.57 11.22
CA LEU A 60 10.35 4.54 11.22
C LEU A 60 9.79 3.22 10.64
N LEU A 61 8.59 2.85 11.10
CA LEU A 61 7.88 1.65 10.64
C LEU A 61 7.50 1.85 9.14
N ALA A 62 7.19 3.11 8.76
CA ALA A 62 6.87 3.49 7.39
C ALA A 62 8.07 3.26 6.45
N THR A 63 9.29 3.51 6.96
CA THR A 63 10.55 3.31 6.21
C THR A 63 10.82 1.81 5.97
N ARG A 64 10.48 0.98 6.98
CA ARG A 64 10.58 -0.50 6.88
C ARG A 64 9.51 -1.07 5.92
N LEU A 65 8.31 -0.47 5.95
CA LEU A 65 7.16 -0.89 5.13
C LEU A 65 7.44 -0.63 3.64
N THR A 66 7.90 0.60 3.36
CA THR A 66 8.25 1.03 2.01
C THR A 66 9.51 0.28 1.51
N GLY A 67 10.36 -0.11 2.47
CA GLY A 67 11.52 -0.97 2.23
C GLY A 67 11.14 -2.39 1.83
N GLN A 68 10.00 -2.90 2.34
CA GLN A 68 9.42 -4.20 1.93
C GLN A 68 9.12 -4.18 0.42
N LEU A 69 8.50 -3.08 -0.03
CA LEU A 69 8.17 -2.85 -1.44
C LEU A 69 9.44 -2.75 -2.30
N HIS A 70 10.52 -2.17 -1.73
CA HIS A 70 11.85 -2.10 -2.42
C HIS A 70 12.40 -3.51 -2.73
N GLN A 71 12.18 -4.42 -1.78
CA GLN A 71 12.56 -5.84 -1.91
C GLN A 71 11.66 -6.56 -2.93
N ALA A 72 10.41 -6.06 -3.08
CA ALA A 72 9.43 -6.57 -4.05
C ALA A 72 9.72 -6.03 -5.49
N GLY A 73 10.50 -4.93 -5.57
CA GLY A 73 10.85 -4.31 -6.86
C GLY A 73 9.90 -3.17 -7.24
N TYR A 74 9.30 -2.54 -6.22
CA TYR A 74 8.46 -1.33 -6.36
C TYR A 74 9.07 -0.22 -5.48
N GLU A 75 9.33 0.96 -6.06
CA GLU A 75 9.86 2.10 -5.29
C GLU A 75 8.74 2.75 -4.47
N ALA A 76 9.06 3.00 -3.20
CA ALA A 76 8.15 3.57 -2.21
C ALA A 76 8.99 4.26 -1.14
N GLN A 77 8.70 5.52 -0.89
CA GLN A 77 9.38 6.34 0.14
C GLN A 77 8.38 6.69 1.25
N LEU A 78 8.93 7.12 2.40
CA LEU A 78 8.15 7.62 3.56
C LEU A 78 7.18 8.73 3.11
N SER A 79 7.66 9.59 2.18
CA SER A 79 6.87 10.69 1.59
C SER A 79 5.63 10.18 0.83
N ASP A 80 5.72 8.97 0.23
CA ASP A 80 4.56 8.33 -0.46
C ASP A 80 3.47 7.93 0.54
N LEU A 81 3.88 7.42 1.72
CA LEU A 81 2.93 7.02 2.79
C LEU A 81 2.29 8.25 3.47
N PHE A 82 3.06 9.33 3.59
CA PHE A 82 2.62 10.56 4.29
C PHE A 82 1.79 11.46 3.35
N ASN A 83 2.04 11.36 2.03
CA ASN A 83 1.24 12.07 1.01
C ASN A 83 -0.01 11.26 0.63
N HIS A 84 0.10 9.93 0.70
CA HIS A 84 -1.00 9.00 0.37
C HIS A 84 -1.29 8.12 1.61
N PRO A 85 -2.18 8.59 2.52
CA PRO A 85 -2.59 7.83 3.72
C PRO A 85 -3.20 6.45 3.36
N ARG A 86 -4.17 6.50 2.42
CA ARG A 86 -4.96 5.33 2.03
C ARG A 86 -4.08 4.32 1.30
N LEU A 87 -4.30 3.04 1.63
CA LEU A 87 -3.53 1.90 1.11
C LEU A 87 -3.54 1.86 -0.42
N ALA A 88 -4.70 2.15 -1.02
CA ALA A 88 -4.90 2.09 -2.47
C ALA A 88 -4.28 3.31 -3.17
N ASP A 89 -4.37 4.49 -2.54
CA ASP A 89 -3.72 5.72 -3.06
C ASP A 89 -2.19 5.59 -2.99
N PHE A 90 -1.73 4.84 -1.98
CA PHE A 90 -0.31 4.50 -1.79
C PHE A 90 0.11 3.43 -2.81
N ALA A 91 -0.79 2.48 -3.10
CA ALA A 91 -0.55 1.43 -4.09
C ALA A 91 -0.62 1.97 -5.54
N ALA A 92 -1.26 3.14 -5.68
CA ALA A 92 -1.39 3.84 -6.97
C ALA A 92 -0.13 4.64 -7.32
N THR A 93 0.52 5.22 -6.29
CA THR A 93 1.71 6.08 -6.46
C THR A 93 3.00 5.23 -6.63
N LEU A 94 2.89 3.90 -6.43
CA LEU A 94 4.04 2.99 -6.58
C LEU A 94 4.43 2.85 -8.07
N ARG A 95 5.74 2.94 -8.33
CA ARG A 95 6.31 2.68 -9.67
C ARG A 95 7.17 1.42 -9.53
N LYS A 96 7.01 0.47 -10.45
CA LYS A 96 7.83 -0.75 -10.44
C LYS A 96 9.27 -0.41 -10.81
N THR A 97 10.17 -0.50 -9.82
CA THR A 97 11.61 -0.20 -9.95
C THR A 97 12.24 -1.03 -11.08
N ASP A 98 13.26 -0.44 -11.77
CA ASP A 98 14.09 -1.15 -12.74
C ASP A 98 14.65 -2.44 -12.13
N VAL A 99 14.51 -3.54 -12.86
CA VAL A 99 14.86 -4.89 -12.40
C VAL A 99 16.36 -4.97 -12.06
N PRO A 100 16.72 -5.17 -10.74
CA PRO A 100 18.14 -5.30 -10.31
C PRO A 100 18.78 -6.60 -10.83
N VAL A 101 20.12 -6.72 -10.64
CA VAL A 101 20.94 -7.86 -11.14
C VAL A 101 21.14 -7.76 -12.67
N GLU A 102 20.02 -7.76 -13.42
CA GLU A 102 20.01 -7.66 -14.89
C GLU A 102 20.24 -6.21 -15.40
N GLN A 103 20.92 -5.38 -14.59
CA GLN A 103 21.36 -4.04 -14.96
C GLN A 103 22.88 -4.08 -15.29
N PRO A 104 23.26 -4.16 -16.60
CA PRO A 104 24.68 -4.21 -17.02
C PRO A 104 25.29 -2.81 -17.27
N PHE A 105 24.73 -1.79 -16.58
CA PHE A 105 25.13 -0.39 -16.72
C PHE A 105 26.52 -0.15 -16.11
N VAL A 106 27.55 -0.24 -16.98
CA VAL A 106 28.95 0.20 -16.72
C VAL A 106 29.52 -0.28 -15.37
N HIS A 107 29.99 -1.54 -15.35
CA HIS A 107 30.58 -2.16 -14.14
C HIS A 107 31.90 -1.47 -13.75
N SER A 108 32.72 -1.15 -14.76
CA SER A 108 33.97 -0.40 -14.57
C SER A 108 33.83 0.99 -15.23
N PRO A 109 33.47 2.06 -14.45
CA PRO A 109 33.40 3.45 -14.96
C PRO A 109 34.76 4.17 -14.95
N GLU A 110 35.84 3.42 -14.64
CA GLU A 110 37.20 3.95 -14.55
C GLU A 110 38.18 2.83 -14.95
N ASP A 111 39.07 3.13 -15.91
CA ASP A 111 40.11 2.20 -16.38
C ASP A 111 41.16 3.00 -17.18
N GLY A 1 -0.53 41.79 -0.84
CA GLY A 1 -1.21 40.50 -1.09
C GLY A 1 -0.29 39.31 -0.81
N THR A 2 -0.18 38.93 0.48
CA THR A 2 0.61 37.77 0.92
C THR A 2 -0.25 36.48 0.93
N ILE A 3 -1.60 36.66 0.94
CA ILE A 3 -2.59 35.57 1.08
C ILE A 3 -2.33 34.79 2.39
N ASP A 4 -2.94 35.26 3.49
CA ASP A 4 -2.71 34.70 4.84
C ASP A 4 -3.31 33.28 4.92
N TYR A 5 -2.44 32.27 4.78
CA TYR A 5 -2.84 30.84 4.80
C TYR A 5 -3.21 30.33 6.20
N GLN A 6 -3.01 31.17 7.23
CA GLN A 6 -3.49 30.90 8.59
C GLN A 6 -4.95 31.38 8.76
N ALA A 7 -5.31 32.44 7.99
CA ALA A 7 -6.65 33.05 8.02
C ALA A 7 -7.70 32.14 7.37
N LEU A 8 -7.30 31.46 6.28
CA LEU A 8 -8.13 30.43 5.65
C LEU A 8 -7.93 29.10 6.39
N LYS A 9 -9.03 28.36 6.63
CA LYS A 9 -8.99 27.10 7.40
C LYS A 9 -10.04 26.13 6.85
N ARG A 10 -9.57 24.99 6.35
CA ARG A 10 -10.41 23.88 5.88
C ARG A 10 -10.86 23.02 7.06
N ARG A 11 -12.11 22.53 7.00
CA ARG A 11 -12.63 21.51 7.93
C ARG A 11 -12.55 20.12 7.25
N HIS A 12 -12.70 19.07 8.07
CA HIS A 12 -12.68 17.67 7.59
C HIS A 12 -14.00 17.38 6.85
N THR A 13 -14.01 16.33 6.01
CA THR A 13 -15.20 15.93 5.23
C THR A 13 -15.99 14.83 5.97
N PRO A 14 -17.10 15.18 6.70
CA PRO A 14 -17.90 14.20 7.45
C PRO A 14 -18.96 13.48 6.58
N GLU A 15 -18.93 12.14 6.59
CA GLU A 15 -19.88 11.30 5.83
C GLU A 15 -19.76 9.84 6.29
N ALA A 16 -20.89 9.12 6.31
CA ALA A 16 -20.95 7.72 6.74
C ALA A 16 -21.34 6.82 5.55
N GLU A 17 -20.58 5.73 5.35
CA GLU A 17 -20.83 4.73 4.28
C GLU A 17 -21.01 3.33 4.91
N ASN A 18 -20.75 2.25 4.13
CA ASN A 18 -20.65 0.87 4.67
C ASN A 18 -19.17 0.41 4.50
N PRO A 19 -18.25 0.77 5.46
CA PRO A 19 -16.82 0.42 5.39
C PRO A 19 -16.46 -0.87 6.19
N ALA A 20 -16.07 -1.94 5.47
CA ALA A 20 -15.70 -3.23 6.10
C ALA A 20 -15.05 -4.21 5.09
N GLU A 21 -15.88 -4.84 4.24
CA GLU A 21 -15.46 -6.01 3.41
C GLU A 21 -15.35 -5.67 1.92
N ALA A 22 -16.25 -4.79 1.43
CA ALA A 22 -16.22 -4.32 0.01
C ALA A 22 -14.99 -3.42 -0.25
N ASP A 23 -14.39 -2.92 0.84
CA ASP A 23 -13.20 -2.07 0.80
C ASP A 23 -11.90 -2.90 0.82
N LEU A 24 -12.01 -4.24 0.99
CA LEU A 24 -10.85 -5.15 1.08
C LEU A 24 -10.02 -5.07 -0.24
N PRO A 25 -8.68 -4.78 -0.16
CA PRO A 25 -7.82 -4.46 -1.34
C PRO A 25 -7.91 -5.46 -2.51
N GLN A 26 -8.27 -4.93 -3.68
CA GLN A 26 -8.48 -5.70 -4.92
C GLN A 26 -7.47 -5.25 -5.99
N GLY A 27 -6.61 -6.19 -6.43
CA GLY A 27 -5.56 -5.92 -7.41
C GLY A 27 -4.21 -6.37 -6.90
N ASP A 28 -3.24 -6.55 -7.82
CA ASP A 28 -1.88 -7.07 -7.49
C ASP A 28 -1.11 -6.12 -6.56
N ILE A 29 -1.15 -4.81 -6.86
CA ILE A 29 -0.44 -3.79 -6.08
C ILE A 29 -1.10 -3.61 -4.71
N GLU A 30 -2.45 -3.59 -4.71
CA GLU A 30 -3.26 -3.35 -3.51
C GLU A 30 -3.10 -4.52 -2.51
N LYS A 31 -3.15 -5.77 -3.03
CA LYS A 31 -3.02 -6.98 -2.19
C LYS A 31 -1.59 -7.13 -1.64
N GLN A 32 -0.60 -6.61 -2.41
CA GLN A 32 0.82 -6.65 -2.03
C GLN A 32 1.05 -5.77 -0.81
N VAL A 33 0.69 -4.48 -0.95
CA VAL A 33 0.79 -3.47 0.11
C VAL A 33 0.00 -3.91 1.36
N ALA A 34 -1.21 -4.45 1.12
CA ALA A 34 -2.11 -4.94 2.17
C ALA A 34 -1.45 -6.04 3.01
N ALA A 35 -0.94 -7.09 2.32
CA ALA A 35 -0.30 -8.25 2.96
C ALA A 35 0.85 -7.83 3.88
N LEU A 36 1.58 -6.77 3.46
CA LEU A 36 2.69 -6.19 4.22
C LEU A 36 2.17 -5.50 5.50
N TRP A 37 1.05 -4.75 5.37
CA TRP A 37 0.44 -4.02 6.50
C TRP A 37 -0.11 -4.99 7.58
N GLN A 38 -0.56 -6.20 7.17
CA GLN A 38 -0.97 -7.27 8.10
C GLN A 38 0.18 -7.67 9.05
N GLN A 39 1.40 -7.74 8.49
CA GLN A 39 2.59 -8.24 9.21
C GLN A 39 3.21 -7.10 10.05
N LEU A 40 3.59 -6.02 9.34
CA LEU A 40 4.35 -4.87 9.87
C LEU A 40 3.55 -4.07 10.92
N LEU A 41 2.24 -3.83 10.66
CA LEU A 41 1.37 -3.13 11.63
C LEU A 41 0.80 -4.14 12.66
N SER A 42 0.92 -5.45 12.34
CA SER A 42 0.40 -6.56 13.15
C SER A 42 -1.14 -6.49 13.26
N THR A 43 -1.77 -6.20 12.11
CA THR A 43 -3.22 -5.99 12.00
C THR A 43 -3.91 -7.24 11.43
N GLY A 44 -5.15 -7.50 11.89
CA GLY A 44 -5.99 -8.55 11.31
C GLY A 44 -6.61 -8.09 10.00
N ASN A 45 -7.13 -6.85 10.01
CA ASN A 45 -7.83 -6.26 8.85
C ASN A 45 -7.18 -4.92 8.45
N VAL A 46 -6.84 -4.80 7.15
CA VAL A 46 -6.51 -3.52 6.50
C VAL A 46 -7.27 -3.48 5.16
N THR A 47 -7.81 -2.32 4.82
CA THR A 47 -8.62 -2.09 3.62
C THR A 47 -8.09 -0.86 2.85
N ARG A 48 -8.69 -0.59 1.68
CA ARG A 48 -8.29 0.51 0.77
C ARG A 48 -8.34 1.89 1.49
N GLU A 49 -9.27 2.02 2.44
CA GLU A 49 -9.56 3.26 3.19
C GLU A 49 -8.56 3.48 4.35
N THR A 50 -7.94 2.36 4.81
CA THR A 50 -7.05 2.35 5.97
C THR A 50 -5.85 3.28 5.75
N ASP A 51 -5.64 4.19 6.71
CA ASP A 51 -4.51 5.12 6.73
C ASP A 51 -3.39 4.47 7.54
N PHE A 52 -2.20 4.32 6.90
CA PHE A 52 -1.01 3.65 7.48
C PHE A 52 -0.73 4.12 8.91
N PHE A 53 -0.56 5.45 9.05
CA PHE A 53 -0.17 6.08 10.31
C PHE A 53 -1.29 6.00 11.37
N GLN A 54 -2.55 6.17 10.92
CA GLN A 54 -3.73 6.14 11.80
C GLN A 54 -3.97 4.72 12.37
N GLN A 55 -3.59 3.70 11.58
CA GLN A 55 -3.79 2.28 11.94
C GLN A 55 -2.76 1.81 13.01
N GLY A 56 -1.71 2.63 13.23
CA GLY A 56 -0.65 2.30 14.18
C GLY A 56 0.68 2.09 13.49
N GLY A 57 0.85 2.70 12.30
CA GLY A 57 2.14 2.75 11.62
C GLY A 57 2.87 4.02 11.97
N ASP A 58 4.12 3.89 12.40
CA ASP A 58 4.97 5.03 12.75
C ASP A 58 5.65 5.56 11.48
N SER A 59 6.30 6.72 11.62
CA SER A 59 7.21 7.27 10.59
C SER A 59 8.43 6.34 10.40
N LEU A 60 8.87 5.74 11.52
CA LEU A 60 9.98 4.77 11.57
C LEU A 60 9.52 3.42 10.97
N LEU A 61 8.26 3.02 11.25
CA LEU A 61 7.66 1.80 10.70
C LEU A 61 7.51 1.96 9.17
N ALA A 62 7.19 3.21 8.74
CA ALA A 62 7.11 3.59 7.32
C ALA A 62 8.47 3.44 6.63
N THR A 63 9.53 3.85 7.36
CA THR A 63 10.94 3.77 6.91
C THR A 63 11.36 2.30 6.64
N ARG A 64 10.74 1.37 7.37
CA ARG A 64 10.96 -0.08 7.20
C ARG A 64 10.07 -0.65 6.07
N LEU A 65 8.81 -0.16 6.00
CA LEU A 65 7.76 -0.64 5.06
C LEU A 65 8.21 -0.47 3.60
N THR A 66 9.05 0.57 3.35
CA THR A 66 9.65 0.83 2.04
C THR A 66 10.44 -0.42 1.54
N GLY A 67 11.24 -1.00 2.45
CA GLY A 67 12.05 -2.19 2.19
C GLY A 67 11.25 -3.43 1.80
N GLN A 68 10.04 -3.57 2.37
CA GLN A 68 9.10 -4.66 2.01
C GLN A 68 8.59 -4.51 0.56
N LEU A 69 8.62 -3.28 0.05
CA LEU A 69 8.29 -3.00 -1.36
C LEU A 69 9.52 -3.16 -2.26
N HIS A 70 10.73 -2.89 -1.71
CA HIS A 70 12.00 -3.02 -2.47
C HIS A 70 12.23 -4.48 -2.93
N GLN A 71 11.94 -5.42 -2.01
CA GLN A 71 11.99 -6.87 -2.29
C GLN A 71 10.83 -7.31 -3.23
N ALA A 72 9.71 -6.53 -3.23
CA ALA A 72 8.55 -6.77 -4.11
C ALA A 72 8.74 -6.14 -5.51
N GLY A 73 9.87 -5.41 -5.69
CA GLY A 73 10.19 -4.78 -6.97
C GLY A 73 9.41 -3.50 -7.23
N TYR A 74 9.03 -2.81 -6.15
CA TYR A 74 8.37 -1.48 -6.19
C TYR A 74 9.22 -0.48 -5.41
N GLU A 75 9.45 0.69 -5.99
CA GLU A 75 10.17 1.78 -5.30
C GLU A 75 9.19 2.45 -4.31
N ALA A 76 9.74 2.99 -3.20
CA ALA A 76 8.93 3.44 -2.05
C ALA A 76 9.64 4.54 -1.26
N GLN A 77 8.98 5.70 -1.12
CA GLN A 77 9.46 6.83 -0.29
C GLN A 77 8.47 7.09 0.86
N LEU A 78 8.97 7.82 1.88
CA LEU A 78 8.15 8.29 3.02
C LEU A 78 7.10 9.31 2.54
N SER A 79 7.47 10.09 1.51
CA SER A 79 6.59 11.10 0.88
C SER A 79 5.29 10.47 0.35
N ASP A 80 5.41 9.23 -0.17
CA ASP A 80 4.26 8.49 -0.74
C ASP A 80 3.25 8.10 0.36
N LEU A 81 3.77 7.59 1.50
CA LEU A 81 2.93 7.22 2.67
C LEU A 81 2.34 8.48 3.35
N PHE A 82 3.14 9.55 3.37
CA PHE A 82 2.83 10.78 4.13
C PHE A 82 1.74 11.60 3.40
N ASN A 83 1.82 11.62 2.06
CA ASN A 83 0.89 12.36 1.20
C ASN A 83 -0.33 11.47 0.85
N HIS A 84 -0.11 10.15 0.78
CA HIS A 84 -1.17 9.18 0.42
C HIS A 84 -1.34 8.19 1.60
N PRO A 85 -2.20 8.52 2.61
CA PRO A 85 -2.38 7.69 3.82
C PRO A 85 -3.15 6.40 3.53
N ARG A 86 -4.26 6.50 2.75
CA ARG A 86 -5.06 5.33 2.30
C ARG A 86 -4.17 4.29 1.61
N LEU A 87 -4.51 3.01 1.83
CA LEU A 87 -3.82 1.87 1.24
C LEU A 87 -3.88 1.93 -0.29
N ALA A 88 -5.08 2.26 -0.83
CA ALA A 88 -5.31 2.34 -2.27
C ALA A 88 -4.63 3.57 -2.88
N ASP A 89 -4.61 4.70 -2.13
CA ASP A 89 -3.91 5.93 -2.56
C ASP A 89 -2.40 5.69 -2.66
N PHE A 90 -1.86 4.95 -1.66
CA PHE A 90 -0.44 4.59 -1.60
C PHE A 90 -0.10 3.60 -2.73
N ALA A 91 -1.00 2.64 -2.97
CA ALA A 91 -0.84 1.64 -4.04
C ALA A 91 -0.92 2.31 -5.44
N ALA A 92 -1.71 3.40 -5.52
CA ALA A 92 -1.94 4.15 -6.78
C ALA A 92 -0.75 5.07 -7.13
N THR A 93 0.16 5.32 -6.18
CA THR A 93 1.34 6.18 -6.41
C THR A 93 2.64 5.35 -6.52
N LEU A 94 2.54 4.02 -6.31
CA LEU A 94 3.72 3.13 -6.38
C LEU A 94 4.09 2.77 -7.82
N ARG A 95 5.38 2.89 -8.14
CA ARG A 95 5.98 2.44 -9.42
C ARG A 95 6.84 1.21 -9.13
N LYS A 96 7.27 0.53 -10.21
CA LYS A 96 8.22 -0.59 -10.13
C LYS A 96 9.65 -0.02 -10.01
N THR A 97 10.59 -0.88 -9.60
CA THR A 97 12.00 -0.52 -9.42
C THR A 97 12.77 -0.64 -10.74
N ASP A 98 13.73 0.29 -10.96
CA ASP A 98 14.73 0.16 -12.02
C ASP A 98 15.58 -1.10 -11.77
N VAL A 99 15.49 -2.08 -12.69
CA VAL A 99 16.08 -3.42 -12.50
C VAL A 99 17.63 -3.37 -12.38
N PRO A 100 18.21 -3.94 -11.26
CA PRO A 100 19.67 -4.13 -11.15
C PRO A 100 20.15 -5.39 -11.91
N VAL A 101 19.20 -6.28 -12.27
CA VAL A 101 19.46 -7.48 -13.09
C VAL A 101 19.28 -7.13 -14.58
N GLU A 102 19.80 -7.99 -15.48
CA GLU A 102 19.65 -7.81 -16.93
C GLU A 102 18.20 -8.14 -17.36
N GLN A 103 17.32 -7.14 -17.22
CA GLN A 103 15.93 -7.21 -17.71
C GLN A 103 15.41 -5.76 -18.01
N PRO A 104 16.20 -4.90 -18.74
CA PRO A 104 15.87 -3.48 -18.91
C PRO A 104 14.91 -3.28 -20.09
N PHE A 105 13.61 -3.44 -19.83
CA PHE A 105 12.56 -3.12 -20.82
C PHE A 105 12.26 -1.62 -20.80
N VAL A 106 13.30 -0.86 -21.20
CA VAL A 106 13.26 0.58 -21.38
C VAL A 106 13.70 0.88 -22.81
N HIS A 107 13.00 1.80 -23.47
CA HIS A 107 13.31 2.24 -24.82
C HIS A 107 12.52 3.51 -25.10
N SER A 108 13.16 4.66 -24.85
CA SER A 108 12.54 5.98 -25.03
C SER A 108 13.35 6.85 -26.01
N PRO A 109 13.19 6.65 -27.36
CA PRO A 109 13.77 7.54 -28.38
C PRO A 109 12.86 8.77 -28.59
N GLU A 110 12.94 9.72 -27.63
CA GLU A 110 12.09 10.93 -27.62
C GLU A 110 12.32 11.78 -28.89
N ASP A 111 13.57 11.76 -29.37
CA ASP A 111 13.96 12.33 -30.68
C ASP A 111 14.05 11.17 -31.69
N GLY A 1 -12.63 9.14 28.51
CA GLY A 1 -11.33 9.19 27.80
C GLY A 1 -11.11 10.53 27.10
N THR A 2 -9.84 11.01 27.11
CA THR A 2 -9.45 12.27 26.45
C THR A 2 -9.70 12.19 24.93
N ILE A 3 -9.28 11.06 24.33
CA ILE A 3 -9.60 10.72 22.94
C ILE A 3 -10.71 9.66 22.98
N ASP A 4 -11.76 9.85 22.16
CA ASP A 4 -12.89 8.91 22.09
C ASP A 4 -12.51 7.70 21.21
N TYR A 5 -11.72 6.78 21.80
CA TYR A 5 -11.34 5.52 21.13
C TYR A 5 -12.58 4.63 20.96
N GLN A 6 -13.51 4.74 21.93
CA GLN A 6 -14.75 3.96 21.97
C GLN A 6 -15.79 4.48 20.95
N ALA A 7 -15.58 5.69 20.39
CA ALA A 7 -16.47 6.24 19.34
C ALA A 7 -16.10 5.67 17.95
N LEU A 8 -14.88 5.10 17.85
CA LEU A 8 -14.34 4.53 16.60
C LEU A 8 -15.02 3.19 16.21
N LYS A 9 -15.84 2.60 17.14
CA LYS A 9 -16.64 1.40 16.82
C LYS A 9 -17.83 1.81 15.93
N ARG A 10 -17.60 1.72 14.62
CA ARG A 10 -18.59 2.06 13.60
C ARG A 10 -19.36 0.80 13.18
N ARG A 11 -20.52 1.01 12.54
CA ARG A 11 -21.43 -0.09 12.14
C ARG A 11 -20.84 -0.96 11.01
N HIS A 12 -21.52 -2.08 10.72
CA HIS A 12 -21.13 -3.00 9.64
C HIS A 12 -22.30 -3.19 8.65
N THR A 13 -22.11 -2.64 7.44
CA THR A 13 -23.11 -2.64 6.35
C THR A 13 -22.34 -2.62 5.00
N PRO A 14 -22.88 -3.23 3.89
CA PRO A 14 -22.38 -2.97 2.50
C PRO A 14 -22.48 -1.47 2.14
N GLU A 15 -21.51 -0.70 2.65
CA GLU A 15 -21.51 0.78 2.67
C GLU A 15 -20.19 1.26 3.32
N ALA A 16 -19.84 2.53 3.08
CA ALA A 16 -18.69 3.20 3.70
C ALA A 16 -19.02 3.66 5.15
N GLU A 17 -19.37 2.68 6.01
CA GLU A 17 -19.66 2.91 7.44
C GLU A 17 -18.37 3.31 8.17
N ASN A 18 -17.30 2.60 7.79
CA ASN A 18 -15.94 2.84 8.24
C ASN A 18 -15.00 2.24 7.19
N PRO A 19 -13.87 2.91 6.85
CA PRO A 19 -12.77 2.31 6.05
C PRO A 19 -12.20 1.00 6.68
N ALA A 20 -12.96 -0.10 6.49
CA ALA A 20 -12.67 -1.44 7.04
C ALA A 20 -13.74 -2.42 6.55
N GLU A 21 -15.03 -2.04 6.70
CA GLU A 21 -16.17 -2.89 6.35
C GLU A 21 -16.48 -2.80 4.85
N ALA A 22 -16.45 -4.00 4.17
CA ALA A 22 -16.71 -4.16 2.72
C ALA A 22 -15.70 -3.40 1.84
N ASP A 23 -14.64 -2.89 2.49
CA ASP A 23 -13.70 -1.90 1.92
C ASP A 23 -12.38 -2.58 1.51
N LEU A 24 -12.43 -3.93 1.35
CA LEU A 24 -11.25 -4.80 1.12
C LEU A 24 -10.60 -4.48 -0.26
N PRO A 25 -9.24 -4.22 -0.30
CA PRO A 25 -8.54 -3.83 -1.54
C PRO A 25 -8.20 -5.05 -2.42
N GLN A 26 -8.53 -4.98 -3.71
CA GLN A 26 -8.55 -6.15 -4.61
C GLN A 26 -7.90 -5.80 -5.96
N GLY A 27 -6.62 -6.18 -6.09
CA GLY A 27 -5.84 -5.98 -7.32
C GLY A 27 -4.42 -6.50 -7.12
N ASP A 28 -3.62 -6.52 -8.20
CA ASP A 28 -2.24 -7.08 -8.19
C ASP A 28 -1.34 -6.38 -7.14
N ILE A 29 -1.44 -5.05 -7.09
CA ILE A 29 -0.66 -4.22 -6.16
C ILE A 29 -1.36 -4.14 -4.79
N GLU A 30 -2.70 -4.16 -4.81
CA GLU A 30 -3.54 -3.94 -3.62
C GLU A 30 -3.43 -5.12 -2.63
N LYS A 31 -3.30 -6.35 -3.16
CA LYS A 31 -3.13 -7.57 -2.33
C LYS A 31 -1.72 -7.59 -1.70
N GLN A 32 -0.73 -7.08 -2.47
CA GLN A 32 0.66 -6.98 -2.05
C GLN A 32 0.75 -6.04 -0.84
N VAL A 33 0.33 -4.78 -1.07
CA VAL A 33 0.37 -3.70 -0.07
C VAL A 33 -0.50 -4.03 1.16
N ALA A 34 -1.62 -4.75 0.95
CA ALA A 34 -2.51 -5.20 2.04
C ALA A 34 -1.76 -6.17 2.98
N ALA A 35 -1.13 -7.19 2.38
CA ALA A 35 -0.40 -8.23 3.13
C ALA A 35 0.77 -7.61 3.92
N LEU A 36 1.55 -6.73 3.24
CA LEU A 36 2.75 -6.09 3.81
C LEU A 36 2.39 -5.20 5.02
N TRP A 37 1.35 -4.37 4.85
CA TRP A 37 0.85 -3.48 5.92
C TRP A 37 0.33 -4.29 7.13
N GLN A 38 -0.40 -5.38 6.87
CA GLN A 38 -0.97 -6.25 7.94
C GLN A 38 0.13 -6.84 8.85
N GLN A 39 1.26 -7.21 8.24
CA GLN A 39 2.40 -7.81 8.96
C GLN A 39 3.15 -6.74 9.79
N LEU A 40 3.50 -5.62 9.13
CA LEU A 40 4.35 -4.55 9.71
C LEU A 40 3.58 -3.73 10.79
N LEU A 41 2.31 -3.40 10.50
CA LEU A 41 1.43 -2.70 11.47
C LEU A 41 0.97 -3.65 12.59
N SER A 42 1.14 -4.98 12.37
CA SER A 42 0.79 -6.05 13.33
C SER A 42 -0.73 -6.08 13.57
N THR A 43 -1.48 -5.81 12.47
CA THR A 43 -2.95 -5.77 12.47
C THR A 43 -3.51 -6.99 11.70
N GLY A 44 -4.77 -7.34 12.01
CA GLY A 44 -5.49 -8.44 11.35
C GLY A 44 -5.92 -8.09 9.94
N ASN A 45 -6.19 -6.79 9.69
CA ASN A 45 -6.66 -6.31 8.39
C ASN A 45 -6.31 -4.84 8.18
N VAL A 46 -6.01 -4.50 6.91
CA VAL A 46 -5.96 -3.12 6.40
C VAL A 46 -6.70 -3.11 5.06
N THR A 47 -7.55 -2.10 4.88
CA THR A 47 -8.39 -1.98 3.68
C THR A 47 -7.99 -0.75 2.83
N ARG A 48 -8.63 -0.59 1.65
CA ARG A 48 -8.22 0.40 0.61
C ARG A 48 -8.21 1.86 1.14
N GLU A 49 -9.13 2.16 2.07
CA GLU A 49 -9.30 3.51 2.64
C GLU A 49 -8.72 3.60 4.08
N THR A 50 -8.18 2.48 4.60
CA THR A 50 -7.44 2.47 5.89
C THR A 50 -6.15 3.31 5.76
N ASP A 51 -5.87 4.14 6.79
CA ASP A 51 -4.67 4.97 6.84
C ASP A 51 -3.56 4.20 7.57
N PHE A 52 -2.35 4.31 7.03
CA PHE A 52 -1.15 3.68 7.59
C PHE A 52 -0.94 4.11 9.05
N PHE A 53 -0.95 5.44 9.23
CA PHE A 53 -0.68 6.09 10.53
C PHE A 53 -1.80 5.86 11.53
N GLN A 54 -3.07 5.93 11.07
CA GLN A 54 -4.27 5.69 11.91
C GLN A 54 -4.30 4.25 12.43
N GLN A 55 -3.76 3.31 11.62
CA GLN A 55 -3.72 1.87 11.94
C GLN A 55 -2.47 1.50 12.79
N GLY A 56 -1.90 2.52 13.46
CA GLY A 56 -0.78 2.32 14.40
C GLY A 56 0.58 2.39 13.73
N GLY A 57 0.63 2.93 12.50
CA GLY A 57 1.88 3.11 11.76
C GLY A 57 2.57 4.40 12.12
N ASP A 58 3.90 4.40 12.04
CA ASP A 58 4.74 5.58 12.28
C ASP A 58 5.60 5.85 11.05
N SER A 59 6.35 6.96 11.07
CA SER A 59 7.40 7.25 10.07
C SER A 59 8.57 6.27 10.23
N LEU A 60 8.84 5.89 11.49
CA LEU A 60 9.86 4.90 11.89
C LEU A 60 9.49 3.51 11.32
N LEU A 61 8.21 3.14 11.48
CA LEU A 61 7.65 1.89 10.95
C LEU A 61 7.62 1.95 9.41
N ALA A 62 7.30 3.15 8.88
CA ALA A 62 7.18 3.41 7.43
C ALA A 62 8.53 3.21 6.71
N THR A 63 9.63 3.62 7.38
CA THR A 63 11.01 3.48 6.84
C THR A 63 11.36 2.00 6.58
N ARG A 64 10.78 1.11 7.40
CA ARG A 64 10.88 -0.35 7.22
C ARG A 64 9.93 -0.82 6.11
N LEU A 65 8.66 -0.35 6.17
CA LEU A 65 7.56 -0.79 5.27
C LEU A 65 7.93 -0.58 3.80
N THR A 66 8.66 0.52 3.50
CA THR A 66 9.16 0.83 2.15
C THR A 66 9.98 -0.34 1.58
N GLY A 67 10.80 -0.95 2.47
CA GLY A 67 11.63 -2.10 2.16
C GLY A 67 10.85 -3.34 1.71
N GLN A 68 9.65 -3.53 2.28
CA GLN A 68 8.73 -4.64 1.87
C GLN A 68 8.20 -4.43 0.44
N LEU A 69 8.21 -3.18 -0.05
CA LEU A 69 7.91 -2.87 -1.45
C LEU A 69 9.17 -3.06 -2.32
N HIS A 70 10.35 -2.71 -1.76
CA HIS A 70 11.65 -2.78 -2.49
C HIS A 70 11.98 -4.22 -2.91
N GLN A 71 11.66 -5.20 -2.04
CA GLN A 71 11.84 -6.65 -2.34
C GLN A 71 10.85 -7.09 -3.45
N ALA A 72 9.66 -6.47 -3.48
CA ALA A 72 8.63 -6.71 -4.52
C ALA A 72 8.96 -5.96 -5.83
N GLY A 73 9.97 -5.07 -5.77
CA GLY A 73 10.45 -4.31 -6.93
C GLY A 73 9.65 -3.04 -7.15
N TYR A 74 9.17 -2.43 -6.06
CA TYR A 74 8.51 -1.11 -6.08
C TYR A 74 9.25 -0.14 -5.15
N GLU A 75 9.64 1.04 -5.70
CA GLU A 75 10.21 2.13 -4.91
C GLU A 75 9.10 2.78 -4.08
N ALA A 76 9.16 2.54 -2.77
CA ALA A 76 8.31 3.24 -1.79
C ALA A 76 9.19 4.20 -1.00
N GLN A 77 8.64 5.37 -0.68
CA GLN A 77 9.28 6.42 0.14
C GLN A 77 8.33 6.86 1.24
N LEU A 78 8.89 7.52 2.25
CA LEU A 78 8.11 8.16 3.33
C LEU A 78 7.15 9.20 2.77
N SER A 79 7.57 9.88 1.68
CA SER A 79 6.75 10.90 1.00
C SER A 79 5.48 10.29 0.37
N ASP A 80 5.60 9.04 -0.13
CA ASP A 80 4.46 8.28 -0.67
C ASP A 80 3.50 7.87 0.45
N LEU A 81 4.06 7.39 1.58
CA LEU A 81 3.29 6.93 2.76
C LEU A 81 2.63 8.10 3.53
N PHE A 82 3.31 9.26 3.53
CA PHE A 82 2.92 10.43 4.32
C PHE A 82 1.79 11.18 3.59
N ASN A 83 1.99 11.39 2.28
CA ASN A 83 1.02 12.11 1.43
C ASN A 83 -0.17 11.21 1.04
N HIS A 84 0.09 9.89 0.95
CA HIS A 84 -0.94 8.89 0.59
C HIS A 84 -1.01 7.84 1.73
N PRO A 85 -1.77 8.15 2.84
CA PRO A 85 -1.91 7.21 3.97
C PRO A 85 -2.90 6.07 3.66
N ARG A 86 -3.83 6.29 2.71
CA ARG A 86 -4.75 5.25 2.23
C ARG A 86 -3.98 4.16 1.47
N LEU A 87 -4.43 2.90 1.62
CA LEU A 87 -3.76 1.71 1.07
C LEU A 87 -3.74 1.75 -0.47
N ALA A 88 -4.94 1.91 -1.06
CA ALA A 88 -5.12 1.92 -2.53
C ALA A 88 -4.45 3.17 -3.15
N ASP A 89 -4.47 4.27 -2.39
CA ASP A 89 -3.85 5.55 -2.79
C ASP A 89 -2.30 5.44 -2.78
N PHE A 90 -1.78 4.64 -1.84
CA PHE A 90 -0.35 4.32 -1.75
C PHE A 90 0.05 3.32 -2.84
N ALA A 91 -0.85 2.36 -3.11
CA ALA A 91 -0.65 1.30 -4.12
C ALA A 91 -0.62 1.91 -5.54
N ALA A 92 -1.33 3.03 -5.72
CA ALA A 92 -1.39 3.78 -6.98
C ALA A 92 -0.11 4.64 -7.20
N THR A 93 0.47 5.16 -6.10
CA THR A 93 1.65 6.07 -6.18
C THR A 93 2.99 5.29 -6.20
N LEU A 94 2.92 3.96 -6.05
CA LEU A 94 4.09 3.08 -6.14
C LEU A 94 4.66 3.05 -7.57
N ARG A 95 5.97 3.30 -7.68
CA ARG A 95 6.72 3.20 -8.94
C ARG A 95 7.45 1.86 -8.99
N LYS A 96 7.37 1.16 -10.13
CA LYS A 96 8.09 -0.10 -10.33
C LYS A 96 9.59 0.17 -10.46
N THR A 97 10.36 -0.31 -9.47
CA THR A 97 11.83 -0.25 -9.49
C THR A 97 12.38 -1.11 -10.63
N ASP A 98 13.52 -0.70 -11.17
CA ASP A 98 14.25 -1.48 -12.17
C ASP A 98 14.87 -2.73 -11.51
N VAL A 99 15.21 -3.72 -12.34
CA VAL A 99 15.81 -4.99 -11.89
C VAL A 99 17.19 -4.71 -11.25
N PRO A 100 17.46 -5.13 -9.98
CA PRO A 100 18.79 -4.96 -9.34
C PRO A 100 19.75 -6.15 -9.58
N VAL A 101 19.29 -7.14 -10.37
CA VAL A 101 19.98 -8.44 -10.56
C VAL A 101 20.00 -8.85 -12.05
N GLU A 102 20.56 -10.07 -12.31
CA GLU A 102 20.64 -10.71 -13.64
C GLU A 102 21.48 -9.87 -14.65
N GLN A 103 20.84 -8.94 -15.38
CA GLN A 103 21.52 -8.07 -16.35
C GLN A 103 20.67 -6.81 -16.58
N PRO A 104 20.78 -5.79 -15.66
CA PRO A 104 20.05 -4.51 -15.78
C PRO A 104 20.88 -3.43 -16.50
N PHE A 105 21.83 -3.87 -17.33
CA PHE A 105 22.69 -3.00 -18.13
C PHE A 105 22.46 -3.29 -19.62
N VAL A 106 23.31 -2.68 -20.49
CA VAL A 106 23.33 -2.87 -21.96
C VAL A 106 22.05 -2.26 -22.64
N HIS A 107 21.32 -1.43 -21.88
CA HIS A 107 20.04 -0.81 -22.33
C HIS A 107 20.17 0.72 -22.35
N SER A 108 19.35 1.38 -23.18
CA SER A 108 19.32 2.85 -23.29
C SER A 108 18.83 3.50 -21.96
N PRO A 109 19.63 4.43 -21.33
CA PRO A 109 19.27 5.07 -20.04
C PRO A 109 17.96 5.90 -20.14
N GLU A 110 16.88 5.33 -19.61
CA GLU A 110 15.53 5.89 -19.68
C GLU A 110 15.36 7.09 -18.71
N ASP A 111 14.82 8.19 -19.23
CA ASP A 111 14.50 9.39 -18.43
C ASP A 111 13.01 9.74 -18.65
N GLY A 1 -1.13 27.71 -18.41
CA GLY A 1 0.06 26.85 -18.18
C GLY A 1 -0.12 25.95 -16.95
N THR A 2 -0.01 26.55 -15.77
CA THR A 2 -0.27 25.85 -14.50
C THR A 2 -1.78 25.83 -14.21
N ILE A 3 -2.25 24.80 -13.47
CA ILE A 3 -3.64 24.73 -12.97
C ILE A 3 -3.82 25.67 -11.77
N ASP A 4 -5.08 25.90 -11.37
CA ASP A 4 -5.41 26.76 -10.23
C ASP A 4 -5.20 25.98 -8.93
N TYR A 5 -4.15 26.35 -8.18
CA TYR A 5 -3.91 25.87 -6.81
C TYR A 5 -4.67 26.73 -5.79
N GLN A 6 -4.92 27.99 -6.17
CA GLN A 6 -5.39 29.07 -5.27
C GLN A 6 -6.67 28.71 -4.49
N ALA A 7 -7.70 28.23 -5.21
CA ALA A 7 -9.02 27.89 -4.62
C ALA A 7 -8.89 26.76 -3.57
N LEU A 8 -7.88 25.87 -3.78
CA LEU A 8 -7.54 24.75 -2.87
C LEU A 8 -8.77 23.82 -2.70
N LYS A 9 -8.91 22.91 -3.66
CA LYS A 9 -10.10 22.03 -3.78
C LYS A 9 -9.82 20.64 -3.18
N ARG A 10 -9.54 20.62 -1.87
CA ARG A 10 -9.45 19.38 -1.08
C ARG A 10 -10.09 19.63 0.30
N ARG A 11 -11.31 19.11 0.46
CA ARG A 11 -12.11 19.19 1.69
C ARG A 11 -12.97 17.94 1.79
N HIS A 12 -13.59 17.73 2.97
CA HIS A 12 -14.35 16.49 3.29
C HIS A 12 -13.37 15.27 3.23
N THR A 13 -13.89 14.07 2.97
CA THR A 13 -13.04 12.91 2.61
C THR A 13 -13.25 12.59 1.10
N PRO A 14 -12.41 13.17 0.17
CA PRO A 14 -12.53 12.91 -1.29
C PRO A 14 -12.11 11.48 -1.69
N GLU A 15 -11.53 10.74 -0.72
CA GLU A 15 -11.09 9.35 -0.90
C GLU A 15 -12.30 8.45 -1.19
N ALA A 16 -13.21 8.30 -0.20
CA ALA A 16 -14.43 7.47 -0.33
C ALA A 16 -15.44 7.84 0.78
N GLU A 17 -16.38 6.93 1.05
CA GLU A 17 -17.43 7.12 2.07
C GLU A 17 -16.89 6.84 3.48
N ASN A 18 -16.79 5.54 3.83
CA ASN A 18 -16.46 5.08 5.19
C ASN A 18 -15.37 3.99 5.13
N PRO A 19 -14.49 3.88 6.18
CA PRO A 19 -13.63 2.69 6.38
C PRO A 19 -14.48 1.44 6.67
N ALA A 20 -14.09 0.30 6.06
CA ALA A 20 -14.75 -1.02 6.21
C ALA A 20 -16.14 -1.05 5.50
N GLU A 21 -16.34 -0.14 4.52
CA GLU A 21 -17.60 -0.03 3.74
C GLU A 21 -17.57 -1.02 2.54
N ALA A 22 -16.67 -0.75 1.59
CA ALA A 22 -16.54 -1.53 0.32
C ALA A 22 -15.13 -1.36 -0.26
N ASP A 23 -14.20 -0.98 0.64
CA ASP A 23 -12.87 -0.44 0.32
C ASP A 23 -11.78 -1.52 0.42
N LEU A 24 -12.19 -2.77 0.32
CA LEU A 24 -11.27 -3.93 0.41
C LEU A 24 -10.23 -3.88 -0.73
N PRO A 25 -8.94 -4.32 -0.48
CA PRO A 25 -7.87 -4.25 -1.51
C PRO A 25 -8.24 -5.08 -2.76
N GLN A 26 -8.36 -4.40 -3.91
CA GLN A 26 -8.85 -4.99 -5.16
C GLN A 26 -7.88 -4.61 -6.29
N GLY A 27 -6.82 -5.40 -6.42
CA GLY A 27 -5.74 -5.16 -7.38
C GLY A 27 -4.50 -5.92 -6.95
N ASP A 28 -3.62 -6.23 -7.90
CA ASP A 28 -2.40 -7.02 -7.66
C ASP A 28 -1.49 -6.34 -6.62
N ILE A 29 -1.31 -5.02 -6.78
CA ILE A 29 -0.42 -4.23 -5.91
C ILE A 29 -1.07 -4.02 -4.53
N GLU A 30 -2.38 -3.72 -4.52
CA GLU A 30 -3.14 -3.52 -3.25
C GLU A 30 -3.12 -4.79 -2.37
N LYS A 31 -3.16 -5.95 -3.06
CA LYS A 31 -3.07 -7.29 -2.45
C LYS A 31 -1.69 -7.49 -1.81
N GLN A 32 -0.66 -7.10 -2.58
CA GLN A 32 0.75 -7.22 -2.18
C GLN A 32 1.07 -6.33 -0.96
N VAL A 33 0.55 -5.10 -0.99
CA VAL A 33 0.78 -4.08 0.05
C VAL A 33 -0.07 -4.40 1.31
N ALA A 34 -1.26 -5.02 1.11
CA ALA A 34 -2.19 -5.37 2.21
C ALA A 34 -1.55 -6.38 3.18
N ALA A 35 -0.99 -7.47 2.63
CA ALA A 35 -0.34 -8.53 3.42
C ALA A 35 0.85 -8.00 4.24
N LEU A 36 1.49 -6.95 3.71
CA LEU A 36 2.58 -6.24 4.40
C LEU A 36 2.03 -5.46 5.62
N TRP A 37 1.02 -4.59 5.38
CA TRP A 37 0.41 -3.74 6.44
C TRP A 37 -0.17 -4.58 7.60
N GLN A 38 -0.70 -5.78 7.28
CA GLN A 38 -1.32 -6.68 8.27
C GLN A 38 -0.30 -7.29 9.24
N GLN A 39 0.94 -7.49 8.78
CA GLN A 39 2.03 -8.07 9.60
C GLN A 39 2.86 -6.96 10.28
N LEU A 40 3.30 -5.97 9.46
CA LEU A 40 4.11 -4.82 9.91
C LEU A 40 3.40 -4.00 11.02
N LEU A 41 2.06 -3.89 10.96
CA LEU A 41 1.26 -3.16 11.98
C LEU A 41 0.61 -4.13 12.98
N SER A 42 0.59 -5.44 12.61
CA SER A 42 -0.04 -6.51 13.40
C SER A 42 -1.56 -6.29 13.53
N THR A 43 -2.21 -6.13 12.36
CA THR A 43 -3.66 -5.94 12.25
C THR A 43 -4.34 -7.26 11.84
N GLY A 44 -5.66 -7.36 12.10
CA GLY A 44 -6.46 -8.48 11.59
C GLY A 44 -6.56 -8.44 10.07
N ASN A 45 -7.06 -7.31 9.55
CA ASN A 45 -7.17 -7.05 8.11
C ASN A 45 -7.08 -5.53 7.86
N VAL A 46 -6.46 -5.16 6.72
CA VAL A 46 -6.35 -3.76 6.27
C VAL A 46 -7.09 -3.59 4.92
N THR A 47 -7.67 -2.41 4.74
CA THR A 47 -8.43 -2.01 3.55
C THR A 47 -7.88 -0.66 3.04
N ARG A 48 -8.59 -0.01 2.09
CA ARG A 48 -8.12 1.21 1.43
C ARG A 48 -8.17 2.39 2.38
N GLU A 49 -9.32 2.59 3.06
CA GLU A 49 -9.52 3.73 3.99
C GLU A 49 -8.79 3.47 5.33
N THR A 50 -8.15 2.30 5.46
CA THR A 50 -7.17 2.01 6.52
C THR A 50 -5.89 2.80 6.23
N ASP A 51 -5.47 3.62 7.20
CA ASP A 51 -4.28 4.49 7.10
C ASP A 51 -3.16 3.90 7.95
N PHE A 52 -1.96 3.78 7.36
CA PHE A 52 -0.77 3.21 8.03
C PHE A 52 -0.51 3.88 9.39
N PHE A 53 -0.65 5.22 9.39
CA PHE A 53 -0.36 6.07 10.55
C PHE A 53 -1.46 6.02 11.60
N GLN A 54 -2.71 5.87 11.15
CA GLN A 54 -3.89 5.80 12.06
C GLN A 54 -3.99 4.42 12.74
N GLN A 55 -3.19 3.45 12.24
CA GLN A 55 -3.11 2.08 12.80
C GLN A 55 -1.85 1.92 13.69
N GLY A 56 -1.30 3.04 14.18
CA GLY A 56 -0.21 3.03 15.16
C GLY A 56 1.18 3.06 14.54
N GLY A 57 1.27 2.79 13.23
CA GLY A 57 2.53 2.83 12.49
C GLY A 57 3.02 4.26 12.30
N ASP A 58 4.33 4.48 12.40
CA ASP A 58 4.93 5.84 12.29
C ASP A 58 5.82 5.91 11.03
N SER A 59 6.59 7.01 10.90
CA SER A 59 7.47 7.26 9.75
C SER A 59 8.63 6.24 9.64
N LEU A 60 9.11 5.74 10.80
CA LEU A 60 10.23 4.78 10.86
C LEU A 60 9.75 3.37 10.45
N LEU A 61 8.58 2.96 10.99
CA LEU A 61 7.90 1.70 10.61
C LEU A 61 7.49 1.75 9.12
N ALA A 62 7.18 2.97 8.65
CA ALA A 62 6.83 3.25 7.25
C ALA A 62 8.02 3.07 6.31
N THR A 63 9.23 3.43 6.78
CA THR A 63 10.49 3.24 6.02
C THR A 63 10.84 1.74 5.91
N ARG A 64 10.37 0.95 6.88
CA ARG A 64 10.49 -0.53 6.84
C ARG A 64 9.48 -1.11 5.82
N LEU A 65 8.28 -0.49 5.74
CA LEU A 65 7.19 -0.90 4.84
C LEU A 65 7.60 -0.67 3.38
N THR A 66 8.15 0.52 3.11
CA THR A 66 8.68 0.90 1.81
C THR A 66 9.85 -0.03 1.44
N GLY A 67 10.65 -0.36 2.47
CA GLY A 67 11.73 -1.35 2.38
C GLY A 67 11.27 -2.73 1.90
N GLN A 68 10.07 -3.16 2.36
CA GLN A 68 9.46 -4.44 1.93
C GLN A 68 9.23 -4.41 0.40
N LEU A 69 8.61 -3.31 -0.04
CA LEU A 69 8.29 -3.05 -1.46
C LEU A 69 9.55 -2.97 -2.32
N HIS A 70 10.65 -2.44 -1.75
CA HIS A 70 11.95 -2.32 -2.44
C HIS A 70 12.51 -3.68 -2.83
N GLN A 71 12.32 -4.66 -1.93
CA GLN A 71 12.74 -6.05 -2.15
C GLN A 71 11.88 -6.69 -3.25
N ALA A 72 10.61 -6.27 -3.33
CA ALA A 72 9.66 -6.73 -4.37
C ALA A 72 9.96 -6.08 -5.76
N GLY A 73 10.83 -5.06 -5.77
CA GLY A 73 11.20 -4.34 -7.01
C GLY A 73 10.23 -3.20 -7.32
N TYR A 74 9.65 -2.62 -6.25
CA TYR A 74 8.79 -1.42 -6.32
C TYR A 74 9.40 -0.32 -5.46
N GLU A 75 9.58 0.88 -6.04
CA GLU A 75 10.14 2.02 -5.31
C GLU A 75 9.02 2.68 -4.49
N ALA A 76 9.34 3.02 -3.24
CA ALA A 76 8.40 3.55 -2.26
C ALA A 76 9.13 4.44 -1.26
N GLN A 77 8.51 5.57 -0.87
CA GLN A 77 9.08 6.51 0.12
C GLN A 77 8.01 6.92 1.14
N LEU A 78 8.49 7.43 2.30
CA LEU A 78 7.65 8.03 3.35
C LEU A 78 6.83 9.21 2.77
N SER A 79 7.42 9.88 1.78
CA SER A 79 6.82 10.97 1.02
C SER A 79 5.38 10.65 0.58
N ASP A 80 5.22 9.49 -0.07
CA ASP A 80 3.92 9.04 -0.64
C ASP A 80 3.05 8.32 0.39
N LEU A 81 3.65 7.85 1.50
CA LEU A 81 2.88 7.23 2.61
C LEU A 81 2.12 8.30 3.40
N PHE A 82 2.78 9.44 3.63
CA PHE A 82 2.20 10.55 4.38
C PHE A 82 1.25 11.37 3.47
N ASN A 83 1.62 11.48 2.17
CA ASN A 83 0.81 12.19 1.15
C ASN A 83 -0.42 11.34 0.72
N HIS A 84 -0.26 10.00 0.76
CA HIS A 84 -1.33 9.02 0.44
C HIS A 84 -1.39 7.97 1.60
N PRO A 85 -2.06 8.30 2.75
CA PRO A 85 -2.17 7.38 3.91
C PRO A 85 -3.09 6.17 3.61
N ARG A 86 -4.03 6.39 2.68
CA ARG A 86 -4.92 5.35 2.13
C ARG A 86 -4.08 4.27 1.41
N LEU A 87 -4.40 2.99 1.69
CA LEU A 87 -3.67 1.82 1.16
C LEU A 87 -3.66 1.79 -0.37
N ALA A 88 -4.86 1.78 -0.99
CA ALA A 88 -4.99 1.61 -2.46
C ALA A 88 -4.49 2.83 -3.24
N ASP A 89 -4.48 4.00 -2.57
CA ASP A 89 -3.92 5.23 -3.15
C ASP A 89 -2.38 5.17 -3.19
N PHE A 90 -1.79 4.69 -2.09
CA PHE A 90 -0.35 4.46 -1.99
C PHE A 90 0.09 3.34 -2.96
N ALA A 91 -0.71 2.27 -3.03
CA ALA A 91 -0.43 1.11 -3.89
C ALA A 91 -0.57 1.47 -5.38
N ALA A 92 -1.48 2.40 -5.67
CA ALA A 92 -1.68 2.93 -7.03
C ALA A 92 -0.52 3.83 -7.44
N THR A 93 -0.03 4.65 -6.48
CA THR A 93 1.04 5.64 -6.74
C THR A 93 2.43 4.96 -6.78
N LEU A 94 2.52 3.67 -6.38
CA LEU A 94 3.76 2.88 -6.49
C LEU A 94 4.15 2.67 -7.96
N ARG A 95 5.47 2.59 -8.18
CA ARG A 95 6.05 2.40 -9.51
C ARG A 95 7.28 1.48 -9.38
N LYS A 96 7.51 0.63 -10.39
CA LYS A 96 8.58 -0.36 -10.39
C LYS A 96 9.96 0.31 -10.42
N THR A 97 10.91 -0.36 -9.79
CA THR A 97 12.32 0.01 -9.78
C THR A 97 13.02 -0.71 -10.95
N ASP A 98 14.14 -0.15 -11.46
CA ASP A 98 15.02 -0.86 -12.43
C ASP A 98 15.53 -2.14 -11.78
N VAL A 99 15.14 -3.28 -12.35
CA VAL A 99 15.47 -4.62 -11.83
C VAL A 99 17.01 -4.83 -11.85
N PRO A 100 17.70 -4.85 -10.66
CA PRO A 100 19.17 -4.98 -10.56
C PRO A 100 19.67 -6.38 -10.98
N VAL A 101 19.34 -7.41 -10.15
CA VAL A 101 19.73 -8.83 -10.41
C VAL A 101 18.54 -9.79 -10.16
N GLU A 102 17.70 -9.47 -9.16
CA GLU A 102 16.54 -10.31 -8.79
C GLU A 102 15.37 -10.05 -9.76
N GLN A 103 15.42 -10.74 -10.91
CA GLN A 103 14.40 -10.62 -11.97
C GLN A 103 13.17 -11.47 -11.62
N PRO A 104 11.95 -10.86 -11.46
CA PRO A 104 10.71 -11.63 -11.34
C PRO A 104 10.39 -12.31 -12.69
N PHE A 105 11.01 -13.49 -12.88
CA PHE A 105 10.96 -14.25 -14.15
C PHE A 105 9.54 -14.78 -14.40
N VAL A 106 8.75 -13.95 -15.08
CA VAL A 106 7.48 -14.36 -15.67
C VAL A 106 7.78 -14.85 -17.10
N HIS A 107 7.02 -15.85 -17.60
CA HIS A 107 7.24 -16.43 -18.92
C HIS A 107 6.80 -15.45 -20.03
N SER A 108 7.69 -14.49 -20.32
CA SER A 108 7.50 -13.43 -21.31
C SER A 108 8.76 -13.40 -22.21
N PRO A 109 8.66 -13.77 -23.53
CA PRO A 109 9.81 -13.84 -24.47
C PRO A 109 10.64 -12.53 -24.57
N GLU A 110 11.71 -12.44 -23.78
CA GLU A 110 12.71 -11.35 -23.84
C GLU A 110 14.07 -11.98 -24.22
N ASP A 111 14.60 -11.60 -25.41
CA ASP A 111 15.77 -12.24 -26.05
C ASP A 111 15.32 -13.60 -26.65
N GLY A 1 -22.07 21.40 16.10
CA GLY A 1 -22.96 20.91 15.02
C GLY A 1 -23.64 19.58 15.34
N THR A 2 -24.66 19.23 14.54
CA THR A 2 -25.40 17.96 14.69
C THR A 2 -24.80 16.88 13.75
N ILE A 3 -25.48 15.70 13.66
CA ILE A 3 -24.97 14.49 13.00
C ILE A 3 -23.75 13.98 13.81
N ASP A 4 -24.05 13.68 15.07
CA ASP A 4 -23.08 13.26 16.06
C ASP A 4 -22.75 11.77 15.86
N TYR A 5 -21.52 11.47 15.42
CA TYR A 5 -21.04 10.08 15.24
C TYR A 5 -20.99 9.33 16.58
N GLN A 6 -20.90 10.09 17.70
CA GLN A 6 -21.06 9.56 19.07
C GLN A 6 -22.50 8.99 19.24
N ALA A 7 -23.50 9.75 18.74
CA ALA A 7 -24.92 9.37 18.80
C ALA A 7 -25.22 8.14 17.92
N LEU A 8 -24.37 7.90 16.91
CA LEU A 8 -24.43 6.66 16.11
C LEU A 8 -23.76 5.52 16.89
N LYS A 9 -24.59 4.69 17.58
CA LYS A 9 -24.15 3.42 18.21
C LYS A 9 -24.49 2.26 17.25
N ARG A 10 -24.33 2.52 15.94
CA ARG A 10 -24.87 1.69 14.84
C ARG A 10 -24.39 0.24 14.94
N ARG A 11 -23.07 0.06 15.13
CA ARG A 11 -22.42 -1.22 15.46
C ARG A 11 -22.48 -2.26 14.30
N HIS A 12 -21.57 -3.26 14.35
CA HIS A 12 -21.49 -4.40 13.37
C HIS A 12 -20.97 -3.96 11.97
N THR A 13 -20.82 -2.63 11.77
CA THR A 13 -20.44 -1.99 10.49
C THR A 13 -21.31 -2.45 9.28
N PRO A 14 -22.55 -1.88 9.12
CA PRO A 14 -23.29 -1.94 7.85
C PRO A 14 -22.68 -1.02 6.77
N GLU A 15 -23.39 -0.88 5.64
CA GLU A 15 -22.94 -0.05 4.50
C GLU A 15 -23.18 1.44 4.81
N ALA A 16 -24.22 1.71 5.63
CA ALA A 16 -24.60 3.06 6.08
C ALA A 16 -23.67 3.58 7.18
N GLU A 17 -22.79 2.71 7.70
CA GLU A 17 -21.72 3.06 8.67
C GLU A 17 -20.54 3.73 7.91
N ASN A 18 -19.48 4.08 8.66
CA ASN A 18 -18.20 4.57 8.08
C ASN A 18 -17.65 3.54 7.06
N PRO A 19 -17.43 3.93 5.76
CA PRO A 19 -16.90 3.02 4.72
C PRO A 19 -15.54 2.36 5.12
N ALA A 20 -15.61 1.07 5.44
CA ALA A 20 -14.48 0.24 5.87
C ALA A 20 -14.74 -1.20 5.43
N GLU A 21 -15.95 -1.69 5.74
CA GLU A 21 -16.43 -3.00 5.24
C GLU A 21 -16.81 -2.84 3.75
N ALA A 22 -16.38 -3.80 2.93
CA ALA A 22 -16.51 -3.82 1.44
C ALA A 22 -15.55 -2.83 0.78
N ASP A 23 -14.57 -2.34 1.55
CA ASP A 23 -13.48 -1.49 1.04
C ASP A 23 -12.17 -2.28 1.13
N LEU A 24 -12.25 -3.62 1.10
CA LEU A 24 -11.07 -4.50 1.16
C LEU A 24 -10.26 -4.38 -0.16
N PRO A 25 -8.89 -4.32 -0.07
CA PRO A 25 -8.01 -4.04 -1.23
C PRO A 25 -8.08 -5.12 -2.32
N GLN A 26 -8.40 -4.70 -3.55
CA GLN A 26 -8.56 -5.61 -4.71
C GLN A 26 -7.62 -5.16 -5.85
N GLY A 27 -6.74 -6.08 -6.28
CA GLY A 27 -5.69 -5.79 -7.26
C GLY A 27 -4.38 -6.41 -6.80
N ASP A 28 -3.44 -6.63 -7.73
CA ASP A 28 -2.13 -7.26 -7.42
C ASP A 28 -1.30 -6.37 -6.47
N ILE A 29 -1.30 -5.06 -6.75
CA ILE A 29 -0.51 -4.08 -5.99
C ILE A 29 -1.22 -3.72 -4.66
N GLU A 30 -2.57 -3.66 -4.70
CA GLU A 30 -3.40 -3.37 -3.51
C GLU A 30 -3.25 -4.50 -2.48
N LYS A 31 -3.25 -5.75 -2.96
CA LYS A 31 -3.07 -6.95 -2.14
C LYS A 31 -1.64 -7.02 -1.59
N GLN A 32 -0.65 -6.59 -2.40
CA GLN A 32 0.77 -6.52 -2.02
C GLN A 32 0.95 -5.65 -0.78
N VAL A 33 0.48 -4.40 -0.90
CA VAL A 33 0.57 -3.40 0.18
C VAL A 33 -0.28 -3.83 1.40
N ALA A 34 -1.44 -4.47 1.14
CA ALA A 34 -2.37 -4.95 2.19
C ALA A 34 -1.73 -6.03 3.08
N ALA A 35 -1.07 -6.99 2.43
CA ALA A 35 -0.39 -8.10 3.11
C ALA A 35 0.74 -7.58 4.00
N LEU A 36 1.55 -6.67 3.44
CA LEU A 36 2.72 -6.09 4.12
C LEU A 36 2.29 -5.22 5.32
N TRP A 37 1.16 -4.52 5.20
CA TRP A 37 0.58 -3.73 6.32
C TRP A 37 0.10 -4.67 7.43
N GLN A 38 -0.57 -5.76 7.06
CA GLN A 38 -1.11 -6.74 8.05
C GLN A 38 0.02 -7.48 8.78
N GLN A 39 1.18 -7.66 8.11
CA GLN A 39 2.36 -8.29 8.72
C GLN A 39 3.09 -7.31 9.65
N LEU A 40 3.47 -6.14 9.09
CA LEU A 40 4.28 -5.12 9.79
C LEU A 40 3.50 -4.44 10.94
N LEU A 41 2.30 -3.91 10.63
CA LEU A 41 1.42 -3.29 11.66
C LEU A 41 0.83 -4.37 12.59
N SER A 42 0.89 -5.63 12.14
CA SER A 42 0.44 -6.82 12.89
C SER A 42 -1.08 -6.72 13.17
N THR A 43 -1.83 -6.43 12.11
CA THR A 43 -3.29 -6.22 12.18
C THR A 43 -4.05 -7.48 11.74
N GLY A 44 -5.30 -7.61 12.21
CA GLY A 44 -6.19 -8.70 11.78
C GLY A 44 -6.66 -8.51 10.35
N ASN A 45 -6.98 -7.25 10.00
CA ASN A 45 -7.41 -6.88 8.65
C ASN A 45 -7.22 -5.37 8.41
N VAL A 46 -6.59 -5.00 7.29
CA VAL A 46 -6.55 -3.59 6.80
C VAL A 46 -7.28 -3.52 5.46
N THR A 47 -7.95 -2.38 5.22
CA THR A 47 -8.68 -2.10 3.98
C THR A 47 -7.99 -0.99 3.19
N ARG A 48 -8.44 -0.74 1.94
CA ARG A 48 -7.84 0.28 1.07
C ARG A 48 -7.98 1.71 1.66
N GLU A 49 -8.96 1.88 2.56
CA GLU A 49 -9.28 3.17 3.18
C GLU A 49 -8.68 3.30 4.58
N THR A 50 -8.07 2.22 5.08
CA THR A 50 -7.24 2.26 6.29
C THR A 50 -5.96 3.04 5.99
N ASP A 51 -5.63 4.00 6.86
CA ASP A 51 -4.41 4.81 6.74
C ASP A 51 -3.31 4.18 7.61
N PHE A 52 -2.06 4.21 7.12
CA PHE A 52 -0.90 3.59 7.80
C PHE A 52 -0.70 4.17 9.21
N PHE A 53 -0.60 5.50 9.26
CA PHE A 53 -0.27 6.26 10.48
C PHE A 53 -1.47 6.33 11.44
N GLN A 54 -2.69 6.32 10.88
CA GLN A 54 -3.95 6.33 11.67
C GLN A 54 -4.15 4.96 12.36
N GLN A 55 -3.72 3.89 11.67
CA GLN A 55 -3.77 2.51 12.20
C GLN A 55 -2.81 2.34 13.39
N GLY A 56 -1.83 3.25 13.51
CA GLY A 56 -0.85 3.24 14.59
C GLY A 56 0.58 3.19 14.08
N GLY A 57 0.73 2.92 12.77
CA GLY A 57 2.04 2.80 12.13
C GLY A 57 2.88 4.07 12.24
N ASP A 58 4.16 3.88 12.55
CA ASP A 58 5.12 4.98 12.76
C ASP A 58 5.83 5.35 11.46
N SER A 59 6.60 6.45 11.50
CA SER A 59 7.50 6.86 10.40
C SER A 59 8.69 5.86 10.28
N LEU A 60 9.11 5.31 11.42
CA LEU A 60 10.14 4.25 11.52
C LEU A 60 9.60 2.95 10.88
N LEU A 61 8.39 2.57 11.30
CA LEU A 61 7.67 1.38 10.80
C LEU A 61 7.40 1.54 9.29
N ALA A 62 7.18 2.79 8.87
CA ALA A 62 6.96 3.17 7.46
C ALA A 62 8.23 2.98 6.63
N THR A 63 9.40 3.32 7.22
CA THR A 63 10.72 3.15 6.57
C THR A 63 10.97 1.66 6.26
N ARG A 64 10.59 0.81 7.21
CA ARG A 64 10.69 -0.64 7.07
C ARG A 64 9.72 -1.15 5.98
N LEU A 65 8.47 -0.64 6.01
CA LEU A 65 7.38 -1.06 5.10
C LEU A 65 7.77 -0.83 3.63
N THR A 66 8.34 0.36 3.36
CA THR A 66 8.77 0.77 2.03
C THR A 66 9.90 -0.16 1.49
N GLY A 67 10.69 -0.70 2.43
CA GLY A 67 11.75 -1.68 2.12
C GLY A 67 11.20 -3.02 1.65
N GLN A 68 10.08 -3.47 2.23
CA GLN A 68 9.36 -4.70 1.79
C GLN A 68 8.86 -4.54 0.34
N LEU A 69 8.56 -3.30 -0.07
CA LEU A 69 8.16 -2.97 -1.44
C LEU A 69 9.39 -2.92 -2.36
N HIS A 70 10.53 -2.40 -1.84
CA HIS A 70 11.80 -2.26 -2.61
C HIS A 70 12.31 -3.62 -3.12
N GLN A 71 12.28 -4.62 -2.24
CA GLN A 71 12.69 -6.01 -2.57
C GLN A 71 11.67 -6.68 -3.53
N ALA A 72 10.40 -6.23 -3.49
CA ALA A 72 9.35 -6.68 -4.43
C ALA A 72 9.46 -5.96 -5.80
N GLY A 73 10.39 -4.99 -5.89
CA GLY A 73 10.67 -4.24 -7.12
C GLY A 73 9.75 -3.05 -7.30
N TYR A 74 9.34 -2.44 -6.18
CA TYR A 74 8.54 -1.20 -6.17
C TYR A 74 9.29 -0.12 -5.37
N GLU A 75 9.51 1.04 -5.99
CA GLU A 75 10.08 2.20 -5.30
C GLU A 75 8.97 2.81 -4.41
N ALA A 76 9.33 3.01 -3.14
CA ALA A 76 8.41 3.44 -2.11
C ALA A 76 9.14 4.40 -1.17
N GLN A 77 8.62 5.63 -1.06
CA GLN A 77 9.13 6.66 -0.14
C GLN A 77 8.05 7.02 0.88
N LEU A 78 8.50 7.62 1.99
CA LEU A 78 7.63 8.05 3.09
C LEU A 78 6.78 9.25 2.67
N SER A 79 7.29 10.00 1.67
CA SER A 79 6.61 11.18 1.10
C SER A 79 5.19 10.85 0.63
N ASP A 80 5.06 9.73 -0.10
CA ASP A 80 3.76 9.27 -0.63
C ASP A 80 2.92 8.53 0.43
N LEU A 81 3.54 8.16 1.56
CA LEU A 81 2.78 7.67 2.75
C LEU A 81 2.14 8.84 3.51
N PHE A 82 2.80 10.02 3.49
CA PHE A 82 2.23 11.26 4.06
C PHE A 82 1.32 11.97 3.03
N ASN A 83 1.56 11.72 1.74
CA ASN A 83 0.77 12.31 0.62
C ASN A 83 -0.48 11.44 0.34
N HIS A 84 -0.32 10.14 0.55
CA HIS A 84 -1.40 9.13 0.38
C HIS A 84 -1.31 8.15 1.57
N PRO A 85 -1.90 8.50 2.76
CA PRO A 85 -1.89 7.60 3.93
C PRO A 85 -2.73 6.33 3.71
N ARG A 86 -3.79 6.46 2.89
CA ARG A 86 -4.63 5.32 2.45
C ARG A 86 -3.84 4.29 1.64
N LEU A 87 -4.26 3.03 1.77
CA LEU A 87 -3.57 1.84 1.27
C LEU A 87 -3.53 1.81 -0.27
N ALA A 88 -4.70 1.95 -0.91
CA ALA A 88 -4.81 1.80 -2.39
C ALA A 88 -4.26 3.03 -3.10
N ASP A 89 -4.42 4.17 -2.43
CA ASP A 89 -3.99 5.47 -2.93
C ASP A 89 -2.45 5.58 -2.91
N PHE A 90 -1.82 4.83 -1.97
CA PHE A 90 -0.35 4.65 -1.93
C PHE A 90 0.08 3.57 -2.93
N ALA A 91 -0.76 2.54 -3.10
CA ALA A 91 -0.47 1.39 -3.97
C ALA A 91 -0.35 1.82 -5.45
N ALA A 92 -1.22 2.76 -5.87
CA ALA A 92 -1.24 3.27 -7.26
C ALA A 92 0.04 4.04 -7.61
N THR A 93 0.55 4.83 -6.64
CA THR A 93 1.70 5.74 -6.87
C THR A 93 3.06 4.99 -6.74
N LEU A 94 3.01 3.67 -6.47
CA LEU A 94 4.21 2.81 -6.48
C LEU A 94 4.70 2.58 -7.93
N ARG A 95 6.00 2.83 -8.15
CA ARG A 95 6.65 2.67 -9.45
C ARG A 95 7.50 1.40 -9.42
N LYS A 96 7.51 0.63 -10.51
CA LYS A 96 8.28 -0.62 -10.58
C LYS A 96 9.78 -0.31 -10.78
N THR A 97 10.56 -0.50 -9.71
CA THR A 97 12.02 -0.37 -9.72
C THR A 97 12.62 -1.55 -10.48
N ASP A 98 13.42 -1.27 -11.52
CA ASP A 98 14.18 -2.29 -12.24
C ASP A 98 15.33 -2.77 -11.34
N VAL A 99 15.61 -4.07 -11.37
CA VAL A 99 16.70 -4.65 -10.57
C VAL A 99 18.00 -4.59 -11.40
N PRO A 100 19.15 -4.09 -10.81
CA PRO A 100 20.46 -3.95 -11.54
C PRO A 100 21.16 -5.29 -11.91
N VAL A 101 20.42 -6.41 -11.85
CA VAL A 101 20.90 -7.73 -12.34
C VAL A 101 20.55 -7.89 -13.84
N GLU A 102 20.68 -9.13 -14.38
CA GLU A 102 20.26 -9.47 -15.75
C GLU A 102 18.72 -9.51 -15.81
N GLN A 103 18.11 -8.33 -15.89
CA GLN A 103 16.65 -8.14 -15.87
C GLN A 103 16.18 -7.69 -17.28
N PRO A 104 15.06 -8.32 -17.81
CA PRO A 104 14.51 -8.11 -19.19
C PRO A 104 14.78 -6.73 -19.86
N PHE A 105 14.53 -5.64 -19.12
CA PHE A 105 14.85 -4.29 -19.56
C PHE A 105 15.40 -3.52 -18.36
N VAL A 106 16.72 -3.62 -18.15
CA VAL A 106 17.43 -2.83 -17.13
C VAL A 106 17.34 -1.35 -17.52
N HIS A 107 16.34 -0.66 -16.93
CA HIS A 107 16.14 0.80 -17.13
C HIS A 107 17.40 1.58 -16.71
N SER A 108 17.95 1.19 -15.55
CA SER A 108 19.19 1.75 -15.00
C SER A 108 19.02 3.26 -14.65
N PRO A 109 18.72 3.61 -13.36
CA PRO A 109 18.55 5.01 -12.90
C PRO A 109 19.71 5.95 -13.26
N GLU A 110 20.95 5.43 -13.14
CA GLU A 110 22.21 6.17 -13.45
C GLU A 110 23.06 5.32 -14.42
N ASP A 111 24.36 5.64 -14.55
CA ASP A 111 25.31 4.86 -15.39
C ASP A 111 26.75 5.13 -14.91
N GLY A 1 -12.48 2.14 -30.32
CA GLY A 1 -12.49 3.08 -29.16
C GLY A 1 -12.39 2.34 -27.84
N THR A 2 -11.57 2.86 -26.90
CA THR A 2 -11.41 2.28 -25.56
C THR A 2 -12.67 2.55 -24.71
N ILE A 3 -13.31 1.49 -24.21
CA ILE A 3 -14.43 1.62 -23.27
C ILE A 3 -13.88 2.04 -21.88
N ASP A 4 -14.25 3.26 -21.44
CA ASP A 4 -13.85 3.79 -20.13
C ASP A 4 -14.67 3.09 -19.04
N TYR A 5 -14.04 2.12 -18.37
CA TYR A 5 -14.72 1.30 -17.34
C TYR A 5 -15.07 2.11 -16.09
N GLN A 6 -14.22 3.11 -15.77
CA GLN A 6 -14.36 3.95 -14.57
C GLN A 6 -15.56 4.91 -14.69
N ALA A 7 -16.04 5.13 -15.94
CA ALA A 7 -17.24 5.95 -16.24
C ALA A 7 -18.47 5.46 -15.47
N LEU A 8 -18.52 4.14 -15.24
CA LEU A 8 -19.54 3.53 -14.36
C LEU A 8 -19.07 3.67 -12.90
N LYS A 9 -19.20 4.89 -12.37
CA LYS A 9 -18.78 5.23 -11.00
C LYS A 9 -20.03 5.25 -10.11
N ARG A 10 -19.94 4.60 -8.94
CA ARG A 10 -21.00 4.59 -7.91
C ARG A 10 -20.37 4.27 -6.53
N ARG A 11 -21.17 4.51 -5.47
CA ARG A 11 -20.81 4.13 -4.08
C ARG A 11 -21.57 2.87 -3.68
N HIS A 12 -21.02 2.15 -2.69
CA HIS A 12 -21.58 0.89 -2.17
C HIS A 12 -21.40 0.86 -0.65
N THR A 13 -21.55 2.03 -0.03
CA THR A 13 -21.47 2.22 1.42
C THR A 13 -22.88 2.12 2.05
N PRO A 14 -23.26 0.94 2.66
CA PRO A 14 -24.56 0.78 3.32
C PRO A 14 -24.47 1.18 4.81
N GLU A 15 -25.53 0.90 5.56
CA GLU A 15 -25.49 1.03 7.02
C GLU A 15 -24.75 -0.18 7.60
N ALA A 16 -23.41 -0.12 7.49
CA ALA A 16 -22.50 -1.22 7.88
C ALA A 16 -21.99 -1.01 9.32
N GLU A 17 -21.41 -2.08 9.88
CA GLU A 17 -20.81 -2.04 11.23
C GLU A 17 -19.57 -1.12 11.27
N ASN A 18 -18.81 -1.12 10.16
CA ASN A 18 -17.57 -0.35 9.98
C ASN A 18 -17.03 -0.61 8.54
N PRO A 19 -16.81 0.47 7.69
CA PRO A 19 -16.20 0.32 6.34
C PRO A 19 -14.87 -0.48 6.35
N ALA A 20 -14.97 -1.77 5.97
CA ALA A 20 -13.84 -2.71 5.96
C ALA A 20 -14.10 -3.87 4.99
N GLU A 21 -15.15 -4.68 5.25
CA GLU A 21 -15.50 -5.87 4.43
C GLU A 21 -15.70 -5.52 2.93
N ALA A 22 -16.47 -4.45 2.68
CA ALA A 22 -16.77 -3.95 1.33
C ALA A 22 -15.58 -3.20 0.73
N ASP A 23 -14.70 -2.73 1.63
CA ASP A 23 -13.58 -1.84 1.30
C ASP A 23 -12.28 -2.63 1.13
N LEU A 24 -12.42 -3.96 0.97
CA LEU A 24 -11.29 -4.89 0.77
C LEU A 24 -10.41 -4.45 -0.44
N PRO A 25 -9.04 -4.40 -0.30
CA PRO A 25 -8.12 -4.07 -1.41
C PRO A 25 -8.20 -5.13 -2.54
N GLN A 26 -8.56 -4.67 -3.76
CA GLN A 26 -8.82 -5.56 -4.89
C GLN A 26 -7.89 -5.17 -6.06
N GLY A 27 -6.88 -6.02 -6.29
CA GLY A 27 -5.83 -5.75 -7.25
C GLY A 27 -4.51 -6.27 -6.71
N ASP A 28 -3.64 -6.77 -7.60
CA ASP A 28 -2.35 -7.40 -7.23
C ASP A 28 -1.50 -6.47 -6.33
N ILE A 29 -1.47 -5.18 -6.70
CA ILE A 29 -0.65 -4.17 -6.00
C ILE A 29 -1.25 -3.88 -4.61
N GLU A 30 -2.57 -3.65 -4.53
CA GLU A 30 -3.25 -3.32 -3.28
C GLU A 30 -3.22 -4.51 -2.30
N LYS A 31 -3.26 -5.74 -2.86
CA LYS A 31 -3.23 -6.99 -2.08
C LYS A 31 -1.82 -7.23 -1.52
N GLN A 32 -0.79 -6.86 -2.30
CA GLN A 32 0.62 -6.91 -1.89
C GLN A 32 0.86 -5.99 -0.68
N VAL A 33 0.40 -4.73 -0.82
CA VAL A 33 0.53 -3.69 0.21
C VAL A 33 -0.29 -4.05 1.47
N ALA A 34 -1.50 -4.62 1.25
CA ALA A 34 -2.40 -5.04 2.33
C ALA A 34 -1.74 -6.11 3.21
N ALA A 35 -1.17 -7.13 2.56
CA ALA A 35 -0.47 -8.23 3.23
C ALA A 35 0.71 -7.70 4.06
N LEU A 36 1.49 -6.77 3.46
CA LEU A 36 2.70 -6.18 4.09
C LEU A 36 2.34 -5.33 5.33
N TRP A 37 1.19 -4.62 5.28
CA TRP A 37 0.68 -3.85 6.45
C TRP A 37 0.27 -4.82 7.59
N GLN A 38 -0.31 -5.97 7.21
CA GLN A 38 -0.76 -6.99 8.17
C GLN A 38 0.42 -7.75 8.81
N GLN A 39 1.60 -7.69 8.15
CA GLN A 39 2.84 -8.27 8.68
C GLN A 39 3.54 -7.27 9.64
N LEU A 40 3.84 -6.06 9.12
CA LEU A 40 4.59 -5.01 9.84
C LEU A 40 3.80 -4.46 11.04
N LEU A 41 2.57 -3.97 10.77
CA LEU A 41 1.69 -3.40 11.81
C LEU A 41 1.06 -4.52 12.67
N SER A 42 1.18 -5.78 12.20
CA SER A 42 0.68 -6.99 12.91
C SER A 42 -0.86 -6.96 13.05
N THR A 43 -1.53 -6.56 11.95
CA THR A 43 -2.99 -6.32 11.94
C THR A 43 -3.74 -7.52 11.37
N GLY A 44 -5.02 -7.66 11.76
CA GLY A 44 -5.90 -8.70 11.22
C GLY A 44 -6.32 -8.38 9.80
N ASN A 45 -6.79 -7.13 9.58
CA ASN A 45 -7.19 -6.64 8.25
C ASN A 45 -6.77 -5.17 8.10
N VAL A 46 -6.43 -4.80 6.87
CA VAL A 46 -6.28 -3.41 6.44
C VAL A 46 -6.94 -3.27 5.06
N THR A 47 -7.64 -2.15 4.83
CA THR A 47 -8.48 -1.95 3.64
C THR A 47 -8.11 -0.67 2.89
N ARG A 48 -8.82 -0.41 1.77
CA ARG A 48 -8.51 0.68 0.81
C ARG A 48 -8.32 2.06 1.49
N GLU A 49 -9.30 2.45 2.34
CA GLU A 49 -9.30 3.78 3.00
C GLU A 49 -8.78 3.67 4.46
N THR A 50 -8.20 2.52 4.81
CA THR A 50 -7.39 2.39 6.04
C THR A 50 -6.06 3.14 5.83
N ASP A 51 -5.73 4.02 6.77
CA ASP A 51 -4.48 4.77 6.75
C ASP A 51 -3.45 4.03 7.60
N PHE A 52 -2.18 4.07 7.16
CA PHE A 52 -1.05 3.46 7.87
C PHE A 52 -0.91 4.09 9.28
N PHE A 53 -0.97 5.43 9.30
CA PHE A 53 -0.73 6.23 10.51
C PHE A 53 -1.95 6.21 11.46
N GLN A 54 -3.16 6.14 10.87
CA GLN A 54 -4.42 6.01 11.65
C GLN A 54 -4.52 4.61 12.28
N GLN A 55 -3.93 3.60 11.60
CA GLN A 55 -3.87 2.21 12.11
C GLN A 55 -2.94 2.11 13.34
N GLY A 56 -2.05 3.11 13.51
CA GLY A 56 -1.13 3.16 14.64
C GLY A 56 0.33 3.15 14.20
N GLY A 57 0.56 3.11 12.87
CA GLY A 57 1.90 3.14 12.29
C GLY A 57 2.54 4.52 12.33
N ASP A 58 3.85 4.57 12.12
CA ASP A 58 4.64 5.83 12.19
C ASP A 58 5.66 5.83 11.04
N SER A 59 6.24 7.02 10.74
CA SER A 59 7.17 7.23 9.62
C SER A 59 8.41 6.31 9.69
N LEU A 60 8.84 5.91 10.91
CA LEU A 60 9.95 4.97 11.11
C LEU A 60 9.55 3.57 10.62
N LEU A 61 8.37 3.11 11.09
CA LEU A 61 7.76 1.82 10.69
C LEU A 61 7.42 1.86 9.18
N ALA A 62 7.12 3.06 8.68
CA ALA A 62 6.72 3.30 7.29
C ALA A 62 7.92 3.23 6.34
N THR A 63 9.12 3.58 6.87
CA THR A 63 10.39 3.42 6.13
C THR A 63 10.73 1.92 5.99
N ARG A 64 10.30 1.12 6.98
CA ARG A 64 10.50 -0.34 6.99
C ARG A 64 9.47 -1.03 6.08
N LEU A 65 8.25 -0.46 6.05
CA LEU A 65 7.14 -0.94 5.22
C LEU A 65 7.48 -0.70 3.74
N THR A 66 7.86 0.55 3.41
CA THR A 66 8.31 0.92 2.06
C THR A 66 9.55 0.10 1.65
N GLY A 67 10.37 -0.23 2.67
CA GLY A 67 11.50 -1.16 2.55
C GLY A 67 11.10 -2.53 1.99
N GLN A 68 9.96 -3.05 2.44
CA GLN A 68 9.39 -4.33 1.96
C GLN A 68 8.96 -4.23 0.49
N LEU A 69 8.35 -3.10 0.11
CA LEU A 69 7.97 -2.82 -1.29
C LEU A 69 9.22 -2.78 -2.20
N HIS A 70 10.35 -2.26 -1.66
CA HIS A 70 11.63 -2.16 -2.40
C HIS A 70 12.11 -3.55 -2.88
N GLN A 71 11.88 -4.57 -2.03
CA GLN A 71 12.27 -5.97 -2.30
C GLN A 71 11.21 -6.66 -3.19
N ALA A 72 9.97 -6.16 -3.15
CA ALA A 72 8.89 -6.60 -4.05
C ALA A 72 9.13 -6.09 -5.49
N GLY A 73 10.06 -5.14 -5.66
CA GLY A 73 10.41 -4.59 -6.98
C GLY A 73 9.68 -3.28 -7.27
N TYR A 74 9.15 -2.64 -6.22
CA TYR A 74 8.50 -1.32 -6.30
C TYR A 74 9.24 -0.34 -5.39
N GLU A 75 9.75 0.78 -5.96
CA GLU A 75 10.39 1.82 -5.17
C GLU A 75 9.30 2.65 -4.47
N ALA A 76 9.18 2.45 -3.16
CA ALA A 76 8.26 3.17 -2.31
C ALA A 76 9.07 4.10 -1.40
N GLN A 77 8.76 5.40 -1.47
CA GLN A 77 9.41 6.41 -0.65
C GLN A 77 8.53 6.69 0.57
N LEU A 78 9.14 7.26 1.63
CA LEU A 78 8.38 7.67 2.82
C LEU A 78 7.42 8.82 2.45
N SER A 79 7.80 9.62 1.44
CA SER A 79 6.98 10.71 0.90
C SER A 79 5.72 10.17 0.16
N ASP A 80 5.80 8.92 -0.35
CA ASP A 80 4.65 8.24 -0.97
C ASP A 80 3.61 7.87 0.11
N LEU A 81 4.07 7.29 1.23
CA LEU A 81 3.18 6.92 2.36
C LEU A 81 2.68 8.17 3.13
N PHE A 82 3.50 9.23 3.18
CA PHE A 82 3.16 10.46 3.91
C PHE A 82 2.09 11.25 3.13
N ASN A 83 2.31 11.41 1.81
CA ASN A 83 1.38 12.16 0.94
C ASN A 83 0.10 11.35 0.65
N HIS A 84 0.25 10.01 0.62
CA HIS A 84 -0.86 9.08 0.39
C HIS A 84 -0.87 8.01 1.52
N PRO A 85 -1.48 8.36 2.70
CA PRO A 85 -1.50 7.46 3.88
C PRO A 85 -2.50 6.28 3.73
N ARG A 86 -3.50 6.45 2.85
CA ARG A 86 -4.45 5.36 2.49
C ARG A 86 -3.71 4.21 1.79
N LEU A 87 -4.25 3.00 1.94
CA LEU A 87 -3.68 1.78 1.35
C LEU A 87 -3.78 1.84 -0.18
N ALA A 88 -5.01 2.10 -0.69
CA ALA A 88 -5.30 2.16 -2.12
C ALA A 88 -4.52 3.29 -2.81
N ASP A 89 -4.38 4.41 -2.09
CA ASP A 89 -3.63 5.59 -2.54
C ASP A 89 -2.13 5.30 -2.63
N PHE A 90 -1.58 4.63 -1.59
CA PHE A 90 -0.15 4.26 -1.53
C PHE A 90 0.18 3.24 -2.64
N ALA A 91 -0.75 2.31 -2.87
CA ALA A 91 -0.63 1.29 -3.92
C ALA A 91 -0.69 1.93 -5.31
N ALA A 92 -1.54 2.96 -5.45
CA ALA A 92 -1.71 3.72 -6.71
C ALA A 92 -0.47 4.56 -7.04
N THR A 93 0.29 4.98 -6.01
CA THR A 93 1.50 5.82 -6.17
C THR A 93 2.80 4.99 -6.11
N LEU A 94 2.67 3.63 -6.10
CA LEU A 94 3.83 2.73 -6.17
C LEU A 94 4.45 2.76 -7.57
N ARG A 95 5.76 2.98 -7.59
CA ARG A 95 6.56 3.10 -8.83
C ARG A 95 7.41 1.82 -8.93
N LYS A 96 7.59 1.25 -10.13
CA LYS A 96 8.46 0.07 -10.31
C LYS A 96 9.94 0.49 -10.21
N THR A 97 10.69 -0.26 -9.39
CA THR A 97 12.14 -0.10 -9.23
C THR A 97 12.88 -0.32 -10.57
N ASP A 98 13.99 0.41 -10.79
CA ASP A 98 14.83 0.28 -11.98
C ASP A 98 15.41 -1.16 -12.05
N VAL A 99 15.16 -1.83 -13.18
CA VAL A 99 15.60 -3.22 -13.39
C VAL A 99 17.01 -3.25 -14.04
N PRO A 100 17.95 -4.12 -13.54
CA PRO A 100 19.33 -4.22 -14.06
C PRO A 100 19.42 -5.03 -15.38
N VAL A 101 18.26 -5.47 -15.87
CA VAL A 101 18.14 -6.16 -17.17
C VAL A 101 17.91 -5.13 -18.30
N GLU A 102 18.37 -5.46 -19.51
CA GLU A 102 18.13 -4.66 -20.71
C GLU A 102 16.62 -4.65 -21.02
N GLN A 103 15.99 -3.49 -20.83
CA GLN A 103 14.57 -3.28 -21.21
C GLN A 103 14.47 -3.16 -22.74
N PRO A 104 13.34 -3.60 -23.37
CA PRO A 104 13.09 -3.38 -24.81
C PRO A 104 12.63 -1.93 -25.07
N PHE A 105 12.28 -1.62 -26.33
CA PHE A 105 11.69 -0.32 -26.70
C PHE A 105 10.18 -0.28 -26.38
N VAL A 106 9.88 -0.35 -25.07
CA VAL A 106 8.58 0.04 -24.51
C VAL A 106 8.62 1.56 -24.30
N HIS A 107 7.57 2.27 -24.77
CA HIS A 107 7.55 3.75 -24.71
C HIS A 107 7.57 4.22 -23.23
N SER A 108 8.76 4.61 -22.78
CA SER A 108 9.01 5.03 -21.40
C SER A 108 8.55 6.49 -21.20
N PRO A 109 7.70 6.77 -20.16
CA PRO A 109 7.24 8.15 -19.82
C PRO A 109 8.40 9.18 -19.68
N GLU A 110 9.59 8.68 -19.29
CA GLU A 110 10.82 9.49 -19.19
C GLU A 110 11.32 9.89 -20.60
N ASP A 111 11.41 8.88 -21.49
CA ASP A 111 11.93 9.03 -22.85
C ASP A 111 10.97 9.88 -23.72
N GLY A 1 -15.51 14.24 21.09
CA GLY A 1 -16.98 14.10 20.91
C GLY A 1 -17.56 13.00 21.78
N THR A 2 -18.54 13.35 22.62
CA THR A 2 -19.30 12.38 23.44
C THR A 2 -20.37 11.69 22.57
N ILE A 3 -20.51 10.36 22.73
CA ILE A 3 -21.48 9.55 21.96
C ILE A 3 -22.93 9.81 22.42
N ASP A 4 -23.90 9.33 21.64
CA ASP A 4 -25.33 9.29 22.02
C ASP A 4 -25.67 7.89 22.58
N TYR A 5 -25.93 7.82 23.90
CA TYR A 5 -26.47 6.60 24.54
C TYR A 5 -27.98 6.50 24.23
N GLN A 6 -28.55 7.62 23.77
CA GLN A 6 -29.95 7.73 23.37
C GLN A 6 -30.18 7.03 22.01
N ALA A 7 -29.07 6.79 21.26
CA ALA A 7 -29.09 6.05 19.98
C ALA A 7 -29.48 4.57 20.16
N LEU A 8 -29.40 4.11 21.43
CA LEU A 8 -29.80 2.74 21.86
C LEU A 8 -31.33 2.53 21.70
N LYS A 9 -32.09 3.65 21.67
CA LYS A 9 -33.56 3.63 21.44
C LYS A 9 -33.88 3.93 19.96
N ARG A 10 -35.04 3.40 19.50
CA ARG A 10 -35.56 3.63 18.14
C ARG A 10 -35.87 5.13 17.91
N ARG A 11 -34.92 5.82 17.28
CA ARG A 11 -35.03 7.24 16.91
C ARG A 11 -34.73 7.36 15.41
N HIS A 12 -34.14 8.48 14.94
CA HIS A 12 -33.58 8.56 13.59
C HIS A 12 -32.33 7.67 13.53
N THR A 13 -32.54 6.41 13.13
CA THR A 13 -31.57 5.33 13.22
C THR A 13 -30.31 5.59 12.32
N PRO A 14 -29.10 5.90 12.92
CA PRO A 14 -27.91 6.29 12.15
C PRO A 14 -27.08 5.08 11.63
N GLU A 15 -27.57 4.47 10.52
CA GLU A 15 -26.84 3.40 9.81
C GLU A 15 -25.81 4.01 8.85
N ALA A 16 -24.55 3.56 8.96
CA ALA A 16 -23.43 4.03 8.11
C ALA A 16 -22.91 2.89 7.22
N GLU A 17 -21.86 3.16 6.43
CA GLU A 17 -21.12 2.11 5.70
C GLU A 17 -20.15 1.41 6.67
N ASN A 18 -19.62 0.24 6.28
CA ASN A 18 -18.61 -0.48 7.08
C ASN A 18 -17.23 -0.34 6.42
N PRO A 19 -16.38 0.65 6.88
CA PRO A 19 -14.97 0.74 6.46
C PRO A 19 -14.14 -0.34 7.16
N ALA A 20 -12.93 -0.60 6.63
CA ALA A 20 -12.08 -1.73 7.04
C ALA A 20 -12.76 -3.08 6.72
N GLU A 21 -13.62 -3.07 5.68
CA GLU A 21 -14.47 -4.23 5.33
C GLU A 21 -14.90 -4.15 3.85
N ALA A 22 -15.82 -3.21 3.54
CA ALA A 22 -16.45 -3.07 2.19
C ALA A 22 -15.48 -2.49 1.14
N ASP A 23 -14.33 -2.02 1.62
CA ASP A 23 -13.30 -1.35 0.82
C ASP A 23 -12.05 -2.22 0.75
N LEU A 24 -12.26 -3.56 0.82
CA LEU A 24 -11.19 -4.60 0.71
C LEU A 24 -10.32 -4.34 -0.54
N PRO A 25 -8.95 -4.38 -0.43
CA PRO A 25 -8.04 -4.02 -1.56
C PRO A 25 -8.29 -4.90 -2.81
N GLN A 26 -8.62 -4.25 -3.93
CA GLN A 26 -9.04 -4.95 -5.17
C GLN A 26 -7.97 -4.73 -6.26
N GLY A 27 -7.05 -5.70 -6.37
CA GLY A 27 -5.93 -5.63 -7.30
C GLY A 27 -4.69 -6.30 -6.72
N ASP A 28 -3.70 -6.61 -7.57
CA ASP A 28 -2.50 -7.36 -7.19
C ASP A 28 -1.53 -6.48 -6.36
N ILE A 29 -1.39 -5.20 -6.74
CA ILE A 29 -0.53 -4.25 -6.00
C ILE A 29 -1.18 -3.92 -4.65
N GLU A 30 -2.50 -3.73 -4.67
CA GLU A 30 -3.30 -3.44 -3.47
C GLU A 30 -3.22 -4.62 -2.47
N LYS A 31 -3.18 -5.85 -3.02
CA LYS A 31 -3.06 -7.11 -2.26
C LYS A 31 -1.65 -7.23 -1.65
N GLN A 32 -0.63 -6.82 -2.42
CA GLN A 32 0.78 -6.85 -2.01
C GLN A 32 1.01 -5.95 -0.78
N VAL A 33 0.58 -4.69 -0.91
CA VAL A 33 0.72 -3.66 0.14
C VAL A 33 -0.14 -4.04 1.37
N ALA A 34 -1.29 -4.70 1.13
CA ALA A 34 -2.19 -5.16 2.19
C ALA A 34 -1.53 -6.19 3.10
N ALA A 35 -0.88 -7.19 2.49
CA ALA A 35 -0.17 -8.26 3.24
C ALA A 35 0.93 -7.68 4.13
N LEU A 36 1.61 -6.64 3.61
CA LEU A 36 2.73 -5.97 4.29
C LEU A 36 2.23 -5.09 5.45
N TRP A 37 1.12 -4.36 5.24
CA TRP A 37 0.51 -3.51 6.30
C TRP A 37 -0.09 -4.39 7.43
N GLN A 38 -0.51 -5.62 7.09
CA GLN A 38 -1.01 -6.59 8.09
C GLN A 38 0.13 -7.12 8.97
N GLN A 39 1.30 -7.36 8.37
CA GLN A 39 2.49 -7.83 9.11
C GLN A 39 3.08 -6.72 10.00
N LEU A 40 3.48 -5.61 9.35
CA LEU A 40 4.20 -4.49 9.98
C LEU A 40 3.36 -3.75 11.06
N LEU A 41 2.02 -3.66 10.86
CA LEU A 41 1.11 -3.02 11.85
C LEU A 41 0.52 -4.06 12.83
N SER A 42 0.68 -5.35 12.49
CA SER A 42 0.14 -6.49 13.28
C SER A 42 -1.40 -6.40 13.38
N THR A 43 -2.04 -6.09 12.23
CA THR A 43 -3.49 -5.84 12.13
C THR A 43 -4.22 -7.09 11.60
N GLY A 44 -5.52 -7.22 11.98
CA GLY A 44 -6.36 -8.34 11.53
C GLY A 44 -6.77 -8.21 10.06
N ASN A 45 -6.85 -6.96 9.59
CA ASN A 45 -7.19 -6.61 8.20
C ASN A 45 -6.78 -5.15 7.91
N VAL A 46 -6.42 -4.88 6.66
CA VAL A 46 -6.19 -3.53 6.13
C VAL A 46 -6.87 -3.41 4.74
N THR A 47 -7.44 -2.22 4.48
CA THR A 47 -8.25 -1.89 3.29
C THR A 47 -7.81 -0.52 2.73
N ARG A 48 -8.55 0.04 1.75
CA ARG A 48 -8.17 1.31 1.10
C ARG A 48 -8.19 2.50 2.09
N GLU A 49 -9.29 2.63 2.84
CA GLU A 49 -9.53 3.75 3.79
C GLU A 49 -8.61 3.62 5.02
N THR A 50 -8.08 2.40 5.25
CA THR A 50 -7.11 2.14 6.33
C THR A 50 -5.85 3.00 6.17
N ASP A 51 -5.54 3.74 7.25
CA ASP A 51 -4.33 4.55 7.37
C ASP A 51 -3.26 3.73 8.09
N PHE A 52 -2.01 3.82 7.62
CA PHE A 52 -0.86 3.17 8.26
C PHE A 52 -0.69 3.69 9.70
N PHE A 53 -0.78 5.02 9.83
CA PHE A 53 -0.49 5.75 11.07
C PHE A 53 -1.59 5.53 12.13
N GLN A 54 -2.87 5.51 11.70
CA GLN A 54 -4.04 5.33 12.59
C GLN A 54 -4.05 3.94 13.24
N GLN A 55 -3.53 2.94 12.51
CA GLN A 55 -3.49 1.53 12.95
C GLN A 55 -2.26 1.22 13.84
N GLY A 56 -1.75 2.26 14.53
CA GLY A 56 -0.64 2.12 15.48
C GLY A 56 0.70 2.30 14.82
N GLY A 57 0.70 2.59 13.50
CA GLY A 57 1.93 2.80 12.74
C GLY A 57 2.55 4.17 12.94
N ASP A 58 3.83 4.27 12.59
CA ASP A 58 4.60 5.52 12.75
C ASP A 58 5.33 5.84 11.44
N SER A 59 5.84 7.07 11.32
CA SER A 59 6.66 7.52 10.18
C SER A 59 7.89 6.60 9.95
N LEU A 60 8.50 6.14 11.05
CA LEU A 60 9.69 5.26 11.03
C LEU A 60 9.29 3.85 10.53
N LEU A 61 8.16 3.35 11.06
CA LEU A 61 7.57 2.05 10.68
C LEU A 61 7.21 2.08 9.16
N ALA A 62 6.73 3.24 8.70
CA ALA A 62 6.35 3.48 7.30
C ALA A 62 7.58 3.52 6.38
N THR A 63 8.68 4.06 6.91
CA THR A 63 9.99 4.10 6.22
C THR A 63 10.56 2.68 6.05
N ARG A 64 10.30 1.80 7.05
CA ARG A 64 10.71 0.38 6.99
C ARG A 64 9.90 -0.38 5.93
N LEU A 65 8.58 -0.09 5.90
CA LEU A 65 7.58 -0.73 5.01
C LEU A 65 7.99 -0.62 3.52
N THR A 66 8.65 0.50 3.19
CA THR A 66 9.06 0.81 1.81
C THR A 66 10.12 -0.19 1.27
N GLY A 67 10.95 -0.70 2.20
CA GLY A 67 12.00 -1.68 1.89
C GLY A 67 11.48 -3.03 1.44
N GLN A 68 10.35 -3.45 2.03
CA GLN A 68 9.62 -4.66 1.59
C GLN A 68 9.20 -4.49 0.11
N LEU A 69 8.70 -3.30 -0.22
CA LEU A 69 8.26 -2.93 -1.57
C LEU A 69 9.45 -2.84 -2.54
N HIS A 70 10.62 -2.39 -2.03
CA HIS A 70 11.86 -2.31 -2.83
C HIS A 70 12.29 -3.71 -3.32
N GLN A 71 12.24 -4.70 -2.40
CA GLN A 71 12.59 -6.10 -2.69
C GLN A 71 11.49 -6.79 -3.54
N ALA A 72 10.29 -6.17 -3.57
CA ALA A 72 9.19 -6.59 -4.47
C ALA A 72 9.26 -5.85 -5.83
N GLY A 73 10.28 -4.98 -5.98
CA GLY A 73 10.55 -4.27 -7.24
C GLY A 73 9.66 -3.04 -7.44
N TYR A 74 9.36 -2.33 -6.35
CA TYR A 74 8.57 -1.07 -6.36
C TYR A 74 9.38 0.04 -5.70
N GLU A 75 9.37 1.24 -6.29
CA GLU A 75 9.96 2.42 -5.67
C GLU A 75 8.98 2.96 -4.60
N ALA A 76 9.50 3.19 -3.39
CA ALA A 76 8.68 3.59 -2.24
C ALA A 76 9.54 4.38 -1.24
N GLN A 77 8.97 5.49 -0.75
CA GLN A 77 9.57 6.34 0.30
C GLN A 77 8.50 6.67 1.34
N LEU A 78 8.91 7.12 2.55
CA LEU A 78 8.00 7.60 3.60
C LEU A 78 7.07 8.70 3.06
N SER A 79 7.63 9.55 2.18
CA SER A 79 6.90 10.66 1.52
C SER A 79 5.63 10.21 0.76
N ASP A 80 5.63 8.93 0.32
CA ASP A 80 4.50 8.30 -0.38
C ASP A 80 3.32 7.97 0.57
N LEU A 81 3.63 7.49 1.81
CA LEU A 81 2.59 7.22 2.84
C LEU A 81 2.13 8.54 3.50
N PHE A 82 3.08 9.47 3.53
CA PHE A 82 2.92 10.81 4.12
C PHE A 82 1.95 11.64 3.26
N ASN A 83 2.01 11.42 1.93
CA ASN A 83 1.12 12.09 0.95
C ASN A 83 -0.15 11.25 0.66
N HIS A 84 -0.02 9.91 0.71
CA HIS A 84 -1.14 8.96 0.41
C HIS A 84 -1.31 7.99 1.61
N PRO A 85 -2.12 8.37 2.65
CA PRO A 85 -2.41 7.48 3.80
C PRO A 85 -3.34 6.30 3.44
N ARG A 86 -4.15 6.51 2.38
CA ARG A 86 -4.94 5.43 1.75
C ARG A 86 -4.01 4.33 1.19
N LEU A 87 -4.35 3.06 1.45
CA LEU A 87 -3.56 1.89 1.04
C LEU A 87 -3.51 1.75 -0.49
N ALA A 88 -4.69 1.83 -1.14
CA ALA A 88 -4.82 1.61 -2.59
C ALA A 88 -4.21 2.78 -3.40
N ASP A 89 -4.18 3.97 -2.79
CA ASP A 89 -3.57 5.16 -3.40
C ASP A 89 -2.05 5.15 -3.19
N PHE A 90 -1.62 4.57 -2.06
CA PHE A 90 -0.19 4.29 -1.78
C PHE A 90 0.29 3.14 -2.68
N ALA A 91 -0.61 2.21 -3.01
CA ALA A 91 -0.33 1.11 -3.93
C ALA A 91 -0.21 1.66 -5.37
N ALA A 92 -1.05 2.68 -5.68
CA ALA A 92 -1.07 3.34 -6.99
C ALA A 92 0.22 4.14 -7.27
N THR A 93 0.84 4.71 -6.21
CA THR A 93 2.07 5.54 -6.35
C THR A 93 3.35 4.67 -6.44
N LEU A 94 3.19 3.35 -6.27
CA LEU A 94 4.29 2.40 -6.45
C LEU A 94 4.49 2.12 -7.95
N ARG A 95 5.69 2.42 -8.44
CA ARG A 95 6.07 2.23 -9.85
C ARG A 95 7.14 1.14 -9.88
N LYS A 96 7.02 0.16 -10.80
CA LYS A 96 7.90 -1.02 -10.83
C LYS A 96 9.35 -0.64 -11.16
N THR A 97 10.20 -0.69 -10.11
CA THR A 97 11.63 -0.45 -10.19
C THR A 97 12.33 -1.58 -10.93
N ASP A 98 13.30 -1.24 -11.79
CA ASP A 98 14.17 -2.19 -12.50
C ASP A 98 14.85 -3.14 -11.47
N VAL A 99 14.46 -4.43 -11.51
CA VAL A 99 14.95 -5.44 -10.59
C VAL A 99 16.46 -5.69 -10.89
N PRO A 100 17.37 -5.49 -9.88
CA PRO A 100 18.84 -5.49 -10.10
C PRO A 100 19.39 -6.76 -10.80
N VAL A 101 18.71 -7.92 -10.60
CA VAL A 101 19.12 -9.20 -11.24
C VAL A 101 18.98 -9.12 -12.78
N GLU A 102 18.03 -8.31 -13.26
CA GLU A 102 17.88 -8.01 -14.70
C GLU A 102 18.92 -6.93 -15.04
N GLN A 103 19.96 -7.33 -15.81
CA GLN A 103 21.19 -6.53 -16.02
C GLN A 103 20.89 -5.13 -16.60
N PRO A 104 21.02 -4.02 -15.78
CA PRO A 104 20.75 -2.63 -16.21
C PRO A 104 22.03 -1.92 -16.72
N PHE A 105 21.94 -0.60 -16.90
CA PHE A 105 23.08 0.26 -17.31
C PHE A 105 23.70 0.95 -16.09
N VAL A 106 22.88 1.18 -15.05
CA VAL A 106 23.33 1.72 -13.76
C VAL A 106 23.73 0.56 -12.81
N HIS A 107 24.83 0.72 -12.06
CA HIS A 107 25.26 -0.24 -11.02
C HIS A 107 25.55 0.50 -9.73
N SER A 108 25.34 -0.18 -8.59
CA SER A 108 25.57 0.38 -7.26
C SER A 108 27.10 0.53 -7.00
N PRO A 109 27.57 1.67 -6.39
CA PRO A 109 29.03 1.93 -6.13
C PRO A 109 29.69 0.86 -5.23
N GLU A 110 28.87 0.18 -4.40
CA GLU A 110 29.29 -0.97 -3.58
C GLU A 110 28.64 -2.25 -4.14
N ASP A 111 29.33 -3.39 -4.01
CA ASP A 111 28.95 -4.67 -4.63
C ASP A 111 28.61 -5.70 -3.52
N GLY A 1 -1.61 -19.47 -19.20
CA GLY A 1 -2.60 -19.86 -18.15
C GLY A 1 -3.69 -18.82 -17.97
N THR A 2 -4.20 -18.69 -16.74
CA THR A 2 -5.26 -17.74 -16.40
C THR A 2 -4.70 -16.30 -16.35
N ILE A 3 -5.06 -15.48 -17.35
CA ILE A 3 -4.82 -14.02 -17.30
C ILE A 3 -6.00 -13.39 -16.55
N ASP A 4 -5.86 -13.28 -15.22
CA ASP A 4 -6.90 -12.77 -14.30
C ASP A 4 -7.19 -11.29 -14.58
N TYR A 5 -8.36 -11.02 -15.16
CA TYR A 5 -8.78 -9.65 -15.53
C TYR A 5 -9.19 -8.82 -14.29
N GLN A 6 -9.46 -9.52 -13.18
CA GLN A 6 -9.88 -8.90 -11.90
C GLN A 6 -8.66 -8.24 -11.21
N ALA A 7 -7.45 -8.66 -11.64
CA ALA A 7 -6.16 -8.14 -11.14
C ALA A 7 -5.87 -6.72 -11.64
N LEU A 8 -6.60 -6.29 -12.70
CA LEU A 8 -6.46 -4.94 -13.31
C LEU A 8 -6.70 -3.87 -12.24
N LYS A 9 -5.68 -3.04 -11.99
CA LYS A 9 -5.69 -2.03 -10.92
C LYS A 9 -6.54 -0.83 -11.36
N ARG A 10 -7.88 -0.95 -11.19
CA ARG A 10 -8.85 0.08 -11.60
C ARG A 10 -9.74 0.43 -10.40
N ARG A 11 -9.37 1.51 -9.70
CA ARG A 11 -10.09 2.04 -8.54
C ARG A 11 -9.69 3.52 -8.36
N HIS A 12 -10.71 4.40 -8.24
CA HIS A 12 -10.53 5.86 -8.17
C HIS A 12 -9.86 6.32 -6.86
N THR A 13 -9.56 7.63 -6.79
CA THR A 13 -8.90 8.24 -5.62
C THR A 13 -9.85 8.27 -4.40
N PRO A 14 -9.31 8.16 -3.14
CA PRO A 14 -10.05 8.45 -1.90
C PRO A 14 -10.79 9.80 -1.93
N GLU A 15 -11.97 9.81 -1.31
CA GLU A 15 -12.79 11.01 -1.10
C GLU A 15 -13.60 10.80 0.18
N ALA A 16 -13.05 11.30 1.31
CA ALA A 16 -13.53 11.02 2.67
C ALA A 16 -13.38 9.52 3.01
N GLU A 17 -12.49 9.23 3.97
CA GLU A 17 -12.11 7.83 4.29
C GLU A 17 -13.25 7.12 5.02
N ASN A 18 -13.78 6.07 4.39
CA ASN A 18 -14.76 5.17 5.00
C ASN A 18 -14.38 3.71 4.64
N PRO A 19 -13.26 3.17 5.22
CA PRO A 19 -12.74 1.83 4.88
C PRO A 19 -13.56 0.71 5.55
N ALA A 20 -14.73 0.44 4.96
CA ALA A 20 -15.74 -0.48 5.55
C ALA A 20 -16.78 -0.96 4.52
N GLU A 21 -17.07 -0.15 3.50
CA GLU A 21 -18.18 -0.39 2.56
C GLU A 21 -17.85 -1.49 1.54
N ALA A 22 -16.93 -1.18 0.62
CA ALA A 22 -16.52 -2.08 -0.48
C ALA A 22 -15.03 -1.89 -0.76
N ASP A 23 -14.30 -1.67 0.35
CA ASP A 23 -12.92 -1.17 0.33
C ASP A 23 -11.89 -2.31 0.39
N LEU A 24 -12.35 -3.57 0.44
CA LEU A 24 -11.47 -4.75 0.54
C LEU A 24 -10.46 -4.77 -0.65
N PRO A 25 -9.14 -5.04 -0.38
CA PRO A 25 -8.05 -4.93 -1.40
C PRO A 25 -8.32 -5.78 -2.68
N GLN A 26 -8.39 -5.09 -3.83
CA GLN A 26 -8.77 -5.67 -5.14
C GLN A 26 -7.71 -5.33 -6.19
N GLY A 27 -6.86 -6.33 -6.54
CA GLY A 27 -5.71 -6.13 -7.42
C GLY A 27 -4.44 -6.64 -6.75
N ASP A 28 -3.42 -7.00 -7.55
CA ASP A 28 -2.16 -7.59 -7.03
C ASP A 28 -1.46 -6.64 -6.04
N ILE A 29 -1.41 -5.35 -6.39
CA ILE A 29 -0.70 -4.31 -5.61
C ILE A 29 -1.44 -4.00 -4.31
N GLU A 30 -2.77 -4.03 -4.39
CA GLU A 30 -3.65 -3.74 -3.25
C GLU A 30 -3.53 -4.85 -2.19
N LYS A 31 -3.51 -6.11 -2.66
CA LYS A 31 -3.36 -7.29 -1.79
C LYS A 31 -1.92 -7.43 -1.26
N GLN A 32 -0.95 -6.98 -2.08
CA GLN A 32 0.49 -6.98 -1.73
C GLN A 32 0.76 -6.04 -0.55
N VAL A 33 0.38 -4.77 -0.71
CA VAL A 33 0.57 -3.73 0.31
C VAL A 33 -0.29 -4.04 1.55
N ALA A 34 -1.48 -4.66 1.33
CA ALA A 34 -2.34 -5.16 2.43
C ALA A 34 -1.59 -6.20 3.28
N ALA A 35 -0.92 -7.14 2.57
CA ALA A 35 -0.19 -8.25 3.20
C ALA A 35 0.94 -7.73 4.09
N LEU A 36 1.63 -6.67 3.60
CA LEU A 36 2.74 -6.03 4.30
C LEU A 36 2.24 -5.32 5.57
N TRP A 37 1.11 -4.59 5.46
CA TRP A 37 0.52 -3.87 6.60
C TRP A 37 0.01 -4.85 7.68
N GLN A 38 -0.60 -5.96 7.25
CA GLN A 38 -1.18 -6.97 8.18
C GLN A 38 -0.09 -7.71 8.99
N GLN A 39 1.14 -7.81 8.45
CA GLN A 39 2.28 -8.44 9.15
C GLN A 39 3.09 -7.39 9.95
N LEU A 40 3.60 -6.37 9.23
CA LEU A 40 4.46 -5.32 9.79
C LEU A 40 3.77 -4.55 10.93
N LEU A 41 2.55 -4.03 10.66
CA LEU A 41 1.74 -3.32 11.68
C LEU A 41 1.16 -4.32 12.70
N SER A 42 1.00 -5.58 12.24
CA SER A 42 0.37 -6.68 12.99
C SER A 42 -1.13 -6.38 13.23
N THR A 43 -1.89 -6.27 12.13
CA THR A 43 -3.34 -5.95 12.15
C THR A 43 -4.17 -7.20 11.87
N GLY A 44 -5.48 -7.12 12.20
CA GLY A 44 -6.45 -8.15 11.82
C GLY A 44 -6.74 -8.13 10.33
N ASN A 45 -7.01 -6.91 9.80
CA ASN A 45 -7.24 -6.68 8.37
C ASN A 45 -7.08 -5.17 8.08
N VAL A 46 -6.58 -4.85 6.88
CA VAL A 46 -6.47 -3.48 6.36
C VAL A 46 -7.14 -3.42 4.97
N THR A 47 -7.90 -2.35 4.71
CA THR A 47 -8.66 -2.14 3.46
C THR A 47 -8.20 -0.82 2.77
N ARG A 48 -8.95 -0.38 1.73
CA ARG A 48 -8.52 0.66 0.76
C ARG A 48 -8.18 2.00 1.41
N GLU A 49 -9.09 2.54 2.27
CA GLU A 49 -8.91 3.88 2.85
C GLU A 49 -8.22 3.81 4.21
N THR A 50 -7.89 2.59 4.65
CA THR A 50 -7.12 2.38 5.87
C THR A 50 -5.79 3.13 5.74
N ASP A 51 -5.56 4.06 6.66
CA ASP A 51 -4.36 4.89 6.66
C ASP A 51 -3.32 4.25 7.57
N PHE A 52 -2.07 4.25 7.10
CA PHE A 52 -0.93 3.63 7.79
C PHE A 52 -0.76 4.20 9.22
N PHE A 53 -0.67 5.53 9.28
CA PHE A 53 -0.39 6.26 10.51
C PHE A 53 -1.61 6.32 11.44
N GLN A 54 -2.82 6.32 10.83
CA GLN A 54 -4.10 6.22 11.58
C GLN A 54 -4.23 4.85 12.25
N GLN A 55 -3.73 3.81 11.55
CA GLN A 55 -3.77 2.41 12.02
C GLN A 55 -2.87 2.22 13.26
N GLY A 56 -1.91 3.15 13.46
CA GLY A 56 -0.98 3.12 14.58
C GLY A 56 0.47 2.95 14.16
N GLY A 57 0.70 2.79 12.84
CA GLY A 57 2.06 2.68 12.29
C GLY A 57 2.80 3.99 12.34
N ASP A 58 4.02 3.96 12.87
CA ASP A 58 4.87 5.16 13.03
C ASP A 58 5.83 5.26 11.82
N SER A 59 6.44 6.45 11.64
CA SER A 59 7.35 6.77 10.52
C SER A 59 8.58 5.83 10.44
N LEU A 60 8.96 5.23 11.59
CA LEU A 60 10.07 4.24 11.67
C LEU A 60 9.69 2.98 10.87
N LEU A 61 8.49 2.46 11.16
CA LEU A 61 7.91 1.29 10.47
C LEU A 61 7.60 1.64 9.01
N ALA A 62 7.22 2.91 8.76
CA ALA A 62 6.90 3.42 7.43
C ALA A 62 8.13 3.43 6.49
N THR A 63 9.30 3.73 7.08
CA THR A 63 10.61 3.61 6.39
C THR A 63 10.86 2.14 5.99
N ARG A 64 10.51 1.21 6.90
CA ARG A 64 10.67 -0.24 6.68
C ARG A 64 9.61 -0.80 5.73
N LEU A 65 8.43 -0.16 5.67
CA LEU A 65 7.27 -0.62 4.87
C LEU A 65 7.56 -0.38 3.38
N THR A 66 8.11 0.80 3.09
CA THR A 66 8.59 1.15 1.75
C THR A 66 9.77 0.23 1.35
N GLY A 67 10.62 -0.07 2.35
CA GLY A 67 11.71 -1.08 2.23
C GLY A 67 11.22 -2.49 1.86
N GLN A 68 10.04 -2.87 2.36
CA GLN A 68 9.37 -4.15 2.00
C GLN A 68 9.06 -4.22 0.50
N LEU A 69 8.73 -3.05 -0.07
CA LEU A 69 8.42 -2.89 -1.50
C LEU A 69 9.70 -2.81 -2.35
N HIS A 70 10.81 -2.30 -1.76
CA HIS A 70 12.11 -2.17 -2.48
C HIS A 70 12.59 -3.55 -2.99
N GLN A 71 12.57 -4.52 -2.08
CA GLN A 71 12.92 -5.92 -2.38
C GLN A 71 11.85 -6.62 -3.25
N ALA A 72 10.60 -6.09 -3.20
CA ALA A 72 9.50 -6.59 -4.06
C ALA A 72 9.58 -6.03 -5.50
N GLY A 73 10.49 -5.06 -5.73
CA GLY A 73 10.73 -4.47 -7.06
C GLY A 73 9.87 -3.24 -7.32
N TYR A 74 9.46 -2.56 -6.23
CA TYR A 74 8.66 -1.32 -6.28
C TYR A 74 9.41 -0.18 -5.58
N GLU A 75 9.54 0.93 -6.29
CA GLU A 75 10.17 2.16 -5.78
C GLU A 75 9.12 2.91 -4.93
N ALA A 76 9.43 3.10 -3.63
CA ALA A 76 8.49 3.67 -2.64
C ALA A 76 9.27 4.49 -1.60
N GLN A 77 8.76 5.69 -1.27
CA GLN A 77 9.37 6.59 -0.27
C GLN A 77 8.36 6.93 0.84
N LEU A 78 8.90 7.42 1.98
CA LEU A 78 8.10 7.88 3.15
C LEU A 78 7.08 8.95 2.73
N SER A 79 7.49 9.80 1.78
CA SER A 79 6.67 10.87 1.23
C SER A 79 5.40 10.35 0.52
N ASP A 80 5.49 9.13 -0.08
CA ASP A 80 4.30 8.47 -0.66
C ASP A 80 3.33 8.03 0.47
N LEU A 81 3.87 7.46 1.56
CA LEU A 81 3.05 7.03 2.73
C LEU A 81 2.42 8.22 3.46
N PHE A 82 3.11 9.36 3.48
CA PHE A 82 2.68 10.54 4.25
C PHE A 82 1.67 11.39 3.44
N ASN A 83 1.95 11.55 2.13
CA ASN A 83 1.04 12.29 1.22
C ASN A 83 -0.16 11.41 0.85
N HIS A 84 0.07 10.09 0.81
CA HIS A 84 -0.95 9.10 0.44
C HIS A 84 -1.01 8.03 1.55
N PRO A 85 -1.73 8.33 2.67
CA PRO A 85 -1.75 7.44 3.85
C PRO A 85 -2.59 6.17 3.64
N ARG A 86 -3.61 6.24 2.74
CA ARG A 86 -4.53 5.10 2.48
C ARG A 86 -3.75 3.97 1.78
N LEU A 87 -4.26 2.74 1.92
CA LEU A 87 -3.65 1.54 1.32
C LEU A 87 -3.58 1.69 -0.21
N ALA A 88 -4.74 1.96 -0.84
CA ALA A 88 -4.88 1.97 -2.31
C ALA A 88 -4.41 3.31 -2.90
N ASP A 89 -4.40 4.37 -2.07
CA ASP A 89 -3.89 5.69 -2.47
C ASP A 89 -2.36 5.63 -2.64
N PHE A 90 -1.71 4.99 -1.65
CA PHE A 90 -0.27 4.67 -1.65
C PHE A 90 0.06 3.67 -2.78
N ALA A 91 -0.82 2.65 -2.93
CA ALA A 91 -0.67 1.58 -3.94
C ALA A 91 -0.80 2.13 -5.38
N ALA A 92 -1.56 3.23 -5.53
CA ALA A 92 -1.73 3.94 -6.83
C ALA A 92 -0.44 4.68 -7.20
N THR A 93 0.21 5.25 -6.18
CA THR A 93 1.41 6.08 -6.34
C THR A 93 2.70 5.26 -6.22
N LEU A 94 2.60 3.92 -6.28
CA LEU A 94 3.78 3.04 -6.36
C LEU A 94 4.27 2.97 -7.81
N ARG A 95 5.61 2.91 -7.95
CA ARG A 95 6.30 2.85 -9.24
C ARG A 95 7.08 1.53 -9.30
N LYS A 96 7.21 0.95 -10.49
CA LYS A 96 8.00 -0.28 -10.69
C LYS A 96 9.48 0.06 -10.87
N THR A 97 10.32 -0.61 -10.10
CA THR A 97 11.78 -0.54 -10.24
C THR A 97 12.22 -1.60 -11.28
N ASP A 98 13.24 -1.26 -12.10
CA ASP A 98 13.77 -2.17 -13.14
C ASP A 98 14.49 -3.36 -12.48
N VAL A 99 14.00 -4.58 -12.75
CA VAL A 99 14.59 -5.83 -12.26
C VAL A 99 15.80 -6.24 -13.17
N PRO A 100 17.08 -6.21 -12.63
CA PRO A 100 18.31 -6.50 -13.43
C PRO A 100 18.38 -7.97 -13.90
N VAL A 101 17.92 -8.87 -13.01
CA VAL A 101 18.00 -10.33 -13.21
C VAL A 101 16.68 -10.90 -13.78
N GLU A 102 16.30 -10.36 -14.95
CA GLU A 102 15.14 -10.84 -15.71
C GLU A 102 15.34 -10.47 -17.20
N GLN A 103 16.62 -10.53 -17.63
CA GLN A 103 17.09 -10.22 -19.00
C GLN A 103 16.92 -8.71 -19.32
N PRO A 104 17.96 -8.04 -19.94
CA PRO A 104 17.91 -6.59 -20.25
C PRO A 104 16.73 -6.25 -21.19
N PHE A 105 15.67 -5.63 -20.61
CA PHE A 105 14.49 -5.20 -21.36
C PHE A 105 14.88 -4.07 -22.35
N VAL A 106 15.20 -4.46 -23.59
CA VAL A 106 15.63 -3.51 -24.66
C VAL A 106 14.40 -2.92 -25.38
N HIS A 107 13.39 -2.50 -24.57
CA HIS A 107 12.16 -1.86 -25.05
C HIS A 107 12.49 -0.56 -25.81
N SER A 108 12.54 -0.67 -27.15
CA SER A 108 12.90 0.43 -28.04
C SER A 108 11.63 0.95 -28.75
N PRO A 109 11.05 2.11 -28.31
CA PRO A 109 9.89 2.73 -28.99
C PRO A 109 10.30 3.33 -30.35
N GLU A 110 9.78 2.76 -31.44
CA GLU A 110 10.09 3.20 -32.82
C GLU A 110 8.93 2.82 -33.75
N ASP A 111 8.43 3.79 -34.53
CA ASP A 111 7.34 3.56 -35.50
C ASP A 111 7.92 3.02 -36.84
N GLY A 1 -5.75 -21.44 -21.04
CA GLY A 1 -5.67 -20.05 -21.55
C GLY A 1 -6.80 -19.19 -21.02
N THR A 2 -6.50 -18.36 -20.00
CA THR A 2 -7.47 -17.43 -19.40
C THR A 2 -7.57 -16.13 -20.24
N ILE A 3 -6.39 -15.47 -20.44
CA ILE A 3 -6.29 -14.10 -21.02
C ILE A 3 -7.24 -13.13 -20.27
N ASP A 4 -6.75 -12.60 -19.13
CA ASP A 4 -7.49 -11.62 -18.33
C ASP A 4 -7.49 -10.25 -19.04
N TYR A 5 -8.54 -10.01 -19.84
CA TYR A 5 -8.74 -8.76 -20.58
C TYR A 5 -9.46 -7.73 -19.70
N GLN A 6 -10.52 -8.19 -19.02
CA GLN A 6 -11.39 -7.37 -18.15
C GLN A 6 -10.61 -6.81 -16.94
N ALA A 7 -9.53 -7.52 -16.53
CA ALA A 7 -8.66 -7.07 -15.44
C ALA A 7 -7.89 -5.79 -15.81
N LEU A 8 -7.75 -5.54 -17.13
CA LEU A 8 -7.10 -4.33 -17.68
C LEU A 8 -8.14 -3.33 -18.19
N LYS A 9 -9.37 -3.36 -17.62
CA LYS A 9 -10.42 -2.39 -17.95
C LYS A 9 -9.99 -0.97 -17.50
N ARG A 10 -9.84 -0.80 -16.18
CA ARG A 10 -9.38 0.47 -15.58
C ARG A 10 -8.58 0.17 -14.30
N ARG A 11 -7.60 1.02 -14.02
CA ARG A 11 -6.66 0.85 -12.90
C ARG A 11 -6.79 2.03 -11.93
N HIS A 12 -6.66 1.72 -10.61
CA HIS A 12 -6.81 2.69 -9.51
C HIS A 12 -8.26 3.22 -9.41
N THR A 13 -8.99 2.66 -8.44
CA THR A 13 -10.37 3.08 -8.13
C THR A 13 -10.35 4.38 -7.31
N PRO A 14 -11.38 5.28 -7.47
CA PRO A 14 -11.47 6.53 -6.67
C PRO A 14 -11.76 6.25 -5.17
N GLU A 15 -11.04 6.97 -4.31
CA GLU A 15 -11.18 6.89 -2.84
C GLU A 15 -12.54 7.45 -2.42
N ALA A 16 -13.36 6.61 -1.77
CA ALA A 16 -14.75 6.98 -1.42
C ALA A 16 -14.82 7.65 -0.03
N GLU A 17 -14.98 6.83 1.03
CA GLU A 17 -15.13 7.28 2.44
C GLU A 17 -15.48 6.04 3.31
N ASN A 18 -15.24 6.17 4.64
CA ASN A 18 -15.58 5.15 5.67
C ASN A 18 -14.64 3.92 5.53
N PRO A 19 -13.44 3.94 6.18
CA PRO A 19 -12.52 2.78 6.23
C PRO A 19 -12.78 1.85 7.45
N ALA A 20 -13.44 0.71 7.19
CA ALA A 20 -13.73 -0.30 8.24
C ALA A 20 -13.60 -1.71 7.65
N GLU A 21 -14.61 -2.13 6.85
CA GLU A 21 -14.63 -3.44 6.17
C GLU A 21 -15.51 -3.35 4.91
N ALA A 22 -15.45 -4.42 4.07
CA ALA A 22 -16.13 -4.51 2.74
C ALA A 22 -15.42 -3.67 1.66
N ASP A 23 -14.41 -2.90 2.10
CA ASP A 23 -13.46 -2.18 1.24
C ASP A 23 -12.18 -3.03 1.11
N LEU A 24 -12.33 -4.36 1.20
CA LEU A 24 -11.21 -5.31 1.12
C LEU A 24 -10.41 -5.07 -0.20
N PRO A 25 -9.03 -4.93 -0.13
CA PRO A 25 -8.15 -4.57 -1.28
C PRO A 25 -8.49 -5.28 -2.60
N GLN A 26 -8.77 -4.48 -3.63
CA GLN A 26 -9.23 -4.95 -4.95
C GLN A 26 -8.25 -4.49 -6.02
N GLY A 27 -7.42 -5.43 -6.50
CA GLY A 27 -6.44 -5.18 -7.54
C GLY A 27 -5.19 -6.02 -7.35
N ASP A 28 -4.17 -5.78 -8.18
CA ASP A 28 -2.92 -6.57 -8.15
C ASP A 28 -1.97 -6.07 -7.05
N ILE A 29 -1.76 -4.74 -7.00
CA ILE A 29 -0.80 -4.13 -6.05
C ILE A 29 -1.47 -3.96 -4.67
N GLU A 30 -2.79 -3.77 -4.69
CA GLU A 30 -3.61 -3.49 -3.49
C GLU A 30 -3.50 -4.63 -2.46
N LYS A 31 -3.63 -5.88 -2.95
CA LYS A 31 -3.56 -7.10 -2.10
C LYS A 31 -2.15 -7.29 -1.49
N GLN A 32 -1.12 -6.85 -2.22
CA GLN A 32 0.29 -6.96 -1.82
C GLN A 32 0.59 -6.00 -0.66
N VAL A 33 0.25 -4.72 -0.87
CA VAL A 33 0.46 -3.66 0.12
C VAL A 33 -0.35 -3.94 1.39
N ALA A 34 -1.56 -4.51 1.20
CA ALA A 34 -2.45 -4.92 2.31
C ALA A 34 -1.81 -5.98 3.20
N ALA A 35 -1.22 -6.99 2.55
CA ALA A 35 -0.53 -8.08 3.23
C ALA A 35 0.60 -7.54 4.11
N LEU A 36 1.44 -6.68 3.50
CA LEU A 36 2.62 -6.09 4.15
C LEU A 36 2.23 -5.19 5.35
N TRP A 37 1.08 -4.51 5.24
CA TRP A 37 0.55 -3.67 6.35
C TRP A 37 0.02 -4.55 7.50
N GLN A 38 -0.62 -5.67 7.15
CA GLN A 38 -1.18 -6.62 8.15
C GLN A 38 -0.08 -7.35 8.94
N GLN A 39 1.11 -7.49 8.33
CA GLN A 39 2.27 -8.16 8.97
C GLN A 39 3.06 -7.15 9.83
N LEU A 40 3.50 -6.07 9.16
CA LEU A 40 4.40 -5.07 9.74
C LEU A 40 3.74 -4.27 10.88
N LEU A 41 2.49 -3.83 10.68
CA LEU A 41 1.71 -3.15 11.75
C LEU A 41 1.19 -4.18 12.75
N SER A 42 1.08 -5.45 12.30
CA SER A 42 0.51 -6.57 13.04
C SER A 42 -0.98 -6.30 13.36
N THR A 43 -1.77 -6.23 12.27
CA THR A 43 -3.20 -5.86 12.32
C THR A 43 -4.05 -7.03 11.83
N GLY A 44 -5.27 -7.16 12.41
CA GLY A 44 -6.22 -8.22 12.03
C GLY A 44 -6.63 -8.14 10.57
N ASN A 45 -6.92 -6.92 10.11
CA ASN A 45 -7.27 -6.63 8.70
C ASN A 45 -7.04 -5.15 8.40
N VAL A 46 -6.68 -4.84 7.14
CA VAL A 46 -6.62 -3.46 6.62
C VAL A 46 -7.30 -3.43 5.23
N THR A 47 -7.98 -2.31 4.93
CA THR A 47 -8.78 -2.13 3.71
C THR A 47 -8.13 -1.06 2.81
N ARG A 48 -8.71 -0.87 1.60
CA ARG A 48 -8.24 0.11 0.58
C ARG A 48 -8.01 1.51 1.17
N GLU A 49 -8.90 1.90 2.09
CA GLU A 49 -8.97 3.28 2.59
C GLU A 49 -8.45 3.41 4.03
N THR A 50 -7.94 2.31 4.61
CA THR A 50 -7.23 2.34 5.90
C THR A 50 -5.92 3.15 5.77
N ASP A 51 -5.64 3.98 6.77
CA ASP A 51 -4.45 4.85 6.81
C ASP A 51 -3.33 4.14 7.58
N PHE A 52 -2.10 4.22 7.06
CA PHE A 52 -0.91 3.62 7.70
C PHE A 52 -0.70 4.19 9.13
N PHE A 53 -0.64 5.53 9.22
CA PHE A 53 -0.30 6.24 10.47
C PHE A 53 -1.47 6.21 11.47
N GLN A 54 -2.71 6.39 10.96
CA GLN A 54 -3.95 6.35 11.79
C GLN A 54 -4.17 4.95 12.40
N GLN A 55 -3.75 3.90 11.68
CA GLN A 55 -3.85 2.50 12.14
C GLN A 55 -2.88 2.22 13.31
N GLY A 56 -1.85 3.05 13.45
CA GLY A 56 -0.85 2.90 14.51
C GLY A 56 0.55 2.66 13.98
N GLY A 57 0.79 3.03 12.71
CA GLY A 57 2.12 2.94 12.10
C GLY A 57 2.94 4.20 12.32
N ASP A 58 4.18 4.05 12.78
CA ASP A 58 5.12 5.16 12.99
C ASP A 58 5.99 5.37 11.74
N SER A 59 6.77 6.47 11.73
CA SER A 59 7.66 6.82 10.59
C SER A 59 8.84 5.85 10.50
N LEU A 60 9.20 5.26 11.65
CA LEU A 60 10.25 4.25 11.75
C LEU A 60 9.79 2.97 11.01
N LEU A 61 8.58 2.53 11.36
CA LEU A 61 7.94 1.36 10.74
C LEU A 61 7.67 1.65 9.25
N ALA A 62 7.41 2.92 8.92
CA ALA A 62 7.19 3.38 7.54
C ALA A 62 8.47 3.23 6.69
N THR A 63 9.63 3.58 7.29
CA THR A 63 10.96 3.45 6.63
C THR A 63 11.33 1.96 6.40
N ARG A 64 10.73 1.08 7.21
CA ARG A 64 10.87 -0.37 7.06
C ARG A 64 9.89 -0.90 6.00
N LEU A 65 8.66 -0.35 6.01
CA LEU A 65 7.55 -0.79 5.13
C LEU A 65 7.89 -0.50 3.66
N THR A 66 8.55 0.65 3.43
CA THR A 66 9.08 1.03 2.12
C THR A 66 10.04 -0.05 1.61
N GLY A 67 10.88 -0.54 2.53
CA GLY A 67 11.83 -1.62 2.28
C GLY A 67 11.18 -2.92 1.80
N GLN A 68 10.03 -3.28 2.40
CA GLN A 68 9.23 -4.46 1.98
C GLN A 68 8.76 -4.36 0.51
N LEU A 69 8.61 -3.12 0.03
CA LEU A 69 8.24 -2.85 -1.36
C LEU A 69 9.49 -2.79 -2.27
N HIS A 70 10.63 -2.33 -1.70
CA HIS A 70 11.92 -2.17 -2.44
C HIS A 70 12.42 -3.53 -2.98
N GLN A 71 12.35 -4.54 -2.11
CA GLN A 71 12.67 -5.95 -2.44
C GLN A 71 11.66 -6.54 -3.45
N ALA A 72 10.41 -6.04 -3.41
CA ALA A 72 9.34 -6.48 -4.34
C ALA A 72 9.50 -5.86 -5.74
N GLY A 73 10.39 -4.85 -5.83
CA GLY A 73 10.70 -4.17 -7.10
C GLY A 73 9.83 -2.94 -7.32
N TYR A 74 9.36 -2.34 -6.21
CA TYR A 74 8.63 -1.05 -6.20
C TYR A 74 9.38 -0.08 -5.32
N GLU A 75 9.68 1.12 -5.82
CA GLU A 75 10.23 2.17 -4.98
C GLU A 75 9.12 2.71 -4.09
N ALA A 76 9.48 3.17 -2.91
CA ALA A 76 8.53 3.66 -1.91
C ALA A 76 9.26 4.64 -1.00
N GLN A 77 8.68 5.82 -0.86
CA GLN A 77 9.24 6.88 -0.01
C GLN A 77 8.28 7.15 1.16
N LEU A 78 8.82 7.79 2.22
CA LEU A 78 8.00 8.33 3.32
C LEU A 78 7.05 9.41 2.77
N SER A 79 7.55 10.12 1.74
CA SER A 79 6.81 11.14 0.99
C SER A 79 5.50 10.58 0.39
N ASP A 80 5.56 9.32 -0.11
CA ASP A 80 4.39 8.65 -0.73
C ASP A 80 3.44 8.10 0.36
N LEU A 81 4.01 7.58 1.47
CA LEU A 81 3.22 7.09 2.64
C LEU A 81 2.49 8.24 3.36
N PHE A 82 3.09 9.44 3.33
CA PHE A 82 2.59 10.61 4.07
C PHE A 82 1.53 11.33 3.23
N ASN A 83 1.82 11.50 1.93
CA ASN A 83 0.90 12.12 0.95
C ASN A 83 -0.27 11.18 0.63
N HIS A 84 -0.02 9.86 0.69
CA HIS A 84 -1.06 8.83 0.44
C HIS A 84 -1.05 7.85 1.63
N PRO A 85 -1.72 8.21 2.77
CA PRO A 85 -1.85 7.29 3.92
C PRO A 85 -2.79 6.11 3.59
N ARG A 86 -3.70 6.31 2.62
CA ARG A 86 -4.65 5.26 2.18
C ARG A 86 -3.93 4.18 1.38
N LEU A 87 -4.31 2.92 1.65
CA LEU A 87 -3.65 1.72 1.14
C LEU A 87 -3.63 1.66 -0.38
N ALA A 88 -4.82 1.73 -1.01
CA ALA A 88 -4.97 1.51 -2.46
C ALA A 88 -4.45 2.70 -3.27
N ASP A 89 -4.57 3.90 -2.67
CA ASP A 89 -4.11 5.14 -3.31
C ASP A 89 -2.56 5.23 -3.28
N PHE A 90 -1.98 4.66 -2.22
CA PHE A 90 -0.52 4.47 -2.08
C PHE A 90 -0.01 3.38 -3.04
N ALA A 91 -0.78 2.29 -3.13
CA ALA A 91 -0.47 1.14 -4.02
C ALA A 91 -0.47 1.58 -5.50
N ALA A 92 -1.34 2.54 -5.82
CA ALA A 92 -1.45 3.13 -7.16
C ALA A 92 -0.20 3.98 -7.50
N THR A 93 0.38 4.64 -6.49
CA THR A 93 1.55 5.53 -6.66
C THR A 93 2.89 4.78 -6.55
N LEU A 94 2.85 3.44 -6.40
CA LEU A 94 4.09 2.64 -6.39
C LEU A 94 4.64 2.50 -7.82
N ARG A 95 5.88 2.96 -8.00
CA ARG A 95 6.58 2.95 -9.28
C ARG A 95 7.57 1.79 -9.28
N LYS A 96 7.52 0.92 -10.30
CA LYS A 96 8.40 -0.25 -10.38
C LYS A 96 9.86 0.18 -10.56
N THR A 97 10.69 -0.19 -9.58
CA THR A 97 12.15 0.05 -9.57
C THR A 97 12.83 -0.66 -10.75
N ASP A 98 14.00 -0.15 -11.18
CA ASP A 98 14.87 -0.84 -12.16
C ASP A 98 15.19 -2.25 -11.65
N VAL A 99 15.22 -3.22 -12.58
CA VAL A 99 15.45 -4.62 -12.24
C VAL A 99 16.86 -4.79 -11.59
N PRO A 100 16.91 -5.23 -10.28
CA PRO A 100 18.18 -5.35 -9.50
C PRO A 100 19.22 -6.29 -10.16
N VAL A 101 18.76 -7.10 -11.12
CA VAL A 101 19.63 -7.93 -11.96
C VAL A 101 20.39 -7.05 -12.97
N GLU A 102 19.61 -6.36 -13.83
CA GLU A 102 20.14 -5.59 -14.98
C GLU A 102 19.96 -4.09 -14.73
N GLN A 103 20.56 -3.64 -13.61
CA GLN A 103 20.67 -2.22 -13.25
C GLN A 103 21.58 -1.44 -14.24
N PRO A 104 22.78 -2.01 -14.70
CA PRO A 104 23.54 -1.40 -15.81
C PRO A 104 22.70 -1.28 -17.10
N PHE A 105 23.09 -0.38 -17.99
CA PHE A 105 22.38 -0.13 -19.25
C PHE A 105 22.92 -1.06 -20.36
N VAL A 106 22.45 -0.84 -21.60
CA VAL A 106 22.71 -1.72 -22.77
C VAL A 106 22.02 -3.10 -22.54
N HIS A 107 20.68 -3.05 -22.44
CA HIS A 107 19.82 -4.24 -22.31
C HIS A 107 18.52 -4.00 -23.08
N SER A 108 18.66 -3.59 -24.36
CA SER A 108 17.53 -3.37 -25.27
C SER A 108 16.79 -4.71 -25.54
N PRO A 109 15.46 -4.81 -25.21
CA PRO A 109 14.67 -6.05 -25.39
C PRO A 109 14.78 -6.63 -26.81
N GLU A 110 15.52 -7.73 -26.92
CA GLU A 110 15.79 -8.43 -28.20
C GLU A 110 14.50 -8.99 -28.82
N ASP A 111 13.49 -9.27 -27.97
CA ASP A 111 12.16 -9.71 -28.42
C ASP A 111 11.45 -8.58 -29.21
N GLY A 1 -17.35 -8.21 -16.14
CA GLY A 1 -16.63 -6.97 -16.53
C GLY A 1 -15.51 -6.65 -15.56
N THR A 2 -14.26 -6.76 -16.03
CA THR A 2 -13.06 -6.53 -15.20
C THR A 2 -12.53 -5.11 -15.47
N ILE A 3 -13.33 -4.08 -15.07
CA ILE A 3 -12.90 -2.68 -15.15
C ILE A 3 -11.74 -2.50 -14.17
N ASP A 4 -10.53 -2.21 -14.70
CA ASP A 4 -9.31 -2.20 -13.89
C ASP A 4 -9.27 -0.98 -12.95
N TYR A 5 -9.72 -1.22 -11.71
CA TYR A 5 -9.65 -0.22 -10.64
C TYR A 5 -8.27 -0.29 -9.92
N GLN A 6 -7.42 -1.28 -10.29
CA GLN A 6 -6.05 -1.42 -9.73
C GLN A 6 -5.26 -0.13 -9.98
N ALA A 7 -5.17 0.25 -11.26
CA ALA A 7 -4.37 1.41 -11.71
C ALA A 7 -5.15 2.72 -11.52
N LEU A 8 -6.47 2.64 -11.26
CA LEU A 8 -7.33 3.84 -11.12
C LEU A 8 -8.47 3.55 -10.13
N LYS A 9 -8.15 3.61 -8.82
CA LYS A 9 -9.14 3.71 -7.74
C LYS A 9 -8.48 4.49 -6.60
N ARG A 10 -8.38 5.80 -6.81
CA ARG A 10 -7.71 6.74 -5.91
C ARG A 10 -8.06 8.19 -6.30
N ARG A 11 -7.94 9.10 -5.32
CA ARG A 11 -8.18 10.55 -5.47
C ARG A 11 -7.40 11.28 -4.34
N HIS A 12 -7.67 12.60 -4.19
CA HIS A 12 -7.36 13.32 -2.95
C HIS A 12 -8.37 12.85 -1.90
N THR A 13 -8.05 11.73 -1.23
CA THR A 13 -8.94 11.04 -0.30
C THR A 13 -8.55 11.40 1.14
N PRO A 14 -9.24 12.38 1.81
CA PRO A 14 -8.95 12.76 3.19
C PRO A 14 -9.58 11.78 4.22
N GLU A 15 -8.82 11.50 5.31
CA GLU A 15 -9.29 10.69 6.47
C GLU A 15 -9.47 9.20 6.11
N ALA A 16 -9.77 8.38 7.14
CA ALA A 16 -10.10 6.96 6.96
C ALA A 16 -11.59 6.82 6.59
N GLU A 17 -12.47 6.78 7.63
CA GLU A 17 -13.95 6.72 7.48
C GLU A 17 -14.37 5.57 6.53
N ASN A 18 -15.29 5.85 5.54
CA ASN A 18 -15.48 5.01 4.32
C ASN A 18 -16.24 3.68 4.63
N PRO A 19 -17.06 3.10 3.67
CA PRO A 19 -17.71 1.76 3.82
C PRO A 19 -16.76 0.69 4.40
N ALA A 20 -15.49 0.69 3.87
CA ALA A 20 -14.34 -0.10 4.41
C ALA A 20 -14.43 -1.59 4.08
N GLU A 21 -15.48 -2.21 4.61
CA GLU A 21 -15.81 -3.64 4.41
C GLU A 21 -16.22 -3.94 2.94
N ALA A 22 -16.45 -2.89 2.13
CA ALA A 22 -16.73 -3.01 0.69
C ALA A 22 -15.51 -2.57 -0.15
N ASP A 23 -14.42 -2.17 0.53
CA ASP A 23 -13.26 -1.50 -0.08
C ASP A 23 -11.93 -2.24 0.19
N LEU A 24 -12.02 -3.57 0.30
CA LEU A 24 -10.84 -4.45 0.45
C LEU A 24 -9.85 -4.29 -0.75
N PRO A 25 -8.51 -4.59 -0.55
CA PRO A 25 -7.50 -4.50 -1.64
C PRO A 25 -7.90 -5.36 -2.87
N GLN A 26 -8.04 -4.70 -4.05
CA GLN A 26 -8.72 -5.28 -5.23
C GLN A 26 -7.86 -5.16 -6.49
N GLY A 27 -6.60 -5.58 -6.35
CA GLY A 27 -5.62 -5.51 -7.42
C GLY A 27 -4.27 -6.00 -6.97
N ASP A 28 -3.41 -6.30 -7.96
CA ASP A 28 -2.07 -6.93 -7.77
C ASP A 28 -1.22 -6.21 -6.72
N ILE A 29 -1.23 -4.89 -6.78
CA ILE A 29 -0.39 -4.05 -5.92
C ILE A 29 -1.02 -3.95 -4.54
N GLU A 30 -2.31 -3.55 -4.49
CA GLU A 30 -3.02 -3.24 -3.23
C GLU A 30 -3.00 -4.42 -2.25
N LYS A 31 -3.17 -5.65 -2.80
CA LYS A 31 -3.26 -6.88 -1.98
C LYS A 31 -1.90 -7.24 -1.36
N GLN A 32 -0.81 -6.95 -2.09
CA GLN A 32 0.56 -7.22 -1.66
C GLN A 32 1.01 -6.20 -0.60
N VAL A 33 0.69 -4.92 -0.86
CA VAL A 33 0.89 -3.82 0.10
C VAL A 33 0.11 -4.11 1.40
N ALA A 34 -1.14 -4.56 1.25
CA ALA A 34 -2.04 -4.90 2.38
C ALA A 34 -1.48 -6.05 3.21
N ALA A 35 -0.95 -7.07 2.52
CA ALA A 35 -0.33 -8.24 3.16
C ALA A 35 0.84 -7.79 4.06
N LEU A 36 1.65 -6.85 3.55
CA LEU A 36 2.80 -6.27 4.26
C LEU A 36 2.34 -5.39 5.45
N TRP A 37 1.19 -4.70 5.32
CA TRP A 37 0.60 -3.90 6.44
C TRP A 37 0.07 -4.85 7.54
N GLN A 38 -0.38 -6.06 7.15
CA GLN A 38 -0.90 -7.08 8.09
C GLN A 38 0.25 -7.81 8.82
N GLN A 39 1.45 -7.79 8.24
CA GLN A 39 2.67 -8.32 8.87
C GLN A 39 3.28 -7.26 9.79
N LEU A 40 3.68 -6.12 9.19
CA LEU A 40 4.43 -5.03 9.85
C LEU A 40 3.65 -4.38 11.01
N LEU A 41 2.37 -4.06 10.77
CA LEU A 41 1.49 -3.48 11.81
C LEU A 41 0.89 -4.60 12.69
N SER A 42 0.96 -5.85 12.18
CA SER A 42 0.34 -7.05 12.79
C SER A 42 -1.17 -6.82 12.99
N THR A 43 -1.84 -6.55 11.86
CA THR A 43 -3.27 -6.23 11.81
C THR A 43 -4.06 -7.42 11.24
N GLY A 44 -5.35 -7.50 11.61
CA GLY A 44 -6.23 -8.57 11.16
C GLY A 44 -6.57 -8.46 9.67
N ASN A 45 -7.09 -7.29 9.27
CA ASN A 45 -7.49 -7.02 7.88
C ASN A 45 -7.43 -5.51 7.63
N VAL A 46 -6.49 -5.09 6.76
CA VAL A 46 -6.36 -3.70 6.31
C VAL A 46 -6.95 -3.56 4.88
N THR A 47 -7.66 -2.43 4.66
CA THR A 47 -8.42 -2.14 3.41
C THR A 47 -8.00 -0.75 2.85
N ARG A 48 -8.72 -0.24 1.81
CA ARG A 48 -8.31 0.97 1.04
C ARG A 48 -8.08 2.23 1.92
N GLU A 49 -9.06 2.50 2.81
CA GLU A 49 -9.11 3.76 3.60
C GLU A 49 -8.21 3.69 4.83
N THR A 50 -7.67 2.49 5.13
CA THR A 50 -6.77 2.28 6.26
C THR A 50 -5.57 3.22 6.15
N ASP A 51 -5.45 4.09 7.15
CA ASP A 51 -4.39 5.09 7.24
C ASP A 51 -3.28 4.45 8.07
N PHE A 52 -2.06 4.40 7.50
CA PHE A 52 -0.90 3.73 8.13
C PHE A 52 -0.60 4.33 9.53
N PHE A 53 -0.57 5.66 9.58
CA PHE A 53 -0.18 6.43 10.77
C PHE A 53 -1.26 6.35 11.86
N GLN A 54 -2.54 6.48 11.44
CA GLN A 54 -3.70 6.41 12.36
C GLN A 54 -3.93 4.97 12.88
N GLN A 55 -3.48 3.97 12.09
CA GLN A 55 -3.58 2.53 12.45
C GLN A 55 -2.64 2.21 13.65
N GLY A 56 -1.64 3.09 13.87
CA GLY A 56 -0.63 2.91 14.92
C GLY A 56 0.76 2.79 14.35
N GLY A 57 0.86 2.68 13.01
CA GLY A 57 2.15 2.57 12.32
C GLY A 57 2.89 3.89 12.29
N ASP A 58 4.17 3.86 12.69
CA ASP A 58 5.01 5.07 12.80
C ASP A 58 5.67 5.37 11.43
N SER A 59 6.29 6.55 11.29
CA SER A 59 7.02 6.95 10.08
C SER A 59 8.32 6.12 9.91
N LEU A 60 8.89 5.69 11.06
CA LEU A 60 10.04 4.76 11.12
C LEU A 60 9.61 3.38 10.58
N LEU A 61 8.43 2.94 11.06
CA LEU A 61 7.80 1.67 10.64
C LEU A 61 7.45 1.74 9.13
N ALA A 62 7.06 2.94 8.69
CA ALA A 62 6.68 3.23 7.29
C ALA A 62 7.90 3.19 6.35
N THR A 63 9.08 3.56 6.87
CA THR A 63 10.37 3.44 6.16
C THR A 63 10.72 1.94 5.96
N ARG A 64 10.41 1.12 6.98
CA ARG A 64 10.58 -0.35 6.89
C ARG A 64 9.59 -0.94 5.87
N LEU A 65 8.35 -0.42 5.87
CA LEU A 65 7.25 -0.89 5.00
C LEU A 65 7.62 -0.67 3.52
N THR A 66 8.12 0.54 3.21
CA THR A 66 8.60 0.90 1.85
C THR A 66 9.80 0.01 1.45
N GLY A 67 10.61 -0.34 2.47
CA GLY A 67 11.71 -1.31 2.34
C GLY A 67 11.23 -2.71 1.94
N GLN A 68 10.10 -3.16 2.51
CA GLN A 68 9.47 -4.47 2.15
C GLN A 68 8.93 -4.44 0.71
N LEU A 69 8.42 -3.27 0.30
CA LEU A 69 7.98 -3.02 -1.08
C LEU A 69 9.19 -3.03 -2.03
N HIS A 70 10.35 -2.54 -1.53
CA HIS A 70 11.63 -2.57 -2.29
C HIS A 70 12.11 -4.02 -2.52
N GLN A 71 11.74 -4.94 -1.60
CA GLN A 71 12.07 -6.37 -1.73
C GLN A 71 11.24 -7.05 -2.84
N ALA A 72 10.02 -6.53 -3.04
CA ALA A 72 9.15 -6.94 -4.19
C ALA A 72 9.55 -6.17 -5.49
N GLY A 73 10.58 -5.32 -5.37
CA GLY A 73 11.13 -4.56 -6.50
C GLY A 73 10.29 -3.34 -6.86
N TYR A 74 9.42 -2.90 -5.94
CA TYR A 74 8.59 -1.69 -6.11
C TYR A 74 9.26 -0.50 -5.44
N GLU A 75 9.39 0.60 -6.19
CA GLU A 75 9.94 1.86 -5.69
C GLU A 75 8.84 2.54 -4.83
N ALA A 76 9.15 2.70 -3.54
CA ALA A 76 8.22 3.21 -2.53
C ALA A 76 8.96 4.19 -1.61
N GLN A 77 8.31 5.34 -1.32
CA GLN A 77 8.90 6.40 -0.47
C GLN A 77 7.94 6.82 0.65
N LEU A 78 8.55 7.16 1.81
CA LEU A 78 7.86 7.70 2.99
C LEU A 78 7.20 9.06 2.68
N SER A 79 7.80 9.81 1.73
CA SER A 79 7.27 11.10 1.25
C SER A 79 5.83 10.95 0.70
N ASP A 80 5.63 9.93 -0.14
CA ASP A 80 4.32 9.66 -0.77
C ASP A 80 3.35 8.97 0.21
N LEU A 81 3.88 8.44 1.33
CA LEU A 81 3.05 7.94 2.46
C LEU A 81 2.41 9.10 3.26
N PHE A 82 3.09 10.25 3.34
CA PHE A 82 2.50 11.48 3.92
C PHE A 82 1.50 12.10 2.94
N ASN A 83 1.76 11.92 1.64
CA ASN A 83 0.85 12.39 0.56
C ASN A 83 -0.35 11.44 0.42
N HIS A 84 -0.12 10.14 0.68
CA HIS A 84 -1.12 9.07 0.51
C HIS A 84 -0.99 8.10 1.71
N PRO A 85 -1.56 8.46 2.90
CA PRO A 85 -1.55 7.60 4.10
C PRO A 85 -2.50 6.39 3.96
N ARG A 86 -3.51 6.54 3.09
CA ARG A 86 -4.47 5.49 2.75
C ARG A 86 -3.79 4.39 1.91
N LEU A 87 -4.17 3.13 2.17
CA LEU A 87 -3.53 1.93 1.60
C LEU A 87 -3.58 1.93 0.08
N ALA A 88 -4.81 1.86 -0.49
CA ALA A 88 -4.99 1.66 -1.95
C ALA A 88 -4.73 2.96 -2.70
N ASP A 89 -4.77 4.07 -1.95
CA ASP A 89 -4.50 5.42 -2.46
C ASP A 89 -2.97 5.59 -2.69
N PHE A 90 -2.16 4.90 -1.85
CA PHE A 90 -0.68 4.85 -1.99
C PHE A 90 -0.26 3.75 -3.00
N ALA A 91 -0.92 2.59 -2.88
CA ALA A 91 -0.58 1.37 -3.65
C ALA A 91 -0.72 1.60 -5.17
N ALA A 92 -1.84 2.22 -5.56
CA ALA A 92 -2.14 2.53 -6.97
C ALA A 92 -1.18 3.61 -7.55
N THR A 93 -0.40 4.29 -6.69
CA THR A 93 0.53 5.37 -7.11
C THR A 93 1.96 4.85 -7.33
N LEU A 94 2.38 3.83 -6.55
CA LEU A 94 3.78 3.36 -6.58
C LEU A 94 4.06 2.54 -7.86
N ARG A 95 5.35 2.54 -8.25
CA ARG A 95 5.84 1.94 -9.51
C ARG A 95 6.94 0.93 -9.20
N LYS A 96 7.41 0.22 -10.23
CA LYS A 96 8.62 -0.63 -10.13
C LYS A 96 9.88 0.21 -9.94
N THR A 97 10.92 -0.47 -9.45
CA THR A 97 12.28 0.04 -9.31
C THR A 97 13.07 -0.39 -10.55
N ASP A 98 14.19 0.30 -10.85
CA ASP A 98 15.11 -0.10 -11.92
C ASP A 98 15.67 -1.50 -11.61
N VAL A 99 15.27 -2.49 -12.42
CA VAL A 99 15.80 -3.87 -12.33
C VAL A 99 17.32 -3.88 -12.65
N PRO A 100 18.13 -4.79 -12.03
CA PRO A 100 19.60 -4.88 -12.29
C PRO A 100 19.95 -5.20 -13.76
N VAL A 101 18.93 -5.66 -14.54
CA VAL A 101 19.05 -6.04 -15.98
C VAL A 101 19.90 -7.32 -16.12
N GLU A 102 19.65 -8.11 -17.19
CA GLU A 102 20.35 -9.38 -17.51
C GLU A 102 19.82 -10.57 -16.67
N GLN A 103 19.29 -10.28 -15.47
CA GLN A 103 18.77 -11.27 -14.53
C GLN A 103 17.44 -11.85 -15.06
N PRO A 104 17.40 -13.16 -15.49
CA PRO A 104 16.20 -13.78 -16.10
C PRO A 104 15.21 -14.35 -15.04
N PHE A 105 15.34 -13.86 -13.80
CA PHE A 105 14.51 -14.28 -12.66
C PHE A 105 13.39 -13.24 -12.39
N VAL A 106 12.91 -12.62 -13.48
CA VAL A 106 11.69 -11.78 -13.50
C VAL A 106 10.65 -12.50 -14.39
N HIS A 107 9.63 -13.09 -13.75
CA HIS A 107 8.68 -14.02 -14.41
C HIS A 107 7.44 -14.25 -13.51
N SER A 108 7.63 -14.18 -12.17
CA SER A 108 6.57 -14.46 -11.17
C SER A 108 5.39 -13.46 -11.29
N PRO A 109 4.21 -13.73 -10.64
CA PRO A 109 3.07 -12.76 -10.55
C PRO A 109 3.43 -11.34 -10.01
N GLU A 110 4.67 -11.16 -9.49
CA GLU A 110 5.21 -9.85 -9.04
C GLU A 110 5.88 -9.09 -10.22
N ASP A 111 5.78 -9.68 -11.44
CA ASP A 111 6.42 -9.19 -12.69
C ASP A 111 7.96 -9.38 -12.62
N GLY A 1 -23.39 -12.58 15.36
CA GLY A 1 -22.15 -11.91 14.92
C GLY A 1 -21.90 -12.13 13.44
N THR A 2 -20.72 -11.65 12.97
CA THR A 2 -20.23 -11.72 11.57
C THR A 2 -21.25 -11.15 10.56
N ILE A 3 -22.18 -12.00 10.09
CA ILE A 3 -23.20 -11.67 9.07
C ILE A 3 -24.50 -12.44 9.38
N ASP A 4 -25.60 -12.06 8.73
CA ASP A 4 -26.87 -12.81 8.78
C ASP A 4 -26.75 -14.06 7.90
N TYR A 5 -26.24 -15.15 8.50
CA TYR A 5 -26.02 -16.43 7.81
C TYR A 5 -27.28 -17.33 7.83
N GLN A 6 -28.08 -17.23 8.92
CA GLN A 6 -29.22 -18.15 9.17
C GLN A 6 -30.49 -17.66 8.46
N ALA A 7 -30.94 -16.42 8.77
CA ALA A 7 -32.11 -15.82 8.11
C ALA A 7 -31.74 -15.32 6.71
N LEU A 8 -30.43 -15.01 6.54
CA LEU A 8 -29.85 -14.50 5.29
C LEU A 8 -30.57 -13.21 4.87
N LYS A 9 -30.47 -12.19 5.74
CA LYS A 9 -31.01 -10.85 5.49
C LYS A 9 -29.98 -10.06 4.65
N ARG A 10 -29.89 -10.39 3.35
CA ARG A 10 -28.87 -9.80 2.46
C ARG A 10 -29.30 -8.38 2.03
N ARG A 11 -28.30 -7.54 1.74
CA ARG A 11 -28.49 -6.21 1.18
C ARG A 11 -27.18 -5.80 0.47
N HIS A 12 -27.27 -5.54 -0.85
CA HIS A 12 -26.10 -5.08 -1.65
C HIS A 12 -25.64 -3.69 -1.17
N THR A 13 -26.59 -2.92 -0.63
CA THR A 13 -26.36 -1.64 0.05
C THR A 13 -25.77 -0.57 -0.92
N PRO A 14 -26.65 0.13 -1.72
CA PRO A 14 -26.22 1.24 -2.62
C PRO A 14 -25.78 2.48 -1.81
N GLU A 15 -24.56 2.41 -1.28
CA GLU A 15 -24.01 3.38 -0.31
C GLU A 15 -22.47 3.35 -0.38
N ALA A 16 -21.80 4.30 0.31
CA ALA A 16 -20.32 4.33 0.45
C ALA A 16 -19.77 2.97 0.94
N GLU A 17 -18.50 2.69 0.60
CA GLU A 17 -17.85 1.36 0.75
C GLU A 17 -17.96 0.85 2.19
N ASN A 18 -18.87 -0.12 2.39
CA ASN A 18 -19.18 -0.71 3.71
C ASN A 18 -17.90 -1.34 4.32
N PRO A 19 -17.45 -0.87 5.54
CA PRO A 19 -16.26 -1.43 6.23
C PRO A 19 -16.52 -2.87 6.71
N ALA A 20 -16.39 -3.79 5.76
CA ALA A 20 -16.69 -5.21 5.95
C ALA A 20 -16.09 -6.00 4.79
N GLU A 21 -16.65 -5.81 3.58
CA GLU A 21 -16.31 -6.63 2.39
C GLU A 21 -16.21 -5.78 1.10
N ALA A 22 -16.63 -4.51 1.16
CA ALA A 22 -16.63 -3.60 -0.01
C ALA A 22 -15.30 -2.79 -0.08
N ASP A 23 -14.65 -2.68 1.07
CA ASP A 23 -13.44 -1.84 1.26
C ASP A 23 -12.14 -2.66 1.25
N LEU A 24 -12.24 -4.00 1.49
CA LEU A 24 -11.07 -4.92 1.66
C LEU A 24 -10.03 -4.80 0.50
N PRO A 25 -8.72 -5.27 0.69
CA PRO A 25 -7.68 -5.09 -0.36
C PRO A 25 -8.08 -5.78 -1.68
N GLN A 26 -8.21 -4.96 -2.73
CA GLN A 26 -8.66 -5.37 -4.07
C GLN A 26 -7.67 -4.78 -5.08
N GLY A 27 -7.37 -5.53 -6.14
CA GLY A 27 -6.30 -5.14 -7.07
C GLY A 27 -4.98 -5.79 -6.69
N ASP A 28 -4.24 -6.25 -7.70
CA ASP A 28 -2.97 -7.01 -7.54
C ASP A 28 -1.95 -6.30 -6.64
N ILE A 29 -1.77 -5.00 -6.89
CA ILE A 29 -0.81 -4.18 -6.16
C ILE A 29 -1.30 -3.93 -4.72
N GLU A 30 -2.57 -3.48 -4.58
CA GLU A 30 -3.16 -3.13 -3.27
C GLU A 30 -3.06 -4.30 -2.26
N LYS A 31 -3.40 -5.52 -2.72
CA LYS A 31 -3.42 -6.72 -1.86
C LYS A 31 -1.98 -7.17 -1.47
N GLN A 32 -1.00 -6.87 -2.35
CA GLN A 32 0.42 -7.17 -2.11
C GLN A 32 0.96 -6.26 -1.00
N VAL A 33 0.68 -4.96 -1.15
CA VAL A 33 1.09 -3.91 -0.19
C VAL A 33 0.36 -4.10 1.15
N ALA A 34 -0.90 -4.52 1.07
CA ALA A 34 -1.77 -4.69 2.24
C ALA A 34 -1.32 -5.84 3.13
N ALA A 35 -0.90 -6.95 2.51
CA ALA A 35 -0.35 -8.11 3.23
C ALA A 35 0.88 -7.69 4.07
N LEU A 36 1.64 -6.74 3.51
CA LEU A 36 2.81 -6.15 4.16
C LEU A 36 2.36 -5.17 5.29
N TRP A 37 1.30 -4.36 5.03
CA TRP A 37 0.72 -3.46 6.06
C TRP A 37 0.18 -4.26 7.26
N GLN A 38 -0.39 -5.45 7.00
CA GLN A 38 -1.01 -6.28 8.04
C GLN A 38 0.02 -6.84 9.01
N GLN A 39 1.12 -7.42 8.48
CA GLN A 39 2.20 -7.98 9.31
C GLN A 39 3.00 -6.87 10.04
N LEU A 40 3.29 -5.76 9.32
CA LEU A 40 4.06 -4.62 9.85
C LEU A 40 3.32 -3.86 10.97
N LEU A 41 2.04 -3.48 10.72
CA LEU A 41 1.23 -2.72 11.69
C LEU A 41 0.66 -3.63 12.81
N SER A 42 0.80 -4.97 12.62
CA SER A 42 0.30 -6.00 13.55
C SER A 42 -1.24 -5.96 13.65
N THR A 43 -1.88 -5.81 12.47
CA THR A 43 -3.34 -5.71 12.33
C THR A 43 -3.93 -7.05 11.87
N GLY A 44 -5.28 -7.12 11.87
CA GLY A 44 -5.99 -8.26 11.31
C GLY A 44 -6.02 -8.20 9.80
N ASN A 45 -6.80 -7.24 9.28
CA ASN A 45 -6.90 -6.97 7.83
C ASN A 45 -7.04 -5.47 7.62
N VAL A 46 -5.97 -4.84 7.10
CA VAL A 46 -6.06 -3.48 6.53
C VAL A 46 -6.84 -3.55 5.21
N THR A 47 -7.43 -2.43 4.80
CA THR A 47 -8.29 -2.33 3.61
C THR A 47 -7.81 -1.17 2.73
N ARG A 48 -8.45 -1.01 1.54
CA ARG A 48 -8.20 0.11 0.62
C ARG A 48 -8.39 1.49 1.31
N GLU A 49 -9.30 1.55 2.30
CA GLU A 49 -9.65 2.79 3.02
C GLU A 49 -8.81 2.98 4.31
N THR A 50 -8.18 1.91 4.81
CA THR A 50 -7.37 1.98 6.04
C THR A 50 -6.19 2.98 5.89
N ASP A 51 -6.02 3.80 6.94
CA ASP A 51 -4.99 4.85 7.04
C ASP A 51 -3.78 4.24 7.77
N PHE A 52 -2.63 4.16 7.06
CA PHE A 52 -1.40 3.47 7.55
C PHE A 52 -0.96 3.96 8.95
N PHE A 53 -0.80 5.29 9.08
CA PHE A 53 -0.25 5.93 10.29
C PHE A 53 -1.25 5.88 11.46
N GLN A 54 -2.53 6.12 11.17
CA GLN A 54 -3.61 6.10 12.19
C GLN A 54 -3.81 4.67 12.75
N GLN A 55 -3.51 3.66 11.91
CA GLN A 55 -3.69 2.23 12.24
C GLN A 55 -2.48 1.68 13.06
N GLY A 56 -1.63 2.58 13.59
CA GLY A 56 -0.51 2.20 14.45
C GLY A 56 0.83 2.20 13.71
N GLY A 57 0.88 2.90 12.57
CA GLY A 57 2.13 3.08 11.81
C GLY A 57 2.77 4.42 12.15
N ASP A 58 4.11 4.46 12.13
CA ASP A 58 4.91 5.71 12.26
C ASP A 58 5.82 5.85 11.04
N SER A 59 6.55 6.98 10.95
CA SER A 59 7.46 7.29 9.82
C SER A 59 8.64 6.30 9.75
N LEU A 60 9.02 5.76 10.93
CA LEU A 60 10.07 4.74 11.04
C LEU A 60 9.57 3.41 10.45
N LEU A 61 8.32 3.03 10.82
CA LEU A 61 7.65 1.83 10.28
C LEU A 61 7.37 2.03 8.77
N ALA A 62 7.15 3.29 8.37
CA ALA A 62 6.89 3.67 6.98
C ALA A 62 8.12 3.43 6.09
N THR A 63 9.30 3.78 6.64
CA THR A 63 10.60 3.53 6.00
C THR A 63 10.81 2.01 5.78
N ARG A 64 10.47 1.22 6.83
CA ARG A 64 10.55 -0.26 6.80
C ARG A 64 9.63 -0.83 5.72
N LEU A 65 8.35 -0.39 5.74
CA LEU A 65 7.26 -0.92 4.89
C LEU A 65 7.61 -0.76 3.40
N THR A 66 8.07 0.44 3.06
CA THR A 66 8.47 0.77 1.69
C THR A 66 9.71 -0.06 1.28
N GLY A 67 10.55 -0.38 2.28
CA GLY A 67 11.64 -1.35 2.12
C GLY A 67 11.14 -2.75 1.72
N GLN A 68 10.01 -3.21 2.33
CA GLN A 68 9.36 -4.50 1.97
C GLN A 68 8.87 -4.46 0.50
N LEU A 69 8.43 -3.28 0.05
CA LEU A 69 8.00 -3.06 -1.35
C LEU A 69 9.19 -3.12 -2.31
N HIS A 70 10.38 -2.66 -1.84
CA HIS A 70 11.65 -2.69 -2.63
C HIS A 70 12.08 -4.14 -2.92
N GLN A 71 11.72 -5.05 -1.99
CA GLN A 71 11.96 -6.50 -2.12
C GLN A 71 11.09 -7.07 -3.26
N ALA A 72 9.87 -6.52 -3.38
CA ALA A 72 8.93 -6.85 -4.47
C ALA A 72 9.31 -6.14 -5.79
N GLY A 73 10.40 -5.35 -5.77
CA GLY A 73 10.88 -4.62 -6.95
C GLY A 73 10.04 -3.39 -7.26
N TYR A 74 9.41 -2.84 -6.22
CA TYR A 74 8.65 -1.58 -6.30
C TYR A 74 9.35 -0.52 -5.45
N GLU A 75 9.67 0.63 -6.07
CA GLU A 75 10.32 1.74 -5.41
C GLU A 75 9.24 2.55 -4.65
N ALA A 76 9.53 2.88 -3.39
CA ALA A 76 8.62 3.59 -2.49
C ALA A 76 9.42 4.32 -1.40
N GLN A 77 8.89 5.43 -0.91
CA GLN A 77 9.48 6.22 0.20
C GLN A 77 8.43 6.45 1.28
N LEU A 78 8.88 6.66 2.52
CA LEU A 78 8.00 7.06 3.65
C LEU A 78 7.28 8.39 3.33
N SER A 79 7.92 9.19 2.45
CA SER A 79 7.38 10.42 1.87
C SER A 79 6.01 10.17 1.20
N ASP A 80 5.92 9.06 0.45
CA ASP A 80 4.69 8.65 -0.24
C ASP A 80 3.61 8.22 0.76
N LEU A 81 4.02 7.48 1.82
CA LEU A 81 3.09 6.91 2.82
C LEU A 81 2.33 7.99 3.62
N PHE A 82 3.02 9.08 4.04
CA PHE A 82 2.37 10.16 4.82
C PHE A 82 1.55 11.09 3.89
N ASN A 83 1.92 11.11 2.60
CA ASN A 83 1.22 11.90 1.56
C ASN A 83 0.02 11.12 0.99
N HIS A 84 0.08 9.78 1.10
CA HIS A 84 -0.92 8.84 0.54
C HIS A 84 -1.31 7.81 1.61
N PRO A 85 -2.21 8.22 2.57
CA PRO A 85 -2.62 7.38 3.72
C PRO A 85 -3.41 6.11 3.38
N ARG A 86 -4.38 6.23 2.45
CA ARG A 86 -5.21 5.10 2.00
C ARG A 86 -4.40 4.13 1.11
N LEU A 87 -4.70 2.83 1.25
CA LEU A 87 -4.02 1.73 0.52
C LEU A 87 -4.19 1.86 -0.99
N ALA A 88 -5.43 2.16 -1.44
CA ALA A 88 -5.76 2.31 -2.87
C ALA A 88 -4.99 3.50 -3.50
N ASP A 89 -4.85 4.56 -2.69
CA ASP A 89 -4.23 5.84 -3.09
C ASP A 89 -2.68 5.75 -3.10
N PHE A 90 -2.14 4.96 -2.14
CA PHE A 90 -0.68 4.75 -2.00
C PHE A 90 -0.15 3.80 -3.08
N ALA A 91 -0.91 2.72 -3.32
CA ALA A 91 -0.57 1.70 -4.32
C ALA A 91 -0.54 2.31 -5.73
N ALA A 92 -1.38 3.34 -5.95
CA ALA A 92 -1.42 4.09 -7.22
C ALA A 92 -0.12 4.87 -7.47
N THR A 93 0.45 5.46 -6.39
CA THR A 93 1.71 6.23 -6.46
C THR A 93 2.95 5.35 -6.30
N LEU A 94 2.76 4.02 -6.32
CA LEU A 94 3.89 3.08 -6.41
C LEU A 94 4.43 3.03 -7.83
N ARG A 95 5.69 2.65 -7.91
CA ARG A 95 6.50 2.63 -9.14
C ARG A 95 7.47 1.45 -8.99
N LYS A 96 8.12 1.01 -10.07
CA LYS A 96 9.11 -0.09 -9.97
C LYS A 96 10.52 0.45 -9.72
N THR A 97 11.35 -0.41 -9.12
CA THR A 97 12.77 -0.14 -8.86
C THR A 97 13.59 -0.57 -10.08
N ASP A 98 14.54 0.28 -10.53
CA ASP A 98 15.44 -0.06 -11.64
C ASP A 98 16.35 -1.22 -11.24
N VAL A 99 16.12 -2.39 -11.84
CA VAL A 99 16.95 -3.58 -11.60
C VAL A 99 18.26 -3.51 -12.42
N PRO A 100 19.45 -3.80 -11.81
CA PRO A 100 20.74 -3.83 -12.54
C PRO A 100 20.97 -5.17 -13.29
N VAL A 101 20.05 -6.12 -13.06
CA VAL A 101 20.11 -7.48 -13.61
C VAL A 101 19.00 -7.68 -14.64
N GLU A 102 19.21 -8.66 -15.53
CA GLU A 102 18.21 -9.10 -16.52
C GLU A 102 17.98 -10.61 -16.33
N GLN A 103 16.72 -11.00 -16.13
CA GLN A 103 16.31 -12.41 -15.95
C GLN A 103 15.18 -12.71 -16.95
N PRO A 104 15.42 -13.58 -18.01
CA PRO A 104 14.39 -13.95 -19.00
C PRO A 104 13.19 -14.63 -18.33
N PHE A 105 12.12 -13.84 -18.10
CA PHE A 105 10.92 -14.26 -17.37
C PHE A 105 10.23 -15.43 -18.09
N VAL A 106 9.91 -15.18 -19.40
CA VAL A 106 9.30 -16.15 -20.34
C VAL A 106 8.18 -17.01 -19.70
N HIS A 107 6.96 -16.46 -19.65
CA HIS A 107 5.79 -17.16 -19.09
C HIS A 107 4.82 -17.54 -20.21
N SER A 108 4.27 -18.76 -20.12
CA SER A 108 3.45 -19.37 -21.17
C SER A 108 2.28 -20.19 -20.54
N PRO A 109 1.07 -20.18 -21.19
CA PRO A 109 -0.08 -21.02 -20.76
C PRO A 109 0.21 -22.55 -20.94
N GLU A 110 0.55 -22.94 -22.18
CA GLU A 110 0.86 -24.34 -22.53
C GLU A 110 2.38 -24.47 -22.86
N ASP A 111 2.75 -24.24 -24.14
CA ASP A 111 4.12 -24.41 -24.69
C ASP A 111 4.76 -25.76 -24.26
N GLY A 1 -12.85 11.87 -14.22
CA GLY A 1 -13.69 12.13 -15.42
C GLY A 1 -15.02 12.75 -15.04
N THR A 2 -16.11 11.96 -15.16
CA THR A 2 -17.47 12.38 -14.76
C THR A 2 -18.23 11.16 -14.18
N ILE A 3 -18.18 11.03 -12.85
CA ILE A 3 -18.93 10.00 -12.09
C ILE A 3 -18.91 10.37 -10.60
N ASP A 4 -20.08 10.30 -9.94
CA ASP A 4 -20.19 10.61 -8.50
C ASP A 4 -19.55 9.47 -7.67
N TYR A 5 -18.22 9.54 -7.53
CA TYR A 5 -17.44 8.69 -6.62
C TYR A 5 -17.41 9.33 -5.21
N GLN A 6 -17.69 10.65 -5.18
CA GLN A 6 -17.67 11.49 -3.96
C GLN A 6 -18.58 10.93 -2.86
N ALA A 7 -19.74 10.36 -3.26
CA ALA A 7 -20.78 9.86 -2.35
C ALA A 7 -20.34 8.60 -1.57
N LEU A 8 -19.23 7.96 -1.98
CA LEU A 8 -18.60 6.87 -1.20
C LEU A 8 -17.85 7.45 0.03
N LYS A 9 -17.19 6.55 0.79
CA LYS A 9 -16.44 6.87 2.03
C LYS A 9 -17.41 7.11 3.24
N ARG A 10 -18.70 6.80 3.04
CA ARG A 10 -19.70 6.81 4.13
C ARG A 10 -19.64 5.45 4.83
N ARG A 11 -19.02 5.44 6.02
CA ARG A 11 -18.91 4.24 6.86
C ARG A 11 -20.32 3.80 7.30
N HIS A 12 -20.73 2.62 6.83
CA HIS A 12 -22.03 2.03 7.18
C HIS A 12 -22.11 1.72 8.68
N THR A 13 -23.34 1.47 9.18
CA THR A 13 -23.63 1.27 10.60
C THR A 13 -22.74 0.14 11.21
N PRO A 14 -22.24 0.30 12.48
CA PRO A 14 -21.33 -0.68 13.12
C PRO A 14 -22.02 -2.02 13.51
N GLU A 15 -23.30 -2.17 13.12
CA GLU A 15 -24.08 -3.42 13.26
C GLU A 15 -23.51 -4.52 12.34
N ALA A 16 -23.63 -5.79 12.78
CA ALA A 16 -23.12 -6.99 12.06
C ALA A 16 -21.58 -6.98 12.01
N GLU A 17 -20.99 -7.84 11.13
CA GLU A 17 -19.54 -7.87 10.91
C GLU A 17 -19.08 -6.55 10.23
N ASN A 18 -17.83 -6.15 10.53
CA ASN A 18 -17.22 -4.87 10.07
C ASN A 18 -17.29 -4.72 8.51
N PRO A 19 -17.62 -3.47 8.00
CA PRO A 19 -17.70 -3.19 6.52
C PRO A 19 -16.33 -3.27 5.79
N ALA A 20 -15.28 -3.67 6.52
CA ALA A 20 -13.93 -3.95 6.00
C ALA A 20 -13.96 -4.94 4.82
N GLU A 21 -14.88 -5.91 4.88
CA GLU A 21 -15.09 -6.92 3.82
C GLU A 21 -15.40 -6.26 2.45
N ALA A 22 -16.26 -5.22 2.48
CA ALA A 22 -16.67 -4.48 1.27
C ALA A 22 -15.56 -3.54 0.78
N ASP A 23 -14.72 -3.10 1.71
CA ASP A 23 -13.64 -2.13 1.45
C ASP A 23 -12.29 -2.88 1.21
N LEU A 24 -12.37 -4.21 1.02
CA LEU A 24 -11.20 -5.09 0.77
C LEU A 24 -10.41 -4.64 -0.49
N PRO A 25 -9.03 -4.55 -0.43
CA PRO A 25 -8.19 -4.14 -1.59
C PRO A 25 -8.30 -5.12 -2.78
N GLN A 26 -8.12 -4.57 -4.00
CA GLN A 26 -8.32 -5.29 -5.26
C GLN A 26 -7.35 -4.75 -6.32
N GLY A 27 -6.33 -5.57 -6.63
CA GLY A 27 -5.24 -5.19 -7.52
C GLY A 27 -3.96 -5.85 -7.03
N ASP A 28 -3.05 -6.18 -7.97
CA ASP A 28 -1.80 -6.94 -7.65
C ASP A 28 -0.98 -6.25 -6.56
N ILE A 29 -0.71 -4.95 -6.76
CA ILE A 29 0.04 -4.14 -5.80
C ILE A 29 -0.81 -3.93 -4.51
N GLU A 30 -2.10 -3.56 -4.66
CA GLU A 30 -2.99 -3.19 -3.52
C GLU A 30 -3.14 -4.33 -2.49
N LYS A 31 -3.32 -5.58 -2.97
CA LYS A 31 -3.53 -6.75 -2.10
C LYS A 31 -2.22 -7.17 -1.42
N GLN A 32 -1.08 -6.89 -2.10
CA GLN A 32 0.27 -7.18 -1.58
C GLN A 32 0.65 -6.16 -0.49
N VAL A 33 0.33 -4.89 -0.73
CA VAL A 33 0.55 -3.79 0.24
C VAL A 33 -0.33 -4.03 1.49
N ALA A 34 -1.55 -4.55 1.25
CA ALA A 34 -2.45 -4.97 2.33
C ALA A 34 -1.81 -6.06 3.19
N ALA A 35 -1.27 -7.08 2.51
CA ALA A 35 -0.58 -8.20 3.16
C ALA A 35 0.60 -7.71 4.02
N LEU A 36 1.36 -6.74 3.46
CA LEU A 36 2.55 -6.19 4.11
C LEU A 36 2.17 -5.35 5.35
N TRP A 37 1.06 -4.59 5.29
CA TRP A 37 0.59 -3.79 6.46
C TRP A 37 0.06 -4.70 7.58
N GLN A 38 -0.49 -5.87 7.20
CA GLN A 38 -1.00 -6.88 8.16
C GLN A 38 0.15 -7.58 8.91
N GLN A 39 1.35 -7.56 8.29
CA GLN A 39 2.58 -8.09 8.92
C GLN A 39 3.29 -7.01 9.76
N LEU A 40 3.52 -5.83 9.16
CA LEU A 40 4.27 -4.72 9.75
C LEU A 40 3.54 -4.08 10.95
N LEU A 41 2.27 -3.68 10.74
CA LEU A 41 1.43 -3.10 11.81
C LEU A 41 1.01 -4.20 12.81
N SER A 42 1.00 -5.46 12.32
CA SER A 42 0.49 -6.65 13.03
C SER A 42 -1.02 -6.48 13.29
N THR A 43 -1.80 -6.55 12.20
CA THR A 43 -3.25 -6.31 12.20
C THR A 43 -4.00 -7.55 11.68
N GLY A 44 -5.30 -7.66 12.06
CA GLY A 44 -6.15 -8.77 11.61
C GLY A 44 -6.44 -8.71 10.13
N ASN A 45 -6.81 -7.52 9.65
CA ASN A 45 -7.05 -7.23 8.24
C ASN A 45 -7.08 -5.71 8.03
N VAL A 46 -6.26 -5.23 7.10
CA VAL A 46 -6.29 -3.83 6.63
C VAL A 46 -6.91 -3.78 5.22
N THR A 47 -7.57 -2.65 4.92
CA THR A 47 -8.36 -2.47 3.70
C THR A 47 -7.88 -1.27 2.87
N ARG A 48 -8.54 -1.01 1.72
CA ARG A 48 -8.08 0.00 0.74
C ARG A 48 -8.14 1.44 1.31
N GLU A 49 -9.09 1.67 2.23
CA GLU A 49 -9.33 2.99 2.83
C GLU A 49 -8.73 3.05 4.26
N THR A 50 -8.04 1.98 4.66
CA THR A 50 -7.21 1.97 5.87
C THR A 50 -6.01 2.92 5.66
N ASP A 51 -5.82 3.83 6.61
CA ASP A 51 -4.65 4.74 6.64
C ASP A 51 -3.57 4.15 7.56
N PHE A 52 -2.31 4.17 7.08
CA PHE A 52 -1.14 3.60 7.77
C PHE A 52 -0.97 4.19 9.17
N PHE A 53 -0.93 5.53 9.22
CA PHE A 53 -0.68 6.30 10.46
C PHE A 53 -1.90 6.24 11.40
N GLN A 54 -3.10 6.09 10.81
CA GLN A 54 -4.37 5.97 11.58
C GLN A 54 -4.40 4.64 12.37
N GLN A 55 -3.78 3.59 11.79
CA GLN A 55 -3.64 2.27 12.46
C GLN A 55 -2.39 2.20 13.37
N GLY A 56 -1.86 3.37 13.77
CA GLY A 56 -0.74 3.45 14.71
C GLY A 56 0.62 3.28 14.04
N GLY A 57 0.66 3.30 12.70
CA GLY A 57 1.90 3.24 11.94
C GLY A 57 2.70 4.53 12.08
N ASP A 58 4.00 4.42 12.35
CA ASP A 58 4.90 5.58 12.52
C ASP A 58 5.71 5.82 11.23
N SER A 59 6.40 6.97 11.16
CA SER A 59 7.32 7.31 10.05
C SER A 59 8.42 6.24 9.88
N LEU A 60 8.97 5.77 11.02
CA LEU A 60 10.05 4.76 11.05
C LEU A 60 9.49 3.37 10.66
N LEU A 61 8.24 3.08 11.07
CA LEU A 61 7.52 1.84 10.66
C LEU A 61 7.28 1.88 9.13
N ALA A 62 7.06 3.10 8.61
CA ALA A 62 6.88 3.36 7.19
C ALA A 62 8.18 3.18 6.40
N THR A 63 9.34 3.38 7.08
CA THR A 63 10.68 3.14 6.49
C THR A 63 10.90 1.63 6.29
N ARG A 64 10.38 0.84 7.25
CA ARG A 64 10.39 -0.63 7.17
C ARG A 64 9.50 -1.09 6.01
N LEU A 65 8.28 -0.51 5.95
CA LEU A 65 7.23 -0.88 4.99
C LEU A 65 7.66 -0.58 3.55
N THR A 66 8.25 0.61 3.32
CA THR A 66 8.79 1.00 2.01
C THR A 66 9.88 0.01 1.57
N GLY A 67 10.65 -0.48 2.55
CA GLY A 67 11.67 -1.51 2.35
C GLY A 67 11.08 -2.82 1.82
N GLN A 68 9.93 -3.26 2.35
CA GLN A 68 9.22 -4.48 1.88
C GLN A 68 8.76 -4.32 0.42
N LEU A 69 8.29 -3.10 0.09
CA LEU A 69 7.87 -2.74 -1.28
C LEU A 69 9.06 -2.78 -2.24
N HIS A 70 10.24 -2.37 -1.72
CA HIS A 70 11.52 -2.39 -2.48
C HIS A 70 11.93 -3.84 -2.83
N GLN A 71 11.60 -4.78 -1.92
CA GLN A 71 11.87 -6.22 -2.10
C GLN A 71 10.87 -6.85 -3.09
N ALA A 72 9.69 -6.21 -3.23
CA ALA A 72 8.68 -6.58 -4.25
C ALA A 72 9.01 -5.92 -5.62
N GLY A 73 10.11 -5.12 -5.66
CA GLY A 73 10.55 -4.44 -6.87
C GLY A 73 9.73 -3.23 -7.20
N TYR A 74 9.26 -2.53 -6.17
CA TYR A 74 8.55 -1.23 -6.32
C TYR A 74 9.35 -0.16 -5.60
N GLU A 75 9.53 1.01 -6.23
CA GLU A 75 10.15 2.16 -5.58
C GLU A 75 9.12 2.80 -4.62
N ALA A 76 9.58 3.16 -3.42
CA ALA A 76 8.71 3.57 -2.31
C ALA A 76 9.45 4.58 -1.42
N GLN A 77 8.80 5.71 -1.14
CA GLN A 77 9.39 6.84 -0.41
C GLN A 77 8.56 7.20 0.83
N LEU A 78 9.26 7.69 1.86
CA LEU A 78 8.65 8.17 3.12
C LEU A 78 7.81 9.42 2.89
N SER A 79 8.31 10.29 2.00
CA SER A 79 7.63 11.53 1.60
C SER A 79 6.25 11.23 0.99
N ASP A 80 6.19 10.14 0.17
CA ASP A 80 4.95 9.75 -0.52
C ASP A 80 3.96 9.08 0.45
N LEU A 81 4.47 8.18 1.34
CA LEU A 81 3.65 7.52 2.37
C LEU A 81 3.06 8.54 3.38
N PHE A 82 3.84 9.60 3.67
CA PHE A 82 3.44 10.68 4.57
C PHE A 82 2.23 11.45 3.99
N ASN A 83 2.25 11.63 2.66
CA ASN A 83 1.18 12.31 1.91
C ASN A 83 0.02 11.34 1.57
N HIS A 84 0.34 10.04 1.41
CA HIS A 84 -0.63 9.00 1.02
C HIS A 84 -0.71 7.93 2.15
N PRO A 85 -1.50 8.17 3.23
CA PRO A 85 -1.72 7.15 4.27
C PRO A 85 -2.76 6.08 3.81
N ARG A 86 -3.74 6.51 3.00
CA ARG A 86 -4.73 5.64 2.33
C ARG A 86 -4.04 4.50 1.54
N LEU A 87 -4.41 3.24 1.82
CA LEU A 87 -3.73 2.05 1.29
C LEU A 87 -3.73 2.03 -0.25
N ALA A 88 -4.93 2.05 -0.86
CA ALA A 88 -5.09 1.92 -2.32
C ALA A 88 -4.56 3.16 -3.07
N ASP A 89 -4.66 4.34 -2.42
CA ASP A 89 -4.19 5.61 -2.99
C ASP A 89 -2.64 5.66 -3.02
N PHE A 90 -2.02 5.02 -2.03
CA PHE A 90 -0.55 4.87 -1.96
C PHE A 90 -0.09 3.76 -2.92
N ALA A 91 -0.86 2.66 -2.97
CA ALA A 91 -0.53 1.48 -3.76
C ALA A 91 -0.59 1.77 -5.27
N ALA A 92 -1.57 2.57 -5.67
CA ALA A 92 -1.73 2.98 -7.07
C ALA A 92 -0.60 3.94 -7.52
N THR A 93 0.07 4.58 -6.55
CA THR A 93 1.24 5.46 -6.80
C THR A 93 2.52 4.61 -7.01
N LEU A 94 2.58 3.44 -6.35
CA LEU A 94 3.77 2.57 -6.37
C LEU A 94 4.03 2.01 -7.78
N ARG A 95 5.20 2.35 -8.34
CA ARG A 95 5.66 1.89 -9.66
C ARG A 95 6.91 1.04 -9.48
N LYS A 96 7.21 0.23 -10.50
CA LYS A 96 8.26 -0.79 -10.42
C LYS A 96 9.65 -0.16 -10.64
N THR A 97 10.60 -0.66 -9.84
CA THR A 97 12.01 -0.29 -9.90
C THR A 97 12.70 -1.05 -11.03
N ASP A 98 13.61 -0.37 -11.76
CA ASP A 98 14.46 -1.02 -12.78
C ASP A 98 15.35 -2.07 -12.09
N VAL A 99 15.06 -3.36 -12.35
CA VAL A 99 15.72 -4.49 -11.66
C VAL A 99 16.94 -5.01 -12.46
N PRO A 100 18.20 -4.60 -12.09
CA PRO A 100 19.43 -4.91 -12.88
C PRO A 100 19.96 -6.35 -12.67
N VAL A 101 19.45 -7.04 -11.63
CA VAL A 101 19.83 -8.43 -11.31
C VAL A 101 19.20 -9.40 -12.33
N GLU A 102 17.88 -9.25 -12.56
CA GLU A 102 17.09 -10.12 -13.43
C GLU A 102 15.72 -9.47 -13.66
N GLN A 103 15.19 -9.59 -14.88
CA GLN A 103 13.82 -9.17 -15.23
C GLN A 103 13.06 -10.39 -15.78
N PRO A 104 12.17 -11.05 -14.98
CA PRO A 104 11.28 -12.14 -15.47
C PRO A 104 10.14 -11.62 -16.37
N PHE A 105 9.28 -12.54 -16.83
CA PHE A 105 8.10 -12.22 -17.67
C PHE A 105 6.89 -11.88 -16.78
N VAL A 106 7.11 -11.00 -15.78
CA VAL A 106 6.09 -10.61 -14.78
C VAL A 106 4.94 -9.85 -15.46
N HIS A 107 3.74 -10.45 -15.44
CA HIS A 107 2.54 -9.91 -16.09
C HIS A 107 1.63 -9.22 -15.06
N SER A 108 1.96 -7.96 -14.75
CA SER A 108 1.17 -7.11 -13.83
C SER A 108 1.51 -5.61 -14.02
N PRO A 109 1.47 -5.06 -15.29
CA PRO A 109 1.77 -3.64 -15.55
C PRO A 109 0.47 -2.81 -15.54
N GLU A 110 -0.16 -2.75 -14.34
CA GLU A 110 -1.47 -2.11 -14.15
C GLU A 110 -1.32 -0.57 -14.12
N ASP A 111 -1.19 0.00 -15.33
CA ASP A 111 -0.99 1.43 -15.58
C ASP A 111 -1.05 1.65 -17.11
N GLY A 1 -19.71 -9.18 -3.04
CA GLY A 1 -21.15 -9.12 -3.33
C GLY A 1 -21.46 -8.25 -4.53
N THR A 2 -22.73 -8.28 -4.98
CA THR A 2 -23.19 -7.53 -6.15
C THR A 2 -23.66 -6.11 -5.75
N ILE A 3 -22.69 -5.26 -5.42
CA ILE A 3 -22.88 -3.80 -5.19
C ILE A 3 -21.70 -3.06 -5.85
N ASP A 4 -21.98 -1.85 -6.36
CA ASP A 4 -21.04 -1.10 -7.21
C ASP A 4 -20.13 -0.21 -6.34
N TYR A 5 -18.98 -0.78 -5.92
CA TYR A 5 -17.96 -0.03 -5.12
C TYR A 5 -17.33 1.11 -5.94
N GLN A 6 -17.07 0.83 -7.23
CA GLN A 6 -16.38 1.77 -8.13
C GLN A 6 -17.36 2.84 -8.70
N ALA A 7 -18.62 2.43 -8.98
CA ALA A 7 -19.64 3.33 -9.58
C ALA A 7 -20.20 4.30 -8.53
N LEU A 8 -20.33 3.82 -7.28
CA LEU A 8 -20.68 4.68 -6.12
C LEU A 8 -19.43 5.50 -5.70
N LYS A 9 -18.25 4.86 -5.82
CA LYS A 9 -16.93 5.48 -5.57
C LYS A 9 -16.74 5.83 -4.06
N ARG A 10 -17.68 5.39 -3.20
CA ARG A 10 -17.71 5.76 -1.78
C ARG A 10 -16.68 4.94 -0.98
N ARG A 11 -15.50 5.54 -0.85
CA ARG A 11 -14.45 5.13 0.09
C ARG A 11 -14.43 6.23 1.17
N HIS A 12 -14.34 5.82 2.45
CA HIS A 12 -14.52 6.75 3.57
C HIS A 12 -13.29 7.64 3.77
N THR A 13 -13.55 8.87 4.22
CA THR A 13 -12.52 9.86 4.55
C THR A 13 -11.71 9.37 5.80
N PRO A 14 -10.35 9.52 5.82
CA PRO A 14 -9.49 9.18 7.00
C PRO A 14 -10.01 9.79 8.34
N GLU A 15 -10.89 9.04 9.02
CA GLU A 15 -11.48 9.45 10.30
C GLU A 15 -11.00 8.50 11.42
N ALA A 16 -11.60 7.31 11.51
CA ALA A 16 -11.37 6.36 12.62
C ALA A 16 -10.49 5.18 12.13
N GLU A 17 -11.12 4.21 11.45
CA GLU A 17 -10.43 2.98 11.00
C GLU A 17 -11.29 2.27 9.93
N ASN A 18 -10.91 1.02 9.58
CA ASN A 18 -11.52 0.21 8.49
C ASN A 18 -13.01 -0.08 8.78
N PRO A 19 -13.91 -0.15 7.73
CA PRO A 19 -15.36 -0.40 7.92
C PRO A 19 -15.59 -1.81 8.50
N ALA A 20 -15.03 -2.82 7.80
CA ALA A 20 -14.95 -4.21 8.27
C ALA A 20 -14.07 -5.02 7.30
N GLU A 21 -14.65 -5.41 6.16
CA GLU A 21 -13.98 -6.27 5.16
C GLU A 21 -14.38 -5.92 3.70
N ALA A 22 -15.54 -5.26 3.51
CA ALA A 22 -16.12 -4.97 2.18
C ALA A 22 -15.24 -4.03 1.30
N ASP A 23 -14.33 -3.30 1.96
CA ASP A 23 -13.40 -2.36 1.29
C ASP A 23 -12.00 -3.04 1.13
N LEU A 24 -11.95 -4.39 1.18
CA LEU A 24 -10.69 -5.20 1.05
C LEU A 24 -9.96 -4.86 -0.28
N PRO A 25 -8.60 -4.58 -0.25
CA PRO A 25 -7.84 -4.06 -1.42
C PRO A 25 -7.91 -4.99 -2.65
N GLN A 26 -8.01 -4.37 -3.84
CA GLN A 26 -8.16 -5.08 -5.13
C GLN A 26 -7.05 -4.59 -6.08
N GLY A 27 -6.23 -5.54 -6.56
CA GLY A 27 -5.15 -5.24 -7.49
C GLY A 27 -3.92 -6.05 -7.14
N ASP A 28 -2.95 -6.11 -8.07
CA ASP A 28 -1.73 -6.94 -7.93
C ASP A 28 -0.92 -6.52 -6.70
N ILE A 29 -0.63 -5.21 -6.59
CA ILE A 29 0.17 -4.68 -5.49
C ILE A 29 -0.68 -4.48 -4.22
N GLU A 30 -1.96 -4.05 -4.38
CA GLU A 30 -2.82 -3.60 -3.25
C GLU A 30 -3.01 -4.72 -2.21
N LYS A 31 -3.16 -5.95 -2.72
CA LYS A 31 -3.36 -7.14 -1.89
C LYS A 31 -2.06 -7.53 -1.14
N GLN A 32 -0.89 -7.25 -1.76
CA GLN A 32 0.43 -7.50 -1.15
C GLN A 32 0.76 -6.45 -0.09
N VAL A 33 0.38 -5.18 -0.37
CA VAL A 33 0.49 -4.07 0.59
C VAL A 33 -0.41 -4.36 1.81
N ALA A 34 -1.60 -4.94 1.53
CA ALA A 34 -2.55 -5.38 2.56
C ALA A 34 -1.91 -6.42 3.48
N ALA A 35 -1.24 -7.41 2.85
CA ALA A 35 -0.51 -8.46 3.56
C ALA A 35 0.59 -7.87 4.45
N LEU A 36 1.40 -6.94 3.87
CA LEU A 36 2.54 -6.32 4.55
C LEU A 36 2.09 -5.40 5.71
N TRP A 37 0.95 -4.73 5.56
CA TRP A 37 0.37 -3.90 6.65
C TRP A 37 -0.18 -4.78 7.77
N GLN A 38 -0.69 -5.96 7.41
CA GLN A 38 -1.20 -6.96 8.38
C GLN A 38 -0.04 -7.67 9.11
N GLN A 39 1.16 -7.71 8.50
CA GLN A 39 2.36 -8.29 9.13
C GLN A 39 3.08 -7.24 10.00
N LEU A 40 3.57 -6.16 9.35
CA LEU A 40 4.35 -5.06 9.97
C LEU A 40 3.62 -4.41 11.17
N LEU A 41 2.35 -4.00 10.94
CA LEU A 41 1.53 -3.35 11.98
C LEU A 41 0.92 -4.38 12.95
N SER A 42 0.97 -5.67 12.55
CA SER A 42 0.40 -6.80 13.32
C SER A 42 -1.13 -6.66 13.48
N THR A 43 -1.79 -6.34 12.36
CA THR A 43 -3.25 -6.12 12.31
C THR A 43 -3.93 -7.39 11.77
N GLY A 44 -5.17 -7.65 12.25
CA GLY A 44 -5.96 -8.78 11.78
C GLY A 44 -6.41 -8.62 10.34
N ASN A 45 -6.79 -7.37 9.98
CA ASN A 45 -7.24 -7.01 8.63
C ASN A 45 -7.09 -5.52 8.39
N VAL A 46 -6.65 -5.18 7.16
CA VAL A 46 -6.61 -3.81 6.64
C VAL A 46 -7.33 -3.78 5.27
N THR A 47 -8.02 -2.68 5.01
CA THR A 47 -8.71 -2.41 3.75
C THR A 47 -7.91 -1.41 2.88
N ARG A 48 -8.46 -1.00 1.72
CA ARG A 48 -7.73 -0.11 0.78
C ARG A 48 -7.79 1.36 1.24
N GLU A 49 -8.78 1.70 2.09
CA GLU A 49 -8.92 3.06 2.67
C GLU A 49 -8.18 3.15 4.02
N THR A 50 -7.51 2.06 4.43
CA THR A 50 -6.67 2.06 5.63
C THR A 50 -5.54 3.08 5.46
N ASP A 51 -5.42 4.01 6.43
CA ASP A 51 -4.31 4.96 6.50
C ASP A 51 -3.24 4.37 7.43
N PHE A 52 -1.97 4.34 6.95
CA PHE A 52 -0.85 3.70 7.66
C PHE A 52 -0.67 4.29 9.07
N PHE A 53 -0.53 5.61 9.11
CA PHE A 53 -0.25 6.36 10.35
C PHE A 53 -1.44 6.31 11.33
N GLN A 54 -2.65 6.41 10.75
CA GLN A 54 -3.93 6.38 11.51
C GLN A 54 -4.15 4.99 12.17
N GLN A 55 -3.75 3.93 11.44
CA GLN A 55 -3.91 2.52 11.89
C GLN A 55 -2.98 2.21 13.10
N GLY A 56 -1.95 3.06 13.30
CA GLY A 56 -0.99 2.93 14.41
C GLY A 56 0.45 2.82 13.94
N GLY A 57 0.67 2.91 12.61
CA GLY A 57 2.00 2.88 12.02
C GLY A 57 2.78 4.16 12.24
N ASP A 58 4.09 4.02 12.45
CA ASP A 58 4.99 5.17 12.70
C ASP A 58 5.76 5.50 11.41
N SER A 59 6.42 6.67 11.37
CA SER A 59 7.28 7.10 10.23
C SER A 59 8.47 6.15 10.02
N LEU A 60 9.08 5.69 11.13
CA LEU A 60 10.16 4.69 11.11
C LEU A 60 9.65 3.35 10.55
N LEU A 61 8.43 2.96 11.00
CA LEU A 61 7.72 1.75 10.53
C LEU A 61 7.37 1.89 9.03
N ALA A 62 7.11 3.14 8.60
CA ALA A 62 6.78 3.48 7.21
C ALA A 62 8.01 3.34 6.29
N THR A 63 9.20 3.63 6.84
CA THR A 63 10.49 3.47 6.13
C THR A 63 10.78 1.98 5.88
N ARG A 64 10.31 1.13 6.82
CA ARG A 64 10.47 -0.33 6.71
C ARG A 64 9.48 -0.92 5.69
N LEU A 65 8.24 -0.41 5.73
CA LEU A 65 7.13 -0.88 4.87
C LEU A 65 7.50 -0.66 3.38
N THR A 66 8.02 0.52 3.08
CA THR A 66 8.47 0.91 1.74
C THR A 66 9.66 0.03 1.29
N GLY A 67 10.54 -0.27 2.26
CA GLY A 67 11.66 -1.20 2.07
C GLY A 67 11.21 -2.62 1.68
N GLN A 68 10.09 -3.07 2.29
CA GLN A 68 9.46 -4.38 1.98
C GLN A 68 8.88 -4.38 0.55
N LEU A 69 8.32 -3.24 0.12
CA LEU A 69 7.81 -3.07 -1.25
C LEU A 69 8.96 -3.03 -2.27
N HIS A 70 10.15 -2.54 -1.85
CA HIS A 70 11.37 -2.53 -2.69
C HIS A 70 11.79 -3.97 -3.04
N GLN A 71 11.61 -4.87 -2.06
CA GLN A 71 11.89 -6.32 -2.21
C GLN A 71 10.88 -6.95 -3.18
N ALA A 72 9.66 -6.40 -3.19
CA ALA A 72 8.56 -6.82 -4.09
C ALA A 72 8.73 -6.23 -5.51
N GLY A 73 9.78 -5.42 -5.71
CA GLY A 73 10.07 -4.81 -7.02
C GLY A 73 9.20 -3.59 -7.31
N TYR A 74 8.78 -2.91 -6.23
CA TYR A 74 8.03 -1.65 -6.31
C TYR A 74 8.83 -0.56 -5.58
N GLU A 75 9.12 0.54 -6.28
CA GLU A 75 9.80 1.71 -5.70
C GLU A 75 8.76 2.48 -4.86
N ALA A 76 9.07 2.69 -3.57
CA ALA A 76 8.13 3.24 -2.58
C ALA A 76 8.88 4.12 -1.58
N GLN A 77 8.30 5.26 -1.21
CA GLN A 77 8.92 6.22 -0.25
C GLN A 77 7.92 6.65 0.83
N LEU A 78 8.49 7.01 1.99
CA LEU A 78 7.76 7.52 3.17
C LEU A 78 7.03 8.83 2.78
N SER A 79 7.69 9.61 1.92
CA SER A 79 7.15 10.85 1.33
C SER A 79 5.74 10.61 0.73
N ASP A 80 5.62 9.50 -0.03
CA ASP A 80 4.38 9.08 -0.68
C ASP A 80 3.40 8.44 0.33
N LEU A 81 3.91 7.87 1.44
CA LEU A 81 3.07 7.32 2.54
C LEU A 81 2.41 8.43 3.37
N PHE A 82 3.08 9.58 3.48
CA PHE A 82 2.59 10.72 4.27
C PHE A 82 1.64 11.59 3.41
N ASN A 83 2.01 11.73 2.13
CA ASN A 83 1.22 12.48 1.11
C ASN A 83 -0.03 11.67 0.68
N HIS A 84 0.10 10.33 0.71
CA HIS A 84 -0.98 9.39 0.37
C HIS A 84 -1.04 8.29 1.47
N PRO A 85 -1.66 8.60 2.67
CA PRO A 85 -1.70 7.65 3.80
C PRO A 85 -2.54 6.38 3.54
N ARG A 86 -3.60 6.48 2.70
CA ARG A 86 -4.40 5.29 2.32
C ARG A 86 -3.55 4.27 1.55
N LEU A 87 -3.95 3.00 1.69
CA LEU A 87 -3.30 1.84 1.10
C LEU A 87 -3.31 1.91 -0.44
N ALA A 88 -4.50 2.15 -1.02
CA ALA A 88 -4.69 2.21 -2.48
C ALA A 88 -4.09 3.51 -3.05
N ASP A 89 -4.24 4.61 -2.30
CA ASP A 89 -3.70 5.93 -2.69
C ASP A 89 -2.16 5.88 -2.79
N PHE A 90 -1.54 5.10 -1.89
CA PHE A 90 -0.09 4.86 -1.87
C PHE A 90 0.33 3.88 -2.99
N ALA A 91 -0.48 2.84 -3.21
CA ALA A 91 -0.22 1.81 -4.23
C ALA A 91 -0.18 2.41 -5.65
N ALA A 92 -1.03 3.43 -5.88
CA ALA A 92 -1.18 4.09 -7.20
C ALA A 92 -0.08 5.13 -7.46
N THR A 93 0.34 5.85 -6.39
CA THR A 93 1.31 6.95 -6.50
C THR A 93 2.74 6.44 -6.75
N LEU A 94 3.03 5.21 -6.30
CA LEU A 94 4.38 4.63 -6.41
C LEU A 94 4.54 3.95 -7.78
N ARG A 95 5.80 3.84 -8.23
CA ARG A 95 6.18 3.16 -9.48
C ARG A 95 6.94 1.87 -9.13
N LYS A 96 7.21 1.01 -10.13
CA LYS A 96 8.01 -0.21 -9.94
C LYS A 96 9.52 0.15 -9.97
N THR A 97 10.33 -0.66 -9.26
CA THR A 97 11.79 -0.46 -9.17
C THR A 97 12.46 -0.86 -10.52
N ASP A 98 13.71 -0.38 -10.75
CA ASP A 98 14.49 -0.76 -11.96
C ASP A 98 14.78 -2.27 -11.96
N VAL A 99 14.83 -2.87 -13.17
CA VAL A 99 15.28 -4.26 -13.33
C VAL A 99 16.81 -4.34 -13.05
N PRO A 100 17.29 -5.33 -12.25
CA PRO A 100 18.72 -5.43 -11.84
C PRO A 100 19.64 -6.08 -12.91
N VAL A 101 19.19 -6.03 -14.19
CA VAL A 101 19.89 -6.60 -15.36
C VAL A 101 20.13 -8.12 -15.17
N GLU A 102 19.14 -8.92 -15.58
CA GLU A 102 19.14 -10.38 -15.36
C GLU A 102 19.28 -11.14 -16.69
N GLN A 103 19.42 -10.40 -17.80
CA GLN A 103 19.74 -10.95 -19.12
C GLN A 103 21.14 -10.45 -19.54
N PRO A 104 22.00 -11.31 -20.18
CA PRO A 104 23.35 -10.90 -20.63
C PRO A 104 23.31 -9.76 -21.67
N PHE A 105 22.82 -10.06 -22.89
CA PHE A 105 22.71 -9.10 -24.01
C PHE A 105 21.42 -9.37 -24.80
N VAL A 106 21.23 -8.62 -25.91
CA VAL A 106 20.08 -8.77 -26.85
C VAL A 106 18.73 -8.63 -26.11
N HIS A 107 18.29 -7.37 -25.93
CA HIS A 107 17.03 -7.03 -25.26
C HIS A 107 16.60 -5.59 -25.64
N SER A 108 17.61 -4.73 -25.85
CA SER A 108 17.44 -3.29 -26.17
C SER A 108 16.73 -2.55 -25.00
N PRO A 109 17.49 -2.28 -23.86
CA PRO A 109 16.93 -1.65 -22.65
C PRO A 109 16.68 -0.14 -22.79
N GLU A 110 17.73 0.60 -23.21
CA GLU A 110 17.81 2.08 -23.16
C GLU A 110 17.57 2.60 -21.71
N ASP A 111 16.30 2.81 -21.34
CA ASP A 111 15.90 3.22 -19.98
C ASP A 111 14.37 3.19 -19.87
#